data_3N9D
# 
_entry.id   3N9D 
# 
_audit_conform.dict_name       mmcif_pdbx.dic 
_audit_conform.dict_version    5.379 
_audit_conform.dict_location   http://mmcif.pdb.org/dictionaries/ascii/mmcif_pdbx.dic 
# 
loop_
_database_2.database_id 
_database_2.database_code 
_database_2.pdbx_database_accession 
_database_2.pdbx_DOI 
PDB   3N9D         pdb_00003n9d 10.2210/pdb3n9d/pdb 
RCSB  RCSB059544   ?            ?                   
WWPDB D_1000059544 ?            ?                   
# 
_pdbx_database_related.db_name        PDB 
_pdbx_database_related.db_id          3N9B 
_pdbx_database_related.details        
'Triclinic form of identical protein crystallized under identical conditions - this crystal form is simply an alternate lattice.' 
_pdbx_database_related.content_type   unspecified 
# 
_pdbx_database_status.status_code                     REL 
_pdbx_database_status.entry_id                        3N9D 
_pdbx_database_status.recvd_initial_deposition_date   2010-05-28 
_pdbx_database_status.deposit_site                    RCSB 
_pdbx_database_status.process_site                    RCSB 
_pdbx_database_status.status_code_sf                  REL 
_pdbx_database_status.status_code_mr                  ? 
_pdbx_database_status.SG_entry                        ? 
_pdbx_database_status.pdb_format_compatible           Y 
_pdbx_database_status.status_code_cs                  ? 
_pdbx_database_status.status_code_nmr_data            ? 
_pdbx_database_status.methods_development_category    ? 
# 
loop_
_audit_author.name 
_audit_author.pdbx_ordinal 
'Shuman, S.' 1 
'Nair, P.'   2 
'Smith, P.'  3 
# 
_citation.id                        primary 
_citation.title                     
;Structure of bacterial LigD 3'-phosphoesterase unveils a DNA repair superfamily
;
_citation.journal_abbrev            Proc.Natl.Acad.Sci.USA 
_citation.journal_volume            107 
_citation.page_first                12822 
_citation.page_last                 12827 
_citation.year                      2010 
_citation.journal_id_ASTM           PNASA6 
_citation.country                   US 
_citation.journal_id_ISSN           0027-8424 
_citation.journal_id_CSD            0040 
_citation.book_publisher            ? 
_citation.pdbx_database_id_PubMed   20616014 
_citation.pdbx_database_id_DOI      10.1073/pnas.1005830107 
# 
loop_
_citation_author.citation_id 
_citation_author.name 
_citation_author.ordinal 
_citation_author.identifier_ORCID 
primary 'Nair, P.A.' 1 ? 
primary 'Smith, P.'  2 ? 
primary 'Shuman, S.' 3 ? 
# 
_cell.entry_id           3N9D 
_cell.length_a           90.997 
_cell.length_b           56.585 
_cell.length_c           43.503 
_cell.angle_alpha        90.00 
_cell.angle_beta         118.33 
_cell.angle_gamma        90.00 
_cell.Z_PDB              4 
_cell.pdbx_unique_axis   ? 
_cell.length_a_esd       ? 
_cell.length_b_esd       ? 
_cell.length_c_esd       ? 
_cell.angle_alpha_esd    ? 
_cell.angle_beta_esd     ? 
_cell.angle_gamma_esd    ? 
# 
_symmetry.entry_id                         3N9D 
_symmetry.space_group_name_H-M             'C 1 2 1' 
_symmetry.pdbx_full_space_group_name_H-M   ? 
_symmetry.cell_setting                     ? 
_symmetry.Int_Tables_number                5 
_symmetry.space_group_name_Hall            ? 
# 
loop_
_entity.id 
_entity.type 
_entity.src_method 
_entity.pdbx_description 
_entity.formula_weight 
_entity.pdbx_number_of_molecules 
_entity.pdbx_ec 
_entity.pdbx_mutation 
_entity.pdbx_fragment 
_entity.details 
1 polymer     man 'Probable ATP-dependent DNA ligase' 19474.963 1  ? ? 'Phosphoesterase Domain' ? 
2 non-polymer syn 'MANGANESE (II) ION'                54.938    1  ? ? ?                        ? 
3 non-polymer syn 'SULFATE ION'                       96.063    2  ? ? ?                        ? 
4 non-polymer syn 'YTTRIUM (III) ION'                 88.906    2  ? ? ?                        ? 
5 water       nat water                               18.015    85 ? ? ?                        ? 
# 
_entity_poly.entity_id                      1 
_entity_poly.type                           'polypeptide(L)' 
_entity_poly.nstd_linkage                   no 
_entity_poly.nstd_monomer                   no 
_entity_poly.pdbx_seq_one_letter_code       
;RQTPEPSGRKPRKDSTGLLRYCVQKHDASRLHYDFRLELDGTLKSWAVPKGPCLDPAVKRLAVQVEDHPLDYADFEGSIP
QGHYGAGDVIVWDRGAWTPLDDPREGLEKGHLSFALDGEKLSGRWHLIRTNLRGKQSQWFLVKAKDGEARSLDRFDVLKE
RPDSVLSERTL
;
_entity_poly.pdbx_seq_one_letter_code_can   
;RQTPEPSGRKPRKDSTGLLRYCVQKHDASRLHYDFRLELDGTLKSWAVPKGPCLDPAVKRLAVQVEDHPLDYADFEGSIP
QGHYGAGDVIVWDRGAWTPLDDPREGLEKGHLSFALDGEKLSGRWHLIRTNLRGKQSQWFLVKAKDGEARSLDRFDVLKE
RPDSVLSERTL
;
_entity_poly.pdbx_strand_id                 A 
_entity_poly.pdbx_target_identifier         ? 
# 
loop_
_entity_poly_seq.entity_id 
_entity_poly_seq.num 
_entity_poly_seq.mon_id 
_entity_poly_seq.hetero 
1 1   ARG n 
1 2   GLN n 
1 3   THR n 
1 4   PRO n 
1 5   GLU n 
1 6   PRO n 
1 7   SER n 
1 8   GLY n 
1 9   ARG n 
1 10  LYS n 
1 11  PRO n 
1 12  ARG n 
1 13  LYS n 
1 14  ASP n 
1 15  SER n 
1 16  THR n 
1 17  GLY n 
1 18  LEU n 
1 19  LEU n 
1 20  ARG n 
1 21  TYR n 
1 22  CYS n 
1 23  VAL n 
1 24  GLN n 
1 25  LYS n 
1 26  HIS n 
1 27  ASP n 
1 28  ALA n 
1 29  SER n 
1 30  ARG n 
1 31  LEU n 
1 32  HIS n 
1 33  TYR n 
1 34  ASP n 
1 35  PHE n 
1 36  ARG n 
1 37  LEU n 
1 38  GLU n 
1 39  LEU n 
1 40  ASP n 
1 41  GLY n 
1 42  THR n 
1 43  LEU n 
1 44  LYS n 
1 45  SER n 
1 46  TRP n 
1 47  ALA n 
1 48  VAL n 
1 49  PRO n 
1 50  LYS n 
1 51  GLY n 
1 52  PRO n 
1 53  CYS n 
1 54  LEU n 
1 55  ASP n 
1 56  PRO n 
1 57  ALA n 
1 58  VAL n 
1 59  LYS n 
1 60  ARG n 
1 61  LEU n 
1 62  ALA n 
1 63  VAL n 
1 64  GLN n 
1 65  VAL n 
1 66  GLU n 
1 67  ASP n 
1 68  HIS n 
1 69  PRO n 
1 70  LEU n 
1 71  ASP n 
1 72  TYR n 
1 73  ALA n 
1 74  ASP n 
1 75  PHE n 
1 76  GLU n 
1 77  GLY n 
1 78  SER n 
1 79  ILE n 
1 80  PRO n 
1 81  GLN n 
1 82  GLY n 
1 83  HIS n 
1 84  TYR n 
1 85  GLY n 
1 86  ALA n 
1 87  GLY n 
1 88  ASP n 
1 89  VAL n 
1 90  ILE n 
1 91  VAL n 
1 92  TRP n 
1 93  ASP n 
1 94  ARG n 
1 95  GLY n 
1 96  ALA n 
1 97  TRP n 
1 98  THR n 
1 99  PRO n 
1 100 LEU n 
1 101 ASP n 
1 102 ASP n 
1 103 PRO n 
1 104 ARG n 
1 105 GLU n 
1 106 GLY n 
1 107 LEU n 
1 108 GLU n 
1 109 LYS n 
1 110 GLY n 
1 111 HIS n 
1 112 LEU n 
1 113 SER n 
1 114 PHE n 
1 115 ALA n 
1 116 LEU n 
1 117 ASP n 
1 118 GLY n 
1 119 GLU n 
1 120 LYS n 
1 121 LEU n 
1 122 SER n 
1 123 GLY n 
1 124 ARG n 
1 125 TRP n 
1 126 HIS n 
1 127 LEU n 
1 128 ILE n 
1 129 ARG n 
1 130 THR n 
1 131 ASN n 
1 132 LEU n 
1 133 ARG n 
1 134 GLY n 
1 135 LYS n 
1 136 GLN n 
1 137 SER n 
1 138 GLN n 
1 139 TRP n 
1 140 PHE n 
1 141 LEU n 
1 142 VAL n 
1 143 LYS n 
1 144 ALA n 
1 145 LYS n 
1 146 ASP n 
1 147 GLY n 
1 148 GLU n 
1 149 ALA n 
1 150 ARG n 
1 151 SER n 
1 152 LEU n 
1 153 ASP n 
1 154 ARG n 
1 155 PHE n 
1 156 ASP n 
1 157 VAL n 
1 158 LEU n 
1 159 LYS n 
1 160 GLU n 
1 161 ARG n 
1 162 PRO n 
1 163 ASP n 
1 164 SER n 
1 165 VAL n 
1 166 LEU n 
1 167 SER n 
1 168 GLU n 
1 169 ARG n 
1 170 THR n 
1 171 LEU n 
# 
_entity_src_gen.entity_id                          1 
_entity_src_gen.pdbx_src_id                        1 
_entity_src_gen.pdbx_alt_source_flag               sample 
_entity_src_gen.pdbx_seq_type                      ? 
_entity_src_gen.pdbx_beg_seq_num                   ? 
_entity_src_gen.pdbx_end_seq_num                   ? 
_entity_src_gen.gene_src_common_name               ? 
_entity_src_gen.gene_src_genus                     ? 
_entity_src_gen.pdbx_gene_src_gene                 'NP_250828.1, PA2138' 
_entity_src_gen.gene_src_species                   ? 
_entity_src_gen.gene_src_strain                    PA01 
_entity_src_gen.gene_src_tissue                    ? 
_entity_src_gen.gene_src_tissue_fraction           ? 
_entity_src_gen.gene_src_details                   'pET28b plasmid expressing His10-tagged-Smt3' 
_entity_src_gen.pdbx_gene_src_fragment             ? 
_entity_src_gen.pdbx_gene_src_scientific_name      'Pseudomonas aeruginosa' 
_entity_src_gen.pdbx_gene_src_ncbi_taxonomy_id     287 
_entity_src_gen.pdbx_gene_src_variant              ? 
_entity_src_gen.pdbx_gene_src_cell_line            ? 
_entity_src_gen.pdbx_gene_src_atcc                 ? 
_entity_src_gen.pdbx_gene_src_organ                ? 
_entity_src_gen.pdbx_gene_src_organelle            ? 
_entity_src_gen.pdbx_gene_src_cell                 ? 
_entity_src_gen.pdbx_gene_src_cellular_location    ? 
_entity_src_gen.host_org_common_name               ? 
_entity_src_gen.pdbx_host_org_scientific_name      'Escherichia coli' 
_entity_src_gen.pdbx_host_org_ncbi_taxonomy_id     562 
_entity_src_gen.host_org_genus                     ? 
_entity_src_gen.pdbx_host_org_gene                 ? 
_entity_src_gen.pdbx_host_org_organ                ? 
_entity_src_gen.host_org_species                   ? 
_entity_src_gen.pdbx_host_org_tissue               ? 
_entity_src_gen.pdbx_host_org_tissue_fraction      ? 
_entity_src_gen.pdbx_host_org_strain               'BL21 (DE3) RIL+' 
_entity_src_gen.pdbx_host_org_variant              ? 
_entity_src_gen.pdbx_host_org_cell_line            ? 
_entity_src_gen.pdbx_host_org_atcc                 ? 
_entity_src_gen.pdbx_host_org_culture_collection   ? 
_entity_src_gen.pdbx_host_org_cell                 ? 
_entity_src_gen.pdbx_host_org_organelle            ? 
_entity_src_gen.pdbx_host_org_cellular_location    ? 
_entity_src_gen.pdbx_host_org_vector_type          plasmid 
_entity_src_gen.pdbx_host_org_vector               ? 
_entity_src_gen.host_org_details                   ? 
_entity_src_gen.expression_system_id               ? 
_entity_src_gen.plasmid_name                       pET28b 
_entity_src_gen.plasmid_details                    ? 
_entity_src_gen.pdbx_description                   ? 
# 
_struct_ref.id                         1 
_struct_ref.db_name                    UNP 
_struct_ref.db_code                    Q9I1X7_PSEAE 
_struct_ref.pdbx_db_accession          Q9I1X7 
_struct_ref.entity_id                  1 
_struct_ref.pdbx_seq_one_letter_code   
;RQTPEPSGRKPRKDSTGLLRYCVQKHDASRLHYDFRLELDGTLKSWAVPKGPCLDPAVKRLAVQVEDHPLDYADFEGSIP
QGHYGAGDVIVWDRGAWTPLDDPREGLEKGHLSFALDGEKLSGRWHLIRTNLRGKQSQWFLVKAKDGEARSLDRFDVLKE
RPDSVLSERTL
;
_struct_ref.pdbx_align_begin           17 
_struct_ref.pdbx_db_isoform            ? 
# 
_struct_ref_seq.align_id                      1 
_struct_ref_seq.ref_id                        1 
_struct_ref_seq.pdbx_PDB_id_code              3N9D 
_struct_ref_seq.pdbx_strand_id                A 
_struct_ref_seq.seq_align_beg                 1 
_struct_ref_seq.pdbx_seq_align_beg_ins_code   ? 
_struct_ref_seq.seq_align_end                 171 
_struct_ref_seq.pdbx_seq_align_end_ins_code   ? 
_struct_ref_seq.pdbx_db_accession             Q9I1X7 
_struct_ref_seq.db_align_beg                  17 
_struct_ref_seq.pdbx_db_align_beg_ins_code    ? 
_struct_ref_seq.db_align_end                  187 
_struct_ref_seq.pdbx_db_align_end_ins_code    ? 
_struct_ref_seq.pdbx_auth_seq_align_beg       17 
_struct_ref_seq.pdbx_auth_seq_align_end       187 
# 
loop_
_chem_comp.id 
_chem_comp.type 
_chem_comp.mon_nstd_flag 
_chem_comp.name 
_chem_comp.pdbx_synonyms 
_chem_comp.formula 
_chem_comp.formula_weight 
ALA 'L-peptide linking' y ALANINE              ? 'C3 H7 N O2'     89.093  
ARG 'L-peptide linking' y ARGININE             ? 'C6 H15 N4 O2 1' 175.209 
ASN 'L-peptide linking' y ASPARAGINE           ? 'C4 H8 N2 O3'    132.118 
ASP 'L-peptide linking' y 'ASPARTIC ACID'      ? 'C4 H7 N O4'     133.103 
CYS 'L-peptide linking' y CYSTEINE             ? 'C3 H7 N O2 S'   121.158 
GLN 'L-peptide linking' y GLUTAMINE            ? 'C5 H10 N2 O3'   146.144 
GLU 'L-peptide linking' y 'GLUTAMIC ACID'      ? 'C5 H9 N O4'     147.129 
GLY 'peptide linking'   y GLYCINE              ? 'C2 H5 N O2'     75.067  
HIS 'L-peptide linking' y HISTIDINE            ? 'C6 H10 N3 O2 1' 156.162 
HOH non-polymer         . WATER                ? 'H2 O'           18.015  
ILE 'L-peptide linking' y ISOLEUCINE           ? 'C6 H13 N O2'    131.173 
LEU 'L-peptide linking' y LEUCINE              ? 'C6 H13 N O2'    131.173 
LYS 'L-peptide linking' y LYSINE               ? 'C6 H15 N2 O2 1' 147.195 
MN  non-polymer         . 'MANGANESE (II) ION' ? 'Mn 2'           54.938  
PHE 'L-peptide linking' y PHENYLALANINE        ? 'C9 H11 N O2'    165.189 
PRO 'L-peptide linking' y PROLINE              ? 'C5 H9 N O2'     115.130 
SER 'L-peptide linking' y SERINE               ? 'C3 H7 N O3'     105.093 
SO4 non-polymer         . 'SULFATE ION'        ? 'O4 S -2'        96.063  
THR 'L-peptide linking' y THREONINE            ? 'C4 H9 N O3'     119.119 
TRP 'L-peptide linking' y TRYPTOPHAN           ? 'C11 H12 N2 O2'  204.225 
TYR 'L-peptide linking' y TYROSINE             ? 'C9 H11 N O3'    181.189 
VAL 'L-peptide linking' y VALINE               ? 'C5 H11 N O2'    117.146 
YT3 non-polymer         . 'YTTRIUM (III) ION'  ? 'Y 3'            88.906  
# 
_exptl.entry_id          3N9D 
_exptl.method            'X-RAY DIFFRACTION' 
_exptl.crystals_number   1 
# 
_exptl_crystal.id                    1 
_exptl_crystal.density_meas          ? 
_exptl_crystal.density_Matthews      2.53 
_exptl_crystal.density_percent_sol   51.40 
_exptl_crystal.description           ? 
_exptl_crystal.F_000                 ? 
_exptl_crystal.preparation           ? 
# 
_exptl_crystal_grow.crystal_id      1 
_exptl_crystal_grow.method          'VAPOR DIFFUSION, SITTING DROP' 
_exptl_crystal_grow.temp            298 
_exptl_crystal_grow.temp_details    ? 
_exptl_crystal_grow.pH              6.5 
_exptl_crystal_grow.pdbx_details    
;;Crystallization was carried out in sitting-drop vapor-diffusion setups with 1:1 mixtures of protein solution containing 1.3 mM PaePEC2 and 2mM MnCl2 and reservoir solution containing PEG 5000 monomethylether (MME) (20 - 30%), 100 mM 2-(N-morpholino) ethanesulfonic acid (MES) pH 6.8 - 7.0, 200 mM ammonium sulfate, and 10 mM yttrium (III) chloride at 22 C. , VAPOR DIFFUSION, SITTING DROP, temperature 298K
;
_exptl_crystal_grow.pdbx_pH_range   ? 
# 
_diffrn.id                     1 
_diffrn.ambient_temp           130 
_diffrn.ambient_temp_details   ? 
_diffrn.crystal_id             1 
# 
_diffrn_detector.diffrn_id              1 
_diffrn_detector.detector               'IMAGE PLATE' 
_diffrn_detector.type                   'RIGAKU RAXIS IV++' 
_diffrn_detector.pdbx_collection_date   2010-02-20 
_diffrn_detector.details                'Osmic Confocal Mirrors' 
# 
_diffrn_radiation.diffrn_id                        1 
_diffrn_radiation.wavelength_id                    1 
_diffrn_radiation.pdbx_monochromatic_or_laue_m_l   M 
_diffrn_radiation.monochromator                    None 
_diffrn_radiation.pdbx_diffrn_protocol             'SINGLE WAVELENGTH' 
_diffrn_radiation.pdbx_scattering_type             x-ray 
# 
_diffrn_radiation_wavelength.id           1 
_diffrn_radiation_wavelength.wavelength   1.54 
_diffrn_radiation_wavelength.wt           1.0 
# 
_diffrn_source.diffrn_id                   1 
_diffrn_source.source                      'ROTATING ANODE' 
_diffrn_source.type                        'RIGAKU RU300' 
_diffrn_source.pdbx_synchrotron_site       ? 
_diffrn_source.pdbx_synchrotron_beamline   ? 
_diffrn_source.pdbx_wavelength             ? 
_diffrn_source.pdbx_wavelength_list        1.54 
# 
_reflns.entry_id                     3N9D 
_reflns.observed_criterion_sigma_I   -3.0 
_reflns.observed_criterion_sigma_F   ? 
_reflns.d_resolution_low             50.0 
_reflns.d_resolution_high            2.3 
_reflns.number_obs                   8792 
_reflns.number_all                   8818 
_reflns.percent_possible_obs         99.7 
_reflns.pdbx_Rsym_value              0.103 
_reflns.pdbx_netI_over_sigmaI        12.4 
_reflns.B_iso_Wilson_estimate        34 
_reflns.pdbx_redundancy              3.9 
_reflns.R_free_details               ? 
_reflns.limit_h_max                  ? 
_reflns.limit_h_min                  ? 
_reflns.limit_k_max                  ? 
_reflns.limit_k_min                  ? 
_reflns.limit_l_max                  ? 
_reflns.limit_l_min                  ? 
_reflns.observed_criterion_F_max     ? 
_reflns.observed_criterion_F_min     ? 
_reflns.pdbx_chi_squared             ? 
_reflns.pdbx_scaling_rejects         ? 
_reflns.pdbx_Rmerge_I_obs            ? 
_reflns.pdbx_diffrn_id               1 
_reflns.pdbx_ordinal                 1 
# 
_reflns_shell.d_res_high             2.3 
_reflns_shell.d_res_low              2.34 
_reflns_shell.percent_possible_all   99.6 
_reflns_shell.meanI_over_sigI_obs    2.97 
_reflns_shell.pdbx_redundancy        4.0 
_reflns_shell.percent_possible_obs   ? 
_reflns_shell.number_unique_all      458 
_reflns_shell.number_measured_all    ? 
_reflns_shell.number_measured_obs    ? 
_reflns_shell.number_unique_obs      ? 
_reflns_shell.pdbx_chi_squared       ? 
_reflns_shell.Rmerge_I_obs           ? 
_reflns_shell.pdbx_Rsym_value        ? 
_reflns_shell.pdbx_diffrn_id         ? 
_reflns_shell.pdbx_ordinal           1 
# 
_refine.entry_id                                 3N9D 
_refine.ls_number_reflns_obs                     8730 
_refine.ls_number_reflns_all                     ? 
_refine.pdbx_ls_sigma_I                          ? 
_refine.pdbx_ls_sigma_F                          1.34 
_refine.pdbx_data_cutoff_high_absF               ? 
_refine.pdbx_data_cutoff_low_absF                ? 
_refine.pdbx_data_cutoff_high_rms_absF           ? 
_refine.ls_d_res_low                             28.293 
_refine.ls_d_res_high                            2.300 
_refine.ls_percent_reflns_obs                    99.70 
_refine.ls_R_factor_obs                          0.2171 
_refine.ls_R_factor_R_work                       0.2117 
_refine.ls_R_factor_R_free                       0.2628 
_refine.ls_R_factor_R_free_error                 ? 
_refine.ls_R_factor_R_free_error_details         ? 
_refine.ls_percent_reflns_R_free                 10.65 
_refine.ls_number_reflns_R_free                  930 
_refine.ls_number_parameters                     ? 
_refine.ls_number_restraints                     ? 
_refine.occupancy_min                            ? 
_refine.occupancy_max                            ? 
_refine.correlation_coeff_Fo_to_Fc               ? 
_refine.correlation_coeff_Fo_to_Fc_free          ? 
_refine.B_iso_mean                               ? 
_refine.aniso_B[1][1]                            -8.6580 
_refine.aniso_B[2][2]                            -9.9400 
_refine.aniso_B[3][3]                            16.4482 
_refine.aniso_B[1][2]                            0.0000 
_refine.aniso_B[1][3]                            -4.5695 
_refine.aniso_B[2][3]                            -0.0000 
_refine.solvent_model_details                    'FLAT BULK SOLVENT MODEL' 
_refine.solvent_model_param_ksol                 0.343 
_refine.solvent_model_param_bsol                 40.121 
_refine.pdbx_solvent_vdw_probe_radii             1.20 
_refine.pdbx_solvent_ion_probe_radii             ? 
_refine.pdbx_solvent_shrinkage_radii             1.20 
_refine.pdbx_ls_cross_valid_method               ? 
_refine.details                                  ? 
_refine.pdbx_starting_model                      'chain A of PDB entry 3N9B' 
_refine.pdbx_method_to_determine_struct          'MOLECULAR REPLACEMENT' 
_refine.pdbx_isotropic_thermal_model             ? 
_refine.pdbx_stereochemistry_target_values       ML 
_refine.pdbx_stereochem_target_val_spec_case     ? 
_refine.pdbx_R_Free_selection_details            '10% of data selected at random using CCP4/Unique' 
_refine.pdbx_overall_ESU_R_Free                  ? 
_refine.overall_SU_ML                            0.33 
_refine.overall_SU_B                             ? 
_refine.overall_SU_R_Cruickshank_DPI             ? 
_refine.ls_redundancy_reflns_obs                 ? 
_refine.B_iso_min                                ? 
_refine.B_iso_max                                ? 
_refine.overall_SU_R_free                        ? 
_refine.ls_wR_factor_R_free                      ? 
_refine.ls_wR_factor_R_work                      ? 
_refine.overall_FOM_free_R_set                   ? 
_refine.overall_FOM_work_R_set                   ? 
_refine.pdbx_overall_phase_error                 ? 
_refine.ls_R_factor_all                          ? 
_refine.pdbx_refine_id                           'X-RAY DIFFRACTION' 
_refine.pdbx_overall_ESU_R                       ? 
_refine.pdbx_diffrn_id                           1 
_refine.pdbx_TLS_residual_ADP_flag               ? 
_refine.pdbx_overall_SU_R_free_Cruickshank_DPI   ? 
_refine.pdbx_overall_SU_R_Blow_DPI               ? 
_refine.pdbx_overall_SU_R_free_Blow_DPI          ? 
# 
_refine_hist.pdbx_refine_id                   'X-RAY DIFFRACTION' 
_refine_hist.cycle_id                         LAST 
_refine_hist.pdbx_number_atoms_protein        1187 
_refine_hist.pdbx_number_atoms_nucleic_acid   0 
_refine_hist.pdbx_number_atoms_ligand         13 
_refine_hist.number_atoms_solvent             85 
_refine_hist.number_atoms_total               1285 
_refine_hist.d_res_high                       2.300 
_refine_hist.d_res_low                        28.293 
# 
loop_
_refine_ls_restr.type 
_refine_ls_restr.dev_ideal 
_refine_ls_restr.dev_ideal_target 
_refine_ls_restr.weight 
_refine_ls_restr.number 
_refine_ls_restr.pdbx_refine_id 
_refine_ls_restr.pdbx_restraint_function 
f_bond_d           0.002  ? ? 1235 'X-RAY DIFFRACTION' ? 
f_angle_d          0.638  ? ? 1673 'X-RAY DIFFRACTION' ? 
f_dihedral_angle_d 13.379 ? ? 456  'X-RAY DIFFRACTION' ? 
f_chiral_restr     0.048  ? ? 173  'X-RAY DIFFRACTION' ? 
f_plane_restr      0.002  ? ? 217  'X-RAY DIFFRACTION' ? 
# 
loop_
_refine_ls_shell.pdbx_total_number_of_bins_used 
_refine_ls_shell.d_res_high 
_refine_ls_shell.d_res_low 
_refine_ls_shell.number_reflns_R_work 
_refine_ls_shell.R_factor_R_work 
_refine_ls_shell.percent_reflns_obs 
_refine_ls_shell.R_factor_R_free 
_refine_ls_shell.R_factor_R_free_error 
_refine_ls_shell.percent_reflns_R_free 
_refine_ls_shell.number_reflns_R_free 
_refine_ls_shell.number_reflns_all 
_refine_ls_shell.R_factor_all 
_refine_ls_shell.number_reflns_obs 
_refine_ls_shell.redundancy_reflns_obs 
_refine_ls_shell.pdbx_refine_id 
. 2.3001 2.4213  1106 0.2398 100.00 0.3066 . . 141 . . . . 'X-RAY DIFFRACTION' 
. 2.4213 2.5729  1079 0.2204 99.00  0.2719 . . 147 . . . . 'X-RAY DIFFRACTION' 
. 2.5729 2.7714  1088 0.2198 100.00 0.3036 . . 138 . . . . 'X-RAY DIFFRACTION' 
. 2.7714 3.0500  1122 0.2217 100.00 0.2936 . . 123 . . . . 'X-RAY DIFFRACTION' 
. 3.0500 3.4907  1125 0.2207 100.00 0.2854 . . 123 . . . . 'X-RAY DIFFRACTION' 
. 3.4907 4.3952  1126 0.1952 100.00 0.2358 . . 131 . . . . 'X-RAY DIFFRACTION' 
. 4.3952 28.2946 1154 0.1825 100.00 0.2031 . . 127 . . . . 'X-RAY DIFFRACTION' 
# 
_struct.entry_id                  3N9D 
_struct.title                     'Monoclinic Structure of P. aeruginosa LigD phosphoesterase domain' 
_struct.pdbx_model_details        ? 
_struct.pdbx_CASP_flag            ? 
_struct.pdbx_model_type_details   ? 
# 
_struct_keywords.entry_id        3N9D 
_struct_keywords.pdbx_keywords   LIGASE 
_struct_keywords.text            'Phosphoesterase, Metalloenzyme, Ligase, NHEJ, Manganese, Beta Barrel' 
# 
loop_
_struct_asym.id 
_struct_asym.pdbx_blank_PDB_chainid_flag 
_struct_asym.pdbx_modified 
_struct_asym.entity_id 
_struct_asym.details 
A N N 1 ? 
B N N 2 ? 
C N N 3 ? 
D N N 3 ? 
E N N 4 ? 
F N N 4 ? 
G N N 5 ? 
# 
_struct_biol.id        1 
_struct_biol.details   
'This protein is monomeric in solution and a single protomer occupies the asymmetric unit of this crystal lattice.' 
# 
loop_
_struct_conf.conf_type_id 
_struct_conf.id 
_struct_conf.pdbx_PDB_helix_id 
_struct_conf.beg_label_comp_id 
_struct_conf.beg_label_asym_id 
_struct_conf.beg_label_seq_id 
_struct_conf.pdbx_beg_PDB_ins_code 
_struct_conf.end_label_comp_id 
_struct_conf.end_label_asym_id 
_struct_conf.end_label_seq_id 
_struct_conf.pdbx_end_PDB_ins_code 
_struct_conf.beg_auth_comp_id 
_struct_conf.beg_auth_asym_id 
_struct_conf.beg_auth_seq_id 
_struct_conf.end_auth_comp_id 
_struct_conf.end_auth_asym_id 
_struct_conf.end_auth_seq_id 
_struct_conf.pdbx_PDB_helix_class 
_struct_conf.details 
_struct_conf.pdbx_PDB_helix_length 
HELX_P HELX_P1 1 PRO A 69  ? PHE A 75  ? PRO A 85  PHE A 91  5 ? 7 
HELX_P HELX_P2 2 ASP A 102 ? GLY A 110 ? ASP A 118 GLY A 126 1 ? 9 
HELX_P HELX_P3 3 ASP A 156 ? ARG A 161 ? ASP A 172 ARG A 177 1 ? 6 
# 
_struct_conf_type.id          HELX_P 
_struct_conf_type.criteria    ? 
_struct_conf_type.reference   ? 
# 
loop_
_struct_conn.id 
_struct_conn.conn_type_id 
_struct_conn.pdbx_leaving_atom_flag 
_struct_conn.pdbx_PDB_id 
_struct_conn.ptnr1_label_asym_id 
_struct_conn.ptnr1_label_comp_id 
_struct_conn.ptnr1_label_seq_id 
_struct_conn.ptnr1_label_atom_id 
_struct_conn.pdbx_ptnr1_label_alt_id 
_struct_conn.pdbx_ptnr1_PDB_ins_code 
_struct_conn.pdbx_ptnr1_standard_comp_id 
_struct_conn.ptnr1_symmetry 
_struct_conn.ptnr2_label_asym_id 
_struct_conn.ptnr2_label_comp_id 
_struct_conn.ptnr2_label_seq_id 
_struct_conn.ptnr2_label_atom_id 
_struct_conn.pdbx_ptnr2_label_alt_id 
_struct_conn.pdbx_ptnr2_PDB_ins_code 
_struct_conn.ptnr1_auth_asym_id 
_struct_conn.ptnr1_auth_comp_id 
_struct_conn.ptnr1_auth_seq_id 
_struct_conn.ptnr2_auth_asym_id 
_struct_conn.ptnr2_auth_comp_id 
_struct_conn.ptnr2_auth_seq_id 
_struct_conn.ptnr2_symmetry 
_struct_conn.pdbx_ptnr3_label_atom_id 
_struct_conn.pdbx_ptnr3_label_seq_id 
_struct_conn.pdbx_ptnr3_label_comp_id 
_struct_conn.pdbx_ptnr3_label_asym_id 
_struct_conn.pdbx_ptnr3_label_alt_id 
_struct_conn.pdbx_ptnr3_PDB_ins_code 
_struct_conn.details 
_struct_conn.pdbx_dist_value 
_struct_conn.pdbx_value_order 
_struct_conn.pdbx_role 
metalc1  metalc ? ? B MN  .   MN  ? ? ? 1_555 A HIS 26 ND1 ? ? A MN  1   A HIS 42  1_555 ? ? ? ? ? ? ? 2.573 ? ? 
metalc2  metalc ? ? B MN  .   MN  ? ? ? 1_555 A HIS 32 NE2 ? ? A MN  1   A HIS 48  1_555 ? ? ? ? ? ? ? 2.348 ? ? 
metalc3  metalc ? ? B MN  .   MN  ? ? ? 1_555 A ASP 34 OD2 ? ? A MN  1   A ASP 50  1_555 ? ? ? ? ? ? ? 2.468 ? ? 
metalc4  metalc ? ? B MN  .   MN  ? ? ? 1_555 C SO4 .  O3  ? ? A MN  1   A SO4 188 1_555 ? ? ? ? ? ? ? 2.254 ? ? 
metalc5  metalc ? ? D SO4 .   O4  ? ? ? 1_555 F YT3 .  Y   ? ? A SO4 2   A YT3 190 1_555 ? ? ? ? ? ? ? 2.582 ? ? 
metalc6  metalc ? ? A GLU 105 OE2 ? ? ? 1_555 E YT3 .  Y   ? ? A GLU 121 A YT3 189 1_555 ? ? ? ? ? ? ? 2.888 ? ? 
metalc7  metalc ? ? A GLU 105 OE1 ? ? ? 1_555 E YT3 .  Y   ? ? A GLU 121 A YT3 189 1_555 ? ? ? ? ? ? ? 2.930 ? ? 
metalc8  metalc ? ? A GLU 108 OE1 ? ? ? 1_555 E YT3 .  Y   ? ? A GLU 124 A YT3 189 1_555 ? ? ? ? ? ? ? 2.660 ? ? 
metalc9  metalc ? ? A GLU 108 OE2 ? ? ? 1_555 E YT3 .  Y   ? ? A GLU 124 A YT3 189 1_555 ? ? ? ? ? ? ? 2.809 ? ? 
metalc10 metalc ? ? A GLU 119 OE1 ? ? ? 1_555 F YT3 .  Y   ? ? A GLU 135 A YT3 190 1_555 ? ? ? ? ? ? ? 2.662 ? ? 
metalc11 metalc ? ? A GLU 119 OE2 ? ? ? 1_555 F YT3 .  Y   ? ? A GLU 135 A YT3 190 1_555 ? ? ? ? ? ? ? 2.697 ? ? 
metalc12 metalc ? ? F YT3 .   Y   ? ? ? 1_555 G HOH .  O   ? ? A YT3 190 A HOH 254 1_555 ? ? ? ? ? ? ? 2.764 ? ? 
# 
_struct_conn_type.id          metalc 
_struct_conn_type.criteria    ? 
_struct_conn_type.reference   ? 
# 
_struct_sheet.id               A 
_struct_sheet.type             ? 
_struct_sheet.number_strands   10 
_struct_sheet.details          ? 
# 
loop_
_struct_sheet_order.sheet_id 
_struct_sheet_order.range_id_1 
_struct_sheet_order.range_id_2 
_struct_sheet_order.offset 
_struct_sheet_order.sense 
A 1 2  ? anti-parallel 
A 2 3  ? anti-parallel 
A 3 4  ? anti-parallel 
A 4 5  ? anti-parallel 
A 5 6  ? anti-parallel 
A 6 7  ? anti-parallel 
A 7 8  ? anti-parallel 
A 8 9  ? anti-parallel 
A 9 10 ? anti-parallel 
# 
loop_
_struct_sheet_range.sheet_id 
_struct_sheet_range.id 
_struct_sheet_range.beg_label_comp_id 
_struct_sheet_range.beg_label_asym_id 
_struct_sheet_range.beg_label_seq_id 
_struct_sheet_range.pdbx_beg_PDB_ins_code 
_struct_sheet_range.end_label_comp_id 
_struct_sheet_range.end_label_asym_id 
_struct_sheet_range.end_label_seq_id 
_struct_sheet_range.pdbx_end_PDB_ins_code 
_struct_sheet_range.beg_auth_comp_id 
_struct_sheet_range.beg_auth_asym_id 
_struct_sheet_range.beg_auth_seq_id 
_struct_sheet_range.end_auth_comp_id 
_struct_sheet_range.end_auth_asym_id 
_struct_sheet_range.end_auth_seq_id 
A 1  GLY A 77  ? SER A 78  ? GLY A 93  SER A 94  
A 2  ASP A 88  ? PRO A 99  ? ASP A 104 PRO A 115 
A 3  HIS A 111 ? GLY A 118 ? HIS A 127 GLY A 134 
A 4  SER A 122 ? ARG A 129 ? SER A 138 ARG A 145 
A 5  GLN A 138 ? LYS A 143 ? GLN A 154 LYS A 159 
A 6  LYS A 59  ? HIS A 68  ? LYS A 75  HIS A 84  
A 7  THR A 42  ? VAL A 48  ? THR A 58  VAL A 64  
A 8  HIS A 32  ? LEU A 39  ? HIS A 48  LEU A 55  
A 9  ARG A 20  ? ASP A 27  ? ARG A 36  ASP A 43  
A 10 ASP A 88  ? PRO A 99  ? ASP A 104 PRO A 115 
# 
loop_
_pdbx_struct_sheet_hbond.sheet_id 
_pdbx_struct_sheet_hbond.range_id_1 
_pdbx_struct_sheet_hbond.range_id_2 
_pdbx_struct_sheet_hbond.range_1_label_atom_id 
_pdbx_struct_sheet_hbond.range_1_label_comp_id 
_pdbx_struct_sheet_hbond.range_1_label_asym_id 
_pdbx_struct_sheet_hbond.range_1_label_seq_id 
_pdbx_struct_sheet_hbond.range_1_PDB_ins_code 
_pdbx_struct_sheet_hbond.range_1_auth_atom_id 
_pdbx_struct_sheet_hbond.range_1_auth_comp_id 
_pdbx_struct_sheet_hbond.range_1_auth_asym_id 
_pdbx_struct_sheet_hbond.range_1_auth_seq_id 
_pdbx_struct_sheet_hbond.range_2_label_atom_id 
_pdbx_struct_sheet_hbond.range_2_label_comp_id 
_pdbx_struct_sheet_hbond.range_2_label_asym_id 
_pdbx_struct_sheet_hbond.range_2_label_seq_id 
_pdbx_struct_sheet_hbond.range_2_PDB_ins_code 
_pdbx_struct_sheet_hbond.range_2_auth_atom_id 
_pdbx_struct_sheet_hbond.range_2_auth_comp_id 
_pdbx_struct_sheet_hbond.range_2_auth_asym_id 
_pdbx_struct_sheet_hbond.range_2_auth_seq_id 
A 1 2  N GLY A 77  ? N GLY A 93  O VAL A 89  ? O VAL A 105 
A 2 3  N THR A 98  ? N THR A 114 O ALA A 115 ? O ALA A 131 
A 3 4  N PHE A 114 ? N PHE A 130 O TRP A 125 ? O TRP A 141 
A 4 5  N HIS A 126 ? N HIS A 142 O VAL A 142 ? O VAL A 158 
A 5 6  O LEU A 141 ? O LEU A 157 N ARG A 60  ? N ARG A 76  
A 6 7  O VAL A 63  ? O VAL A 79  N ALA A 47  ? N ALA A 63  
A 7 8  O VAL A 48  ? O VAL A 64  N TYR A 33  ? N TYR A 49  
A 8 9  O ASP A 34  ? O ASP A 50  N GLN A 24  ? N GLN A 40  
A 9 10 N VAL A 23  ? N VAL A 39  O ASP A 93  ? O ASP A 109 
# 
loop_
_struct_site.id 
_struct_site.pdbx_evidence_code 
_struct_site.pdbx_auth_asym_id 
_struct_site.pdbx_auth_comp_id 
_struct_site.pdbx_auth_seq_id 
_struct_site.pdbx_auth_ins_code 
_struct_site.pdbx_num_residues 
_struct_site.details 
AC1 Software A MN  1   ? 4  'BINDING SITE FOR RESIDUE MN A 1'    
AC2 Software A SO4 188 ? 6  'BINDING SITE FOR RESIDUE SO4 A 188' 
AC3 Software A SO4 2   ? 10 'BINDING SITE FOR RESIDUE SO4 A 2'   
AC4 Software A YT3 189 ? 4  'BINDING SITE FOR RESIDUE YT3 A 189' 
AC5 Software A YT3 190 ? 4  'BINDING SITE FOR RESIDUE YT3 A 190' 
# 
loop_
_struct_site_gen.id 
_struct_site_gen.site_id 
_struct_site_gen.pdbx_num_res 
_struct_site_gen.label_comp_id 
_struct_site_gen.label_asym_id 
_struct_site_gen.label_seq_id 
_struct_site_gen.pdbx_auth_ins_code 
_struct_site_gen.auth_comp_id 
_struct_site_gen.auth_asym_id 
_struct_site_gen.auth_seq_id 
_struct_site_gen.label_atom_id 
_struct_site_gen.label_alt_id 
_struct_site_gen.symmetry 
_struct_site_gen.details 
1  AC1 4  HIS A 26  ? HIS A 42  . ? 1_555 ? 
2  AC1 4  HIS A 32  ? HIS A 48  . ? 1_555 ? 
3  AC1 4  ASP A 34  ? ASP A 50  . ? 1_555 ? 
4  AC1 4  SO4 C .   ? SO4 A 188 . ? 1_555 ? 
5  AC2 6  MN  B .   ? MN  A 1   . ? 1_555 ? 
6  AC2 6  HIS A 26  ? HIS A 42  . ? 1_555 ? 
7  AC2 6  ASP A 34  ? ASP A 50  . ? 1_555 ? 
8  AC2 6  LYS A 59  ? LYS A 75  . ? 4_454 ? 
9  AC2 6  HIS A 68  ? HIS A 84  . ? 1_555 ? 
10 AC2 6  HOH G .   ? HOH A 204 . ? 1_555 ? 
11 AC3 10 GLU A 119 ? GLU A 135 . ? 1_555 ? 
12 AC3 10 LYS A 120 ? LYS A 136 . ? 2_454 ? 
13 AC3 10 ARG A 161 ? ARG A 177 . ? 1_555 ? 
14 AC3 10 ARG A 161 ? ARG A 177 . ? 2_454 ? 
15 AC3 10 PRO A 162 ? PRO A 178 . ? 2_454 ? 
16 AC3 10 ASP A 163 ? ASP A 179 . ? 2_454 ? 
17 AC3 10 YT3 F .   ? YT3 A 190 . ? 1_555 ? 
18 AC3 10 HOH G .   ? HOH A 237 . ? 1_555 ? 
19 AC3 10 HOH G .   ? HOH A 249 . ? 1_555 ? 
20 AC3 10 HOH G .   ? HOH A 254 . ? 1_555 ? 
21 AC4 4  GLU A 105 ? GLU A 121 . ? 1_555 ? 
22 AC4 4  GLU A 105 ? GLU A 121 . ? 2_555 ? 
23 AC4 4  GLU A 108 ? GLU A 124 . ? 2_555 ? 
24 AC4 4  GLU A 108 ? GLU A 124 . ? 1_555 ? 
25 AC5 4  SO4 D .   ? SO4 A 2   . ? 1_555 ? 
26 AC5 4  GLU A 119 ? GLU A 135 . ? 1_555 ? 
27 AC5 4  ASP A 163 ? ASP A 179 . ? 2_454 ? 
28 AC5 4  HOH G .   ? HOH A 254 . ? 1_555 ? 
# 
_atom_sites.entry_id                    3N9D 
_atom_sites.fract_transf_matrix[1][1]   0.00982035 
_atom_sites.fract_transf_matrix[1][2]   -0.00008034 
_atom_sites.fract_transf_matrix[1][3]   0.00770830 
_atom_sites.fract_transf_matrix[2][1]   -0.01014327 
_atom_sites.fract_transf_matrix[2][2]   -0.00665168 
_atom_sites.fract_transf_matrix[2][3]   0.01285317 
_atom_sites.fract_transf_matrix[3][1]   0.01498317 
_atom_sites.fract_transf_matrix[3][2]   -0.02137562 
_atom_sites.fract_transf_matrix[3][3]   0.00076203 
_atom_sites.fract_transf_vector[1]      -0.285642 
_atom_sites.fract_transf_vector[2]      0.929053 
_atom_sites.fract_transf_vector[3]      -0.419315 
# 
loop_
_atom_type.symbol 
C  
MN 
N  
O  
S  
Y  
# 
loop_
_atom_site.group_PDB 
_atom_site.id 
_atom_site.type_symbol 
_atom_site.label_atom_id 
_atom_site.label_alt_id 
_atom_site.label_comp_id 
_atom_site.label_asym_id 
_atom_site.label_entity_id 
_atom_site.label_seq_id 
_atom_site.pdbx_PDB_ins_code 
_atom_site.Cartn_x 
_atom_site.Cartn_y 
_atom_site.Cartn_z 
_atom_site.occupancy 
_atom_site.B_iso_or_equiv 
_atom_site.pdbx_formal_charge 
_atom_site.auth_seq_id 
_atom_site.auth_comp_id 
_atom_site.auth_asym_id 
_atom_site.auth_atom_id 
_atom_site.pdbx_PDB_model_num 
ATOM   1    N  N   . LEU A 1 18  ? 0.109   -16.461 2.617   1.00 49.96 ? 34  LEU A N   1 
ATOM   2    C  CA  . LEU A 1 18  ? -0.139  -16.729 4.030   1.00 44.88 ? 34  LEU A CA  1 
ATOM   3    C  C   . LEU A 1 18  ? -0.118  -15.439 4.850   1.00 39.62 ? 34  LEU A C   1 
ATOM   4    O  O   . LEU A 1 18  ? -0.869  -15.295 5.817   1.00 43.99 ? 34  LEU A O   1 
ATOM   5    C  CB  . LEU A 1 18  ? 0.884   -17.727 4.573   1.00 44.79 ? 34  LEU A CB  1 
ATOM   6    C  CG  . LEU A 1 18  ? 0.569   -18.339 5.939   1.00 56.80 ? 34  LEU A CG  1 
ATOM   7    C  CD1 . LEU A 1 18  ? -0.772  -19.060 5.904   1.00 52.12 ? 34  LEU A CD1 1 
ATOM   8    C  CD2 . LEU A 1 18  ? 1.682   -19.284 6.372   1.00 63.33 ? 34  LEU A CD2 1 
ATOM   9    N  N   . LEU A 1 19  ? 0.748   -14.506 4.464   1.00 36.65 ? 35  LEU A N   1 
ATOM   10   C  CA  . LEU A 1 19  ? 0.779   -13.188 5.091   1.00 34.40 ? 35  LEU A CA  1 
ATOM   11   C  C   . LEU A 1 19  ? -0.193  -12.257 4.375   1.00 32.17 ? 35  LEU A C   1 
ATOM   12   O  O   . LEU A 1 19  ? -0.113  -12.072 3.161   1.00 35.07 ? 35  LEU A O   1 
ATOM   13   C  CB  . LEU A 1 19  ? 2.192   -12.602 5.073   1.00 29.21 ? 35  LEU A CB  1 
ATOM   14   C  CG  . LEU A 1 19  ? 3.258   -13.298 5.926   1.00 34.65 ? 35  LEU A CG  1 
ATOM   15   C  CD1 . LEU A 1 19  ? 4.616   -12.635 5.734   1.00 32.65 ? 35  LEU A CD1 1 
ATOM   16   C  CD2 . LEU A 1 19  ? 2.872   -13.298 7.398   1.00 29.17 ? 35  LEU A CD2 1 
ATOM   17   N  N   . ARG A 1 20  ? -1.112  -11.675 5.136   1.00 32.65 ? 36  ARG A N   1 
ATOM   18   C  CA  . ARG A 1 20  ? -2.182  -10.864 4.571   1.00 31.46 ? 36  ARG A CA  1 
ATOM   19   C  C   . ARG A 1 20  ? -1.757  -9.436  4.248   1.00 30.94 ? 36  ARG A C   1 
ATOM   20   O  O   . ARG A 1 20  ? -1.006  -8.810  4.997   1.00 32.65 ? 36  ARG A O   1 
ATOM   21   C  CB  . ARG A 1 20  ? -3.380  -10.840 5.524   1.00 38.43 ? 36  ARG A CB  1 
ATOM   22   C  CG  . ARG A 1 20  ? -4.329  -9.675  5.296   1.00 44.49 ? 36  ARG A CG  1 
ATOM   23   C  CD  . ARG A 1 20  ? -5.519  -9.739  6.238   1.00 48.79 ? 36  ARG A CD  1 
ATOM   24   N  NE  . ARG A 1 20  ? -6.344  -10.917 5.988   1.00 43.47 ? 36  ARG A NE  1 
ATOM   25   C  CZ  . ARG A 1 20  ? -7.455  -11.205 6.658   1.00 55.04 ? 36  ARG A CZ  1 
ATOM   26   N  NH1 . ARG A 1 20  ? -7.876  -10.398 7.623   1.00 55.30 ? 36  ARG A NH1 1 
ATOM   27   N  NH2 . ARG A 1 20  ? -8.144  -12.301 6.363   1.00 51.89 ? 36  ARG A NH2 1 
ATOM   28   N  N   . TYR A 1 21  ? -2.242  -8.927  3.122   1.00 27.39 ? 37  TYR A N   1 
ATOM   29   C  CA  . TYR A 1 21  ? -2.054  -7.525  2.783   1.00 23.15 ? 37  TYR A CA  1 
ATOM   30   C  C   . TYR A 1 21  ? -3.393  -6.925  2.385   1.00 24.45 ? 37  TYR A C   1 
ATOM   31   O  O   . TYR A 1 21  ? -4.305  -7.640  1.965   1.00 26.84 ? 37  TYR A O   1 
ATOM   32   C  CB  . TYR A 1 21  ? -1.034  -7.363  1.653   1.00 27.76 ? 37  TYR A CB  1 
ATOM   33   C  CG  . TYR A 1 21  ? -1.633  -7.335  0.265   1.00 28.88 ? 37  TYR A CG  1 
ATOM   34   C  CD1 . TYR A 1 21  ? -2.104  -6.150  -0.288  1.00 22.54 ? 37  TYR A CD1 1 
ATOM   35   C  CD2 . TYR A 1 21  ? -1.713  -8.489  -0.501  1.00 33.92 ? 37  TYR A CD2 1 
ATOM   36   C  CE1 . TYR A 1 21  ? -2.648  -6.119  -1.560  1.00 31.71 ? 37  TYR A CE1 1 
ATOM   37   C  CE2 . TYR A 1 21  ? -2.254  -8.469  -1.772  1.00 30.87 ? 37  TYR A CE2 1 
ATOM   38   C  CZ  . TYR A 1 21  ? -2.721  -7.284  -2.298  1.00 35.30 ? 37  TYR A CZ  1 
ATOM   39   O  OH  . TYR A 1 21  ? -3.260  -7.266  -3.566  1.00 33.81 ? 37  TYR A OH  1 
ATOM   40   N  N   . CYS A 1 22  ? -3.513  -5.612  2.521   1.00 21.58 ? 38  CYS A N   1 
ATOM   41   C  CA  . CYS A 1 22  ? -4.737  -4.930  2.131   1.00 22.02 ? 38  CYS A CA  1 
ATOM   42   C  C   . CYS A 1 22  ? -4.464  -3.469  1.807   1.00 23.28 ? 38  CYS A C   1 
ATOM   43   O  O   . CYS A 1 22  ? -3.556  -2.855  2.367   1.00 25.74 ? 38  CYS A O   1 
ATOM   44   C  CB  . CYS A 1 22  ? -5.793  -5.042  3.233   1.00 29.24 ? 38  CYS A CB  1 
ATOM   45   S  SG  . CYS A 1 22  ? -6.106  -3.510  4.139   1.00 27.01 ? 38  CYS A SG  1 
ATOM   46   N  N   . VAL A 1 23  ? -5.247  -2.922  0.887   1.00 21.23 ? 39  VAL A N   1 
ATOM   47   C  CA  . VAL A 1 23  ? -5.161  -1.510  0.557   1.00 21.85 ? 39  VAL A CA  1 
ATOM   48   C  C   . VAL A 1 23  ? -6.528  -0.883  0.775   1.00 21.39 ? 39  VAL A C   1 
ATOM   49   O  O   . VAL A 1 23  ? -7.513  -1.300  0.166   1.00 22.98 ? 39  VAL A O   1 
ATOM   50   C  CB  . VAL A 1 23  ? -4.716  -1.282  -0.904  1.00 18.93 ? 39  VAL A CB  1 
ATOM   51   C  CG1 . VAL A 1 23  ? -4.680  0.205   -1.218  1.00 18.35 ? 39  VAL A CG1 1 
ATOM   52   C  CG2 . VAL A 1 23  ? -3.355  -1.907  -1.149  1.00 16.79 ? 39  VAL A CG2 1 
ATOM   53   N  N   . GLN A 1 24  ? -6.586  0.105   1.659   1.00 20.21 ? 40  GLN A N   1 
ATOM   54   C  CA  . GLN A 1 24  ? -7.840  0.778   1.965   1.00 20.05 ? 40  GLN A CA  1 
ATOM   55   C  C   . GLN A 1 24  ? -7.878  2.167   1.354   1.00 22.56 ? 40  GLN A C   1 
ATOM   56   O  O   . GLN A 1 24  ? -6.921  2.932   1.462   1.00 25.62 ? 40  GLN A O   1 
ATOM   57   C  CB  . GLN A 1 24  ? -8.056  0.862   3.477   1.00 18.60 ? 40  GLN A CB  1 
ATOM   58   C  CG  . GLN A 1 24  ? -8.566  -0.426  4.095   1.00 22.90 ? 40  GLN A CG  1 
ATOM   59   C  CD  . GLN A 1 24  ? -8.560  -0.385  5.610   1.00 20.55 ? 40  GLN A CD  1 
ATOM   60   O  OE1 . GLN A 1 24  ? -7.644  0.161   6.224   1.00 20.17 ? 40  GLN A OE1 1 
ATOM   61   N  NE2 . GLN A 1 24  ? -9.583  -0.969  6.222   1.00 16.79 ? 40  GLN A NE2 1 
ATOM   62   N  N   . LYS A 1 25  ? -8.989  2.481   0.704   1.00 24.09 ? 41  LYS A N   1 
ATOM   63   C  CA  . LYS A 1 25  ? -9.193  3.805   0.140   1.00 20.88 ? 41  LYS A CA  1 
ATOM   64   C  C   . LYS A 1 25  ? -9.905  4.651   1.181   1.00 23.51 ? 41  LYS A C   1 
ATOM   65   O  O   . LYS A 1 25  ? -11.083 4.435   1.474   1.00 25.19 ? 41  LYS A O   1 
ATOM   66   C  CB  . LYS A 1 25  ? -10.016 3.707   -1.148  1.00 25.90 ? 41  LYS A CB  1 
ATOM   67   C  CG  . LYS A 1 25  ? -10.293 5.033   -1.832  1.00 26.87 ? 41  LYS A CG  1 
ATOM   68   C  CD  . LYS A 1 25  ? -10.840 4.802   -3.237  1.00 29.78 ? 41  LYS A CD  1 
ATOM   69   C  CE  . LYS A 1 25  ? -11.633 6.000   -3.727  1.00 31.85 ? 41  LYS A CE  1 
ATOM   70   N  NZ  . LYS A 1 25  ? -10.838 7.253   -3.671  1.00 39.67 ? 41  LYS A NZ  1 
ATOM   71   N  N   . HIS A 1 26  ? -9.177  5.604   1.755   1.00 26.48 ? 42  HIS A N   1 
ATOM   72   C  CA  . HIS A 1 26  ? -9.700  6.419   2.841   1.00 26.35 ? 42  HIS A CA  1 
ATOM   73   C  C   . HIS A 1 26  ? -10.059 7.819   2.361   1.00 29.91 ? 42  HIS A C   1 
ATOM   74   O  O   . HIS A 1 26  ? -9.182  8.657   2.142   1.00 26.40 ? 42  HIS A O   1 
ATOM   75   C  CB  . HIS A 1 26  ? -8.685  6.498   3.983   1.00 30.21 ? 42  HIS A CB  1 
ATOM   76   C  CG  . HIS A 1 26  ? -9.254  7.032   5.260   1.00 28.21 ? 42  HIS A CG  1 
ATOM   77   N  ND1 . HIS A 1 26  ? -8.558  7.013   6.450   1.00 26.06 ? 42  HIS A ND1 1 
ATOM   78   C  CD2 . HIS A 1 26  ? -10.456 7.590   5.536   1.00 27.64 ? 42  HIS A CD2 1 
ATOM   79   C  CE1 . HIS A 1 26  ? -9.303  7.543   7.402   1.00 30.54 ? 42  HIS A CE1 1 
ATOM   80   N  NE2 . HIS A 1 26  ? -10.460 7.902   6.874   1.00 33.83 ? 42  HIS A NE2 1 
ATOM   81   N  N   . ASP A 1 27  ? -11.355 8.067   2.206   1.00 35.96 ? 43  ASP A N   1 
ATOM   82   C  CA  . ASP A 1 27  ? -11.845 9.357   1.740   1.00 33.38 ? 43  ASP A CA  1 
ATOM   83   C  C   . ASP A 1 27  ? -11.927 10.353  2.895   1.00 37.32 ? 43  ASP A C   1 
ATOM   84   O  O   . ASP A 1 27  ? -13.016 10.771  3.295   1.00 36.75 ? 43  ASP A O   1 
ATOM   85   C  CB  . ASP A 1 27  ? -13.217 9.198   1.079   1.00 38.62 ? 43  ASP A CB  1 
ATOM   86   C  CG  . ASP A 1 27  ? -13.672 10.454  0.363   1.00 40.44 ? 43  ASP A CG  1 
ATOM   87   O  OD1 . ASP A 1 27  ? -12.883 11.420  0.287   1.00 43.95 ? 43  ASP A OD1 1 
ATOM   88   O  OD2 . ASP A 1 27  ? -14.819 10.475  -0.130  1.00 45.31 ? 43  ASP A OD2 1 
ATOM   89   N  N   . ALA A 1 28  ? -10.769 10.720  3.433   1.00 32.91 ? 44  ALA A N   1 
ATOM   90   C  CA  . ALA A 1 28  ? -10.707 11.704  4.504   1.00 33.82 ? 44  ALA A CA  1 
ATOM   91   C  C   . ALA A 1 28  ? -10.654 13.105  3.914   1.00 37.47 ? 44  ALA A C   1 
ATOM   92   O  O   . ALA A 1 28  ? -10.952 13.298  2.734   1.00 43.02 ? 44  ALA A O   1 
ATOM   93   C  CB  . ALA A 1 28  ? -9.497  11.453  5.385   1.00 35.70 ? 44  ALA A CB  1 
ATOM   94   N  N   . SER A 1 29  ? -10.280 14.080  4.737   1.00 42.76 ? 45  SER A N   1 
ATOM   95   C  CA  . SER A 1 29  ? -10.130 15.455  4.276   1.00 46.80 ? 45  SER A CA  1 
ATOM   96   C  C   . SER A 1 29  ? -9.335  15.487  2.975   1.00 49.54 ? 45  SER A C   1 
ATOM   97   O  O   . SER A 1 29  ? -9.742  16.119  2.001   1.00 52.67 ? 45  SER A O   1 
ATOM   98   C  CB  . SER A 1 29  ? -9.441  16.305  5.345   1.00 42.57 ? 45  SER A CB  1 
ATOM   99   O  OG  . SER A 1 29  ? -8.245  15.689  5.792   1.00 48.54 ? 45  SER A OG  1 
ATOM   100  N  N   . ARG A 1 30  ? -8.200  14.796  2.971   1.00 50.32 ? 46  ARG A N   1 
ATOM   101  C  CA  . ARG A 1 30  ? -7.424  14.596  1.754   1.00 49.35 ? 46  ARG A CA  1 
ATOM   102  C  C   . ARG A 1 30  ? -7.485  13.123  1.367   1.00 45.35 ? 46  ARG A C   1 
ATOM   103  O  O   . ARG A 1 30  ? -7.061  12.258  2.132   1.00 48.86 ? 46  ARG A O   1 
ATOM   104  C  CB  . ARG A 1 30  ? -5.970  15.028  1.962   1.00 47.85 ? 46  ARG A CB  1 
ATOM   105  C  CG  . ARG A 1 30  ? -5.789  16.514  2.238   1.00 52.13 ? 46  ARG A CG  1 
ATOM   106  C  CD  . ARG A 1 30  ? -6.014  17.354  0.985   1.00 60.18 ? 46  ARG A CD  1 
ATOM   107  N  NE  . ARG A 1 30  ? -4.885  17.277  0.059   1.00 73.62 ? 46  ARG A NE  1 
ATOM   108  C  CZ  . ARG A 1 30  ? -4.805  17.951  -1.085  1.00 75.58 ? 46  ARG A CZ  1 
ATOM   109  N  NH1 . ARG A 1 30  ? -5.790  18.758  -1.454  1.00 74.88 ? 46  ARG A NH1 1 
ATOM   110  N  NH2 . ARG A 1 30  ? -3.737  17.819  -1.862  1.00 70.59 ? 46  ARG A NH2 1 
ATOM   111  N  N   . LEU A 1 31  ? -8.031  12.839  0.188   1.00 46.98 ? 47  LEU A N   1 
ATOM   112  C  CA  . LEU A 1 31  ? -8.136  11.467  -0.294  1.00 38.70 ? 47  LEU A CA  1 
ATOM   113  C  C   . LEU A 1 31  ? -6.769  10.789  -0.306  1.00 36.96 ? 47  LEU A C   1 
ATOM   114  O  O   . LEU A 1 31  ? -5.762  11.413  -0.641  1.00 42.10 ? 47  LEU A O   1 
ATOM   115  C  CB  . LEU A 1 31  ? -8.743  11.436  -1.698  1.00 34.80 ? 47  LEU A CB  1 
ATOM   116  C  CG  . LEU A 1 31  ? -8.942  10.048  -2.310  1.00 41.07 ? 47  LEU A CG  1 
ATOM   117  C  CD1 . LEU A 1 31  ? -9.849  9.199   -1.427  1.00 36.46 ? 47  LEU A CD1 1 
ATOM   118  C  CD2 . LEU A 1 31  ? -9.502  10.150  -3.720  1.00 41.08 ? 47  LEU A CD2 1 
ATOM   119  N  N   . HIS A 1 32  ? -6.740  9.512   0.061   1.00 32.38 ? 48  HIS A N   1 
ATOM   120  C  CA  . HIS A 1 32  ? -5.494  8.754   0.072   1.00 28.39 ? 48  HIS A CA  1 
ATOM   121  C  C   . HIS A 1 32  ? -5.746  7.259   0.232   1.00 24.45 ? 48  HIS A C   1 
ATOM   122  O  O   . HIS A 1 32  ? -6.861  6.832   0.519   1.00 25.60 ? 48  HIS A O   1 
ATOM   123  C  CB  . HIS A 1 32  ? -4.572  9.251   1.186   1.00 29.07 ? 48  HIS A CB  1 
ATOM   124  C  CG  . HIS A 1 32  ? -5.077  8.957   2.564   1.00 28.98 ? 48  HIS A CG  1 
ATOM   125  N  ND1 . HIS A 1 32  ? -5.983  9.769   3.215   1.00 27.86 ? 48  HIS A ND1 1 
ATOM   126  C  CD2 . HIS A 1 32  ? -4.801  7.942   3.416   1.00 24.94 ? 48  HIS A CD2 1 
ATOM   127  C  CE1 . HIS A 1 32  ? -6.244  9.264   4.407   1.00 26.75 ? 48  HIS A CE1 1 
ATOM   128  N  NE2 . HIS A 1 32  ? -5.541  8.155   4.553   1.00 24.05 ? 48  HIS A NE2 1 
ATOM   129  N  N   . TYR A 1 33  ? -4.696  6.468   0.042   1.00 23.04 ? 49  TYR A N   1 
ATOM   130  C  CA  . TYR A 1 33  ? -4.796  5.021   0.146   1.00 20.36 ? 49  TYR A CA  1 
ATOM   131  C  C   . TYR A 1 33  ? -3.910  4.505   1.271   1.00 24.45 ? 49  TYR A C   1 
ATOM   132  O  O   . TYR A 1 33  ? -2.761  4.918   1.410   1.00 22.19 ? 49  TYR A O   1 
ATOM   133  C  CB  . TYR A 1 33  ? -4.397  4.361   -1.174  1.00 15.91 ? 49  TYR A CB  1 
ATOM   134  C  CG  . TYR A 1 33  ? -5.324  4.678   -2.325  1.00 24.34 ? 49  TYR A CG  1 
ATOM   135  C  CD1 . TYR A 1 33  ? -5.259  5.903   -2.978  1.00 22.75 ? 49  TYR A CD1 1 
ATOM   136  C  CD2 . TYR A 1 33  ? -6.262  3.751   -2.765  1.00 24.81 ? 49  TYR A CD2 1 
ATOM   137  C  CE1 . TYR A 1 33  ? -6.102  6.198   -4.031  1.00 23.48 ? 49  TYR A CE1 1 
ATOM   138  C  CE2 . TYR A 1 33  ? -7.110  4.037   -3.817  1.00 25.08 ? 49  TYR A CE2 1 
ATOM   139  C  CZ  . TYR A 1 33  ? -7.024  5.262   -4.448  1.00 25.72 ? 49  TYR A CZ  1 
ATOM   140  O  OH  . TYR A 1 33  ? -7.866  5.550   -5.497  1.00 29.15 ? 49  TYR A OH  1 
ATOM   141  N  N   . ASP A 1 34  ? -4.452  3.601   2.075   1.00 22.37 ? 50  ASP A N   1 
ATOM   142  C  CA  . ASP A 1 34  ? -3.687  2.997   3.153   1.00 21.97 ? 50  ASP A CA  1 
ATOM   143  C  C   . ASP A 1 34  ? -3.203  1.609   2.750   1.00 21.95 ? 50  ASP A C   1 
ATOM   144  O  O   . ASP A 1 34  ? -3.997  0.693   2.526   1.00 23.62 ? 50  ASP A O   1 
ATOM   145  C  CB  . ASP A 1 34  ? -4.504  2.966   4.449   1.00 29.24 ? 50  ASP A CB  1 
ATOM   146  C  CG  . ASP A 1 34  ? -4.530  4.316   5.150   1.00 25.19 ? 50  ASP A CG  1 
ATOM   147  O  OD1 . ASP A 1 34  ? -3.444  4.907   5.336   1.00 23.68 ? 50  ASP A OD1 1 
ATOM   148  O  OD2 . ASP A 1 34  ? -5.629  4.788   5.510   1.00 20.82 ? 50  ASP A OD2 1 
ATOM   149  N  N   . PHE A 1 35  ? -1.885  1.481   2.661   1.00 22.35 ? 51  PHE A N   1 
ATOM   150  C  CA  . PHE A 1 35  ? -1.219  0.283   2.174   1.00 17.78 ? 51  PHE A CA  1 
ATOM   151  C  C   . PHE A 1 35  ? -0.704  -0.516  3.367   1.00 20.90 ? 51  PHE A C   1 
ATOM   152  O  O   . PHE A 1 35  ? 0.185   -0.059  4.089   1.00 24.61 ? 51  PHE A O   1 
ATOM   153  C  CB  . PHE A 1 35  ? -0.057  0.709   1.273   1.00 20.55 ? 51  PHE A CB  1 
ATOM   154  C  CG  . PHE A 1 35  ? 0.623   -0.423  0.563   1.00 23.09 ? 51  PHE A CG  1 
ATOM   155  C  CD1 . PHE A 1 35  ? 1.723   -1.050  1.123   1.00 22.25 ? 51  PHE A CD1 1 
ATOM   156  C  CD2 . PHE A 1 35  ? 0.182   -0.838  -0.682  1.00 19.30 ? 51  PHE A CD2 1 
ATOM   157  C  CE1 . PHE A 1 35  ? 2.357   -2.086  0.466   1.00 23.64 ? 51  PHE A CE1 1 
ATOM   158  C  CE2 . PHE A 1 35  ? 0.811   -1.875  -1.345  1.00 26.36 ? 51  PHE A CE2 1 
ATOM   159  C  CZ  . PHE A 1 35  ? 1.902   -2.499  -0.770  1.00 26.68 ? 51  PHE A CZ  1 
ATOM   160  N  N   . ARG A 1 36  ? -1.259  -1.703  3.583   1.00 21.53 ? 52  ARG A N   1 
ATOM   161  C  CA  . ARG A 1 36  ? -0.937  -2.476  4.781   1.00 21.65 ? 52  ARG A CA  1 
ATOM   162  C  C   . ARG A 1 36  ? -0.342  -3.846  4.472   1.00 20.98 ? 52  ARG A C   1 
ATOM   163  O  O   . ARG A 1 36  ? -0.799  -4.549  3.571   1.00 23.90 ? 52  ARG A O   1 
ATOM   164  C  CB  . ARG A 1 36  ? -2.176  -2.625  5.669   1.00 21.65 ? 52  ARG A CB  1 
ATOM   165  C  CG  . ARG A 1 36  ? -2.973  -1.338  5.838   1.00 22.64 ? 52  ARG A CG  1 
ATOM   166  C  CD  . ARG A 1 36  ? -4.016  -1.459  6.940   1.00 20.64 ? 52  ARG A CD  1 
ATOM   167  N  NE  . ARG A 1 36  ? -4.930  -0.319  6.947   1.00 21.30 ? 52  ARG A NE  1 
ATOM   168  C  CZ  . ARG A 1 36  ? -4.657  0.858   7.502   1.00 23.16 ? 52  ARG A CZ  1 
ATOM   169  N  NH1 . ARG A 1 36  ? -3.489  1.061   8.097   1.00 20.79 ? 52  ARG A NH1 1 
ATOM   170  N  NH2 . ARG A 1 36  ? -5.553  1.838   7.455   1.00 22.08 ? 52  ARG A NH2 1 
ATOM   171  N  N   . LEU A 1 37  ? 0.681   -4.216  5.234   1.00 20.64 ? 53  LEU A N   1 
ATOM   172  C  CA  . LEU A 1 37  ? 1.354   -5.498  5.071   1.00 24.15 ? 53  LEU A CA  1 
ATOM   173  C  C   . LEU A 1 37  ? 1.501   -6.187  6.423   1.00 25.21 ? 53  LEU A C   1 
ATOM   174  O  O   . LEU A 1 37  ? 2.088   -5.627  7.349   1.00 22.65 ? 53  LEU A O   1 
ATOM   175  C  CB  . LEU A 1 37  ? 2.738   -5.297  4.450   1.00 25.40 ? 53  LEU A CB  1 
ATOM   176  C  CG  . LEU A 1 37  ? 2.808   -4.504  3.147   1.00 24.60 ? 53  LEU A CG  1 
ATOM   177  C  CD1 . LEU A 1 37  ? 4.254   -4.262  2.751   1.00 25.51 ? 53  LEU A CD1 1 
ATOM   178  C  CD2 . LEU A 1 37  ? 2.053   -5.223  2.035   1.00 31.59 ? 53  LEU A CD2 1 
ATOM   179  N  N   . GLU A 1 38  ? 0.968   -7.398  6.540   1.00 24.96 ? 54  GLU A N   1 
ATOM   180  C  CA  . GLU A 1 38  ? 1.070   -8.143  7.787   1.00 28.35 ? 54  GLU A CA  1 
ATOM   181  C  C   . GLU A 1 38  ? 2.506   -8.571  8.064   1.00 28.42 ? 54  GLU A C   1 
ATOM   182  O  O   . GLU A 1 38  ? 3.204   -9.057  7.173   1.00 28.49 ? 54  GLU A O   1 
ATOM   183  C  CB  . GLU A 1 38  ? 0.161   -9.373  7.776   1.00 29.85 ? 54  GLU A CB  1 
ATOM   184  C  CG  . GLU A 1 38  ? 0.336   -10.263 9.001   1.00 24.02 ? 54  GLU A CG  1 
ATOM   185  C  CD  . GLU A 1 38  ? -0.443  -11.563 8.910   1.00 33.65 ? 54  GLU A CD  1 
ATOM   186  O  OE1 . GLU A 1 38  ? -1.263  -11.713 7.978   1.00 31.79 ? 54  GLU A OE1 1 
ATOM   187  O  OE2 . GLU A 1 38  ? -0.233  -12.438 9.776   1.00 31.87 ? 54  GLU A OE2 1 
ATOM   188  N  N   . LEU A 1 39  ? 2.935   -8.381  9.306   1.00 28.21 ? 55  LEU A N   1 
ATOM   189  C  CA  . LEU A 1 39  ? 4.238   -8.844  9.759   1.00 27.92 ? 55  LEU A CA  1 
ATOM   190  C  C   . LEU A 1 39  ? 4.239   -8.918  11.280  1.00 27.67 ? 55  LEU A C   1 
ATOM   191  O  O   . LEU A 1 39  ? 3.838   -7.968  11.952  1.00 26.49 ? 55  LEU A O   1 
ATOM   192  C  CB  . LEU A 1 39  ? 5.348   -7.907  9.276   1.00 29.12 ? 55  LEU A CB  1 
ATOM   193  C  CG  . LEU A 1 39  ? 6.782   -8.365  9.558   1.00 34.25 ? 55  LEU A CG  1 
ATOM   194  C  CD1 . LEU A 1 39  ? 7.079   -9.677  8.840   1.00 33.29 ? 55  LEU A CD1 1 
ATOM   195  C  CD2 . LEU A 1 39  ? 7.789   -7.295  9.156   1.00 33.26 ? 55  LEU A CD2 1 
ATOM   196  N  N   . ASP A 1 40  ? 4.676   -10.052 11.815  1.00 32.64 ? 56  ASP A N   1 
ATOM   197  C  CA  . ASP A 1 40  ? 4.742   -10.250 13.260  1.00 29.04 ? 56  ASP A CA  1 
ATOM   198  C  C   . ASP A 1 40  ? 3.428   -9.950  13.977  1.00 25.64 ? 56  ASP A C   1 
ATOM   199  O  O   . ASP A 1 40  ? 3.423   -9.347  15.049  1.00 30.85 ? 56  ASP A O   1 
ATOM   200  C  CB  . ASP A 1 40  ? 5.871   -9.409  13.861  1.00 31.88 ? 56  ASP A CB  1 
ATOM   201  C  CG  . ASP A 1 40  ? 7.240   -9.930  13.484  1.00 43.73 ? 56  ASP A CG  1 
ATOM   202  O  OD1 . ASP A 1 40  ? 7.375   -11.160 13.312  1.00 35.50 ? 56  ASP A OD1 1 
ATOM   203  O  OD2 . ASP A 1 40  ? 8.180   -9.114  13.363  1.00 47.32 ? 56  ASP A OD2 1 
ATOM   204  N  N   . GLY A 1 41  ? 2.316   -10.366 13.380  1.00 29.32 ? 57  GLY A N   1 
ATOM   205  C  CA  . GLY A 1 41  ? 1.018   -10.251 14.021  1.00 29.00 ? 57  GLY A CA  1 
ATOM   206  C  C   . GLY A 1 41  ? 0.412   -8.860  14.015  1.00 25.24 ? 57  GLY A C   1 
ATOM   207  O  O   . GLY A 1 41  ? -0.525  -8.586  14.765  1.00 21.71 ? 57  GLY A O   1 
ATOM   208  N  N   . THR A 1 42  ? 0.943   -7.981  13.172  1.00 26.57 ? 58  THR A N   1 
ATOM   209  C  CA  . THR A 1 42  ? 0.398   -6.636  13.031  1.00 23.31 ? 58  THR A CA  1 
ATOM   210  C  C   . THR A 1 42  ? 0.485   -6.173  11.576  1.00 26.38 ? 58  THR A C   1 
ATOM   211  O  O   . THR A 1 42  ? 1.150   -6.805  10.755  1.00 26.02 ? 58  THR A O   1 
ATOM   212  C  CB  . THR A 1 42  ? 1.119   -5.633  13.959  1.00 26.05 ? 58  THR A CB  1 
ATOM   213  O  OG1 . THR A 1 42  ? 0.394   -4.397  13.998  1.00 26.81 ? 58  THR A OG1 1 
ATOM   214  C  CG2 . THR A 1 42  ? 2.541   -5.380  13.480  1.00 22.51 ? 58  THR A CG2 1 
ATOM   215  N  N   . LEU A 1 43  ? -0.200  -5.081  11.255  1.00 23.10 ? 59  LEU A N   1 
ATOM   216  C  CA  . LEU A 1 43  ? -0.185  -4.551  9.895   1.00 24.91 ? 59  LEU A CA  1 
ATOM   217  C  C   . LEU A 1 43  ? 0.719   -3.327  9.769   1.00 19.82 ? 59  LEU A C   1 
ATOM   218  O  O   . LEU A 1 43  ? 0.406   -2.258  10.294  1.00 19.56 ? 59  LEU A O   1 
ATOM   219  C  CB  . LEU A 1 43  ? -1.599  -4.191  9.435   1.00 20.95 ? 59  LEU A CB  1 
ATOM   220  C  CG  . LEU A 1 43  ? -2.610  -5.329  9.278   1.00 23.58 ? 59  LEU A CG  1 
ATOM   221  C  CD1 . LEU A 1 43  ? -4.007  -4.774  9.025   1.00 22.95 ? 59  LEU A CD1 1 
ATOM   222  C  CD2 . LEU A 1 43  ? -2.189  -6.268  8.162   1.00 20.82 ? 59  LEU A CD2 1 
ATOM   223  N  N   . LYS A 1 44  ? 1.838   -3.486  9.072   1.00 17.22 ? 60  LYS A N   1 
ATOM   224  C  CA  . LYS A 1 44  ? 2.696   -2.352  8.750   1.00 19.53 ? 60  LYS A CA  1 
ATOM   225  C  C   . LYS A 1 44  ? 1.966   -1.488  7.731   1.00 19.34 ? 60  LYS A C   1 
ATOM   226  O  O   . LYS A 1 44  ? 1.538   -1.982  6.689   1.00 20.59 ? 60  LYS A O   1 
ATOM   227  C  CB  . LYS A 1 44  ? 4.035   -2.831  8.192   1.00 21.14 ? 60  LYS A CB  1 
ATOM   228  C  CG  . LYS A 1 44  ? 4.765   -3.795  9.113   1.00 20.70 ? 60  LYS A CG  1 
ATOM   229  C  CD  . LYS A 1 44  ? 4.951   -3.193  10.497  1.00 21.22 ? 60  LYS A CD  1 
ATOM   230  C  CE  . LYS A 1 44  ? 5.620   -4.178  11.444  1.00 29.56 ? 60  LYS A CE  1 
ATOM   231  N  NZ  . LYS A 1 44  ? 5.817   -3.605  12.805  1.00 35.20 ? 60  LYS A NZ  1 
ATOM   232  N  N   . SER A 1 45  ? 1.820   -0.202  8.036   1.00 16.54 ? 61  SER A N   1 
ATOM   233  C  CA  . SER A 1 45  ? 0.943   0.662   7.256   1.00 19.11 ? 61  SER A CA  1 
ATOM   234  C  C   . SER A 1 45  ? 1.613   1.940   6.763   1.00 19.82 ? 61  SER A C   1 
ATOM   235  O  O   . SER A 1 45  ? 2.296   2.627   7.519   1.00 18.22 ? 61  SER A O   1 
ATOM   236  C  CB  . SER A 1 45  ? -0.302  1.013   8.072   1.00 16.74 ? 61  SER A CB  1 
ATOM   237  O  OG  . SER A 1 45  ? -0.958  -0.158  8.525   1.00 18.63 ? 61  SER A OG  1 
ATOM   238  N  N   . TRP A 1 46  ? 1.399   2.248   5.486   1.00 22.75 ? 62  TRP A N   1 
ATOM   239  C  CA  . TRP A 1 46  ? 1.853   3.497   4.888   1.00 19.02 ? 62  TRP A CA  1 
ATOM   240  C  C   . TRP A 1 46  ? 0.666   4.230   4.278   1.00 19.36 ? 62  TRP A C   1 
ATOM   241  O  O   . TRP A 1 46  ? -0.189  3.614   3.640   1.00 22.46 ? 62  TRP A O   1 
ATOM   242  C  CB  . TRP A 1 46  ? 2.884   3.229   3.791   1.00 18.45 ? 62  TRP A CB  1 
ATOM   243  C  CG  . TRP A 1 46  ? 4.173   2.631   4.271   1.00 20.47 ? 62  TRP A CG  1 
ATOM   244  C  CD1 . TRP A 1 46  ? 5.366   3.276   4.427   1.00 24.12 ? 62  TRP A CD1 1 
ATOM   245  C  CD2 . TRP A 1 46  ? 4.404   1.267   4.644   1.00 20.21 ? 62  TRP A CD2 1 
ATOM   246  N  NE1 . TRP A 1 46  ? 6.324   2.399   4.876   1.00 26.37 ? 62  TRP A NE1 1 
ATOM   247  C  CE2 . TRP A 1 46  ? 5.759   1.160   5.016   1.00 21.51 ? 62  TRP A CE2 1 
ATOM   248  C  CE3 . TRP A 1 46  ? 3.596   0.127   4.700   1.00 19.55 ? 62  TRP A CE3 1 
ATOM   249  C  CZ2 . TRP A 1 46  ? 6.324   -0.042  5.441   1.00 21.48 ? 62  TRP A CZ2 1 
ATOM   250  C  CZ3 . TRP A 1 46  ? 4.159   -1.065  5.123   1.00 19.61 ? 62  TRP A CZ3 1 
ATOM   251  C  CH2 . TRP A 1 46  ? 5.510   -1.140  5.487   1.00 28.11 ? 62  TRP A CH2 1 
ATOM   252  N  N   . ALA A 1 47  ? 0.617   5.543   4.469   1.00 20.28 ? 63  ALA A N   1 
ATOM   253  C  CA  . ALA A 1 47  ? -0.395  6.369   3.826   1.00 21.49 ? 63  ALA A CA  1 
ATOM   254  C  C   . ALA A 1 47  ? 0.111   6.856   2.470   1.00 23.35 ? 63  ALA A C   1 
ATOM   255  O  O   . ALA A 1 47  ? 1.061   7.631   2.396   1.00 23.32 ? 63  ALA A O   1 
ATOM   256  C  CB  . ALA A 1 47  ? -0.766  7.547   4.713   1.00 16.68 ? 63  ALA A CB  1 
ATOM   257  N  N   . VAL A 1 48  ? -0.530  6.390   1.402   1.00 25.07 ? 64  VAL A N   1 
ATOM   258  C  CA  . VAL A 1 48  ? -0.139  6.727   0.036   1.00 22.68 ? 64  VAL A CA  1 
ATOM   259  C  C   . VAL A 1 48  ? -1.182  7.648   -0.596  1.00 25.90 ? 64  VAL A C   1 
ATOM   260  O  O   . VAL A 1 48  ? -2.190  7.181   -1.132  1.00 23.54 ? 64  VAL A O   1 
ATOM   261  C  CB  . VAL A 1 48  ? 0.003   5.456   -0.825  1.00 22.98 ? 64  VAL A CB  1 
ATOM   262  C  CG1 . VAL A 1 48  ? 0.529   5.802   -2.209  1.00 24.70 ? 64  VAL A CG1 1 
ATOM   263  C  CG2 . VAL A 1 48  ? 0.914   4.450   -0.139  1.00 22.44 ? 64  VAL A CG2 1 
ATOM   264  N  N   . PRO A 1 49  ? -0.936  8.965   -0.535  1.00 18.97 ? 65  PRO A N   1 
ATOM   265  C  CA  . PRO A 1 49  ? -1.886  10.008  -0.939  1.00 23.74 ? 65  PRO A CA  1 
ATOM   266  C  C   . PRO A 1 49  ? -2.420  9.829   -2.356  1.00 27.52 ? 65  PRO A C   1 
ATOM   267  O  O   . PRO A 1 49  ? -3.609  10.042  -2.590  1.00 29.25 ? 65  PRO A O   1 
ATOM   268  C  CB  . PRO A 1 49  ? -1.050  11.289  -0.862  1.00 24.43 ? 65  PRO A CB  1 
ATOM   269  C  CG  . PRO A 1 49  ? 0.022   10.982  0.108   1.00 26.53 ? 65  PRO A CG  1 
ATOM   270  C  CD  . PRO A 1 49  ? 0.345   9.534   -0.086  1.00 25.28 ? 65  PRO A CD  1 
ATOM   271  N  N   . LYS A 1 50  ? -1.550  9.448   -3.285  1.00 23.78 ? 66  LYS A N   1 
ATOM   272  C  CA  . LYS A 1 50  ? -1.932  9.333   -4.685  1.00 27.43 ? 66  LYS A CA  1 
ATOM   273  C  C   . LYS A 1 50  ? -2.140  7.882   -5.101  1.00 20.74 ? 66  LYS A C   1 
ATOM   274  O  O   . LYS A 1 50  ? -2.320  7.588   -6.278  1.00 23.66 ? 66  LYS A O   1 
ATOM   275  C  CB  . LYS A 1 50  ? -0.885  9.998   -5.585  1.00 23.72 ? 66  LYS A CB  1 
ATOM   276  C  CG  . LYS A 1 50  ? -0.757  11.499  -5.383  1.00 26.08 ? 66  LYS A CG  1 
ATOM   277  C  CD  . LYS A 1 50  ? 0.193   12.110  -6.402  1.00 39.33 ? 66  LYS A CD  1 
ATOM   278  C  CE  . LYS A 1 50  ? 0.299   13.618  -6.230  1.00 36.82 ? 66  LYS A CE  1 
ATOM   279  N  NZ  . LYS A 1 50  ? 1.175   14.222  -7.274  1.00 49.41 ? 66  LYS A NZ  1 
ATOM   280  N  N   . GLY A 1 51  ? -2.108  6.978   -4.130  1.00 24.98 ? 67  GLY A N   1 
ATOM   281  C  CA  . GLY A 1 51  ? -2.378  5.577   -4.393  1.00 21.99 ? 67  GLY A CA  1 
ATOM   282  C  C   . GLY A 1 51  ? -1.270  4.873   -5.147  1.00 24.52 ? 67  GLY A C   1 
ATOM   283  O  O   . GLY A 1 51  ? -0.415  5.517   -5.757  1.00 21.60 ? 67  GLY A O   1 
ATOM   284  N  N   . PRO A 1 52  ? -1.284  3.533   -5.111  1.00 21.11 ? 68  PRO A N   1 
ATOM   285  C  CA  . PRO A 1 52  ? -0.276  2.708   -5.779  1.00 18.44 ? 68  PRO A CA  1 
ATOM   286  C  C   . PRO A 1 52  ? -0.336  2.854   -7.295  1.00 26.71 ? 68  PRO A C   1 
ATOM   287  O  O   . PRO A 1 52  ? -1.378  3.213   -7.847  1.00 20.23 ? 68  PRO A O   1 
ATOM   288  C  CB  . PRO A 1 52  ? -0.659  1.285   -5.365  1.00 18.58 ? 68  PRO A CB  1 
ATOM   289  C  CG  . PRO A 1 52  ? -2.102  1.366   -5.012  1.00 18.79 ? 68  PRO A CG  1 
ATOM   290  C  CD  . PRO A 1 52  ? -2.297  2.720   -4.419  1.00 14.00 ? 68  PRO A CD  1 
ATOM   291  N  N   . CYS A 1 53  ? 0.784   2.580   -7.957  1.00 23.95 ? 69  CYS A N   1 
ATOM   292  C  CA  . CYS A 1 53  ? 0.863   2.700   -9.406  1.00 21.14 ? 69  CYS A CA  1 
ATOM   293  C  C   . CYS A 1 53  ? 1.579   1.495   -10.000 1.00 21.53 ? 69  CYS A C   1 
ATOM   294  O  O   . CYS A 1 53  ? 2.606   1.060   -9.485  1.00 19.30 ? 69  CYS A O   1 
ATOM   295  C  CB  . CYS A 1 53  ? 1.589   3.989   -9.791  1.00 26.87 ? 69  CYS A CB  1 
ATOM   296  S  SG  . CYS A 1 53  ? 1.535   4.373   -11.548 1.00 25.18 ? 69  CYS A SG  1 
ATOM   297  N  N   . LEU A 1 54  ? 1.030   0.952   -11.081 1.00 22.59 ? 70  LEU A N   1 
ATOM   298  C  CA  . LEU A 1 54  ? 1.625   -0.211  -11.730 1.00 23.47 ? 70  LEU A CA  1 
ATOM   299  C  C   . LEU A 1 54  ? 2.750   0.186   -12.692 1.00 23.65 ? 70  LEU A C   1 
ATOM   300  O  O   . LEU A 1 54  ? 3.425   -0.676  -13.257 1.00 22.40 ? 70  LEU A O   1 
ATOM   301  C  CB  . LEU A 1 54  ? 0.550   -1.022  -12.460 1.00 20.64 ? 70  LEU A CB  1 
ATOM   302  C  CG  . LEU A 1 54  ? -0.532  -1.636  -11.567 1.00 27.12 ? 70  LEU A CG  1 
ATOM   303  C  CD1 . LEU A 1 54  ? -1.678  -2.202  -12.395 1.00 22.64 ? 70  LEU A CD1 1 
ATOM   304  C  CD2 . LEU A 1 54  ? 0.060   -2.704  -10.652 1.00 21.34 ? 70  LEU A CD2 1 
ATOM   305  N  N   . ASP A 1 55  ? 2.948   1.489   -12.869 1.00 19.78 ? 71  ASP A N   1 
ATOM   306  C  CA  . ASP A 1 55  ? 3.991   2.001   -13.757 1.00 22.40 ? 71  ASP A CA  1 
ATOM   307  C  C   . ASP A 1 55  ? 5.319   2.099   -13.012 1.00 24.93 ? 71  ASP A C   1 
ATOM   308  O  O   . ASP A 1 55  ? 5.503   2.981   -12.175 1.00 23.55 ? 71  ASP A O   1 
ATOM   309  C  CB  . ASP A 1 55  ? 3.587   3.369   -14.319 1.00 21.85 ? 71  ASP A CB  1 
ATOM   310  C  CG  . ASP A 1 55  ? 4.527   3.861   -15.410 1.00 33.21 ? 71  ASP A CG  1 
ATOM   311  O  OD1 . ASP A 1 55  ? 5.701   3.430   -15.439 1.00 29.51 ? 71  ASP A OD1 1 
ATOM   312  O  OD2 . ASP A 1 55  ? 4.088   4.687   -16.242 1.00 26.16 ? 71  ASP A OD2 1 
ATOM   313  N  N   . PRO A 1 56  ? 6.250   1.185   -13.318 1.00 28.68 ? 72  PRO A N   1 
ATOM   314  C  CA  . PRO A 1 56  ? 7.548   1.094   -12.638 1.00 23.57 ? 72  PRO A CA  1 
ATOM   315  C  C   . PRO A 1 56  ? 8.318   2.411   -12.645 1.00 26.70 ? 72  PRO A C   1 
ATOM   316  O  O   . PRO A 1 56  ? 9.190   2.613   -11.800 1.00 27.32 ? 72  PRO A O   1 
ATOM   317  C  CB  . PRO A 1 56  ? 8.300   0.048   -13.464 1.00 29.14 ? 72  PRO A CB  1 
ATOM   318  C  CG  . PRO A 1 56  ? 7.231   -0.781  -14.086 1.00 25.31 ? 72  PRO A CG  1 
ATOM   319  C  CD  . PRO A 1 56  ? 6.105   0.163   -14.370 1.00 23.09 ? 72  PRO A CD  1 
ATOM   320  N  N   . ALA A 1 57  ? 8.001   3.295   -13.586 1.00 26.60 ? 73  ALA A N   1 
ATOM   321  C  CA  . ALA A 1 57  ? 8.709   4.568   -13.689 1.00 30.55 ? 73  ALA A CA  1 
ATOM   322  C  C   . ALA A 1 57  ? 8.155   5.605   -12.716 1.00 25.46 ? 73  ALA A C   1 
ATOM   323  O  O   . ALA A 1 57  ? 8.798   6.622   -12.447 1.00 27.74 ? 73  ALA A O   1 
ATOM   324  C  CB  . ALA A 1 57  ? 8.662   5.094   -15.121 1.00 22.94 ? 73  ALA A CB  1 
ATOM   325  N  N   . VAL A 1 58  ? 6.965   5.343   -12.189 1.00 20.20 ? 74  VAL A N   1 
ATOM   326  C  CA  . VAL A 1 58  ? 6.320   6.268   -11.267 1.00 23.32 ? 74  VAL A CA  1 
ATOM   327  C  C   . VAL A 1 58  ? 6.651   5.940   -9.814  1.00 23.80 ? 74  VAL A C   1 
ATOM   328  O  O   . VAL A 1 58  ? 6.574   4.787   -9.393  1.00 27.76 ? 74  VAL A O   1 
ATOM   329  C  CB  . VAL A 1 58  ? 4.786   6.276   -11.450 1.00 29.61 ? 74  VAL A CB  1 
ATOM   330  C  CG1 . VAL A 1 58  ? 4.113   7.048   -10.319 1.00 27.95 ? 74  VAL A CG1 1 
ATOM   331  C  CG2 . VAL A 1 58  ? 4.413   6.866   -12.801 1.00 28.63 ? 74  VAL A CG2 1 
ATOM   332  N  N   . LYS A 1 59  ? 7.024   6.964   -9.057  1.00 25.12 ? 75  LYS A N   1 
ATOM   333  C  CA  . LYS A 1 59  ? 7.293   6.816   -7.632  1.00 27.51 ? 75  LYS A CA  1 
ATOM   334  C  C   . LYS A 1 59  ? 6.192   7.504   -6.842  1.00 22.93 ? 75  LYS A C   1 
ATOM   335  O  O   . LYS A 1 59  ? 5.948   8.696   -7.012  1.00 26.04 ? 75  LYS A O   1 
ATOM   336  C  CB  . LYS A 1 59  ? 8.653   7.422   -7.269  1.00 26.84 ? 75  LYS A CB  1 
ATOM   337  C  CG  . LYS A 1 59  ? 9.838   6.783   -7.984  1.00 25.90 ? 75  LYS A CG  1 
ATOM   338  C  CD  . LYS A 1 59  ? 11.149  7.437   -7.570  1.00 26.82 ? 75  LYS A CD  1 
ATOM   339  C  CE  . LYS A 1 59  ? 12.333  6.827   -8.307  1.00 28.02 ? 75  LYS A CE  1 
ATOM   340  N  NZ  . LYS A 1 59  ? 12.204  6.972   -9.785  1.00 21.90 ? 75  LYS A NZ  1 
ATOM   341  N  N   . ARG A 1 60  ? 5.520   6.751   -5.980  1.00 23.82 ? 76  ARG A N   1 
ATOM   342  C  CA  . ARG A 1 60  ? 4.429   7.309   -5.196  1.00 25.00 ? 76  ARG A CA  1 
ATOM   343  C  C   . ARG A 1 60  ? 4.838   7.486   -3.741  1.00 22.19 ? 76  ARG A C   1 
ATOM   344  O  O   . ARG A 1 60  ? 5.463   6.606   -3.149  1.00 25.03 ? 76  ARG A O   1 
ATOM   345  C  CB  . ARG A 1 60  ? 3.180   6.430   -5.315  1.00 28.40 ? 76  ARG A CB  1 
ATOM   346  C  CG  . ARG A 1 60  ? 2.529   6.480   -6.694  1.00 22.24 ? 76  ARG A CG  1 
ATOM   347  C  CD  . ARG A 1 60  ? 1.816   7.807   -6.914  1.00 24.74 ? 76  ARG A CD  1 
ATOM   348  N  NE  . ARG A 1 60  ? 1.453   8.032   -8.315  1.00 24.06 ? 76  ARG A NE  1 
ATOM   349  C  CZ  . ARG A 1 60  ? 0.344   7.573   -8.887  1.00 25.52 ? 76  ARG A CZ  1 
ATOM   350  N  NH1 . ARG A 1 60  ? -0.518  6.850   -8.187  1.00 24.12 ? 76  ARG A NH1 1 
ATOM   351  N  NH2 . ARG A 1 60  ? 0.096   7.831   -10.163 1.00 25.90 ? 76  ARG A NH2 1 
ATOM   352  N  N   . LEU A 1 61  ? 4.499   8.637   -3.175  1.00 20.44 ? 77  LEU A N   1 
ATOM   353  C  CA  . LEU A 1 61  ? 4.801   8.911   -1.779  1.00 22.76 ? 77  LEU A CA  1 
ATOM   354  C  C   . LEU A 1 61  ? 4.059   7.940   -0.868  1.00 25.33 ? 77  LEU A C   1 
ATOM   355  O  O   . LEU A 1 61  ? 2.866   7.692   -1.048  1.00 22.63 ? 77  LEU A O   1 
ATOM   356  C  CB  . LEU A 1 61  ? 4.429   10.348  -1.417  1.00 22.97 ? 77  LEU A CB  1 
ATOM   357  C  CG  . LEU A 1 61  ? 4.675   10.726  0.044   1.00 24.24 ? 77  LEU A CG  1 
ATOM   358  C  CD1 . LEU A 1 61  ? 6.133   10.487  0.420   1.00 22.28 ? 77  LEU A CD1 1 
ATOM   359  C  CD2 . LEU A 1 61  ? 4.278   12.169  0.303   1.00 26.50 ? 77  LEU A CD2 1 
ATOM   360  N  N   . ALA A 1 62  ? 4.774   7.391   0.107   1.00 23.62 ? 78  ALA A N   1 
ATOM   361  C  CA  . ALA A 1 62  ? 4.178   6.480   1.072   1.00 21.37 ? 78  ALA A CA  1 
ATOM   362  C  C   . ALA A 1 62  ? 4.675   6.817   2.473   1.00 21.59 ? 78  ALA A C   1 
ATOM   363  O  O   . ALA A 1 62  ? 5.759   6.399   2.879   1.00 19.11 ? 78  ALA A O   1 
ATOM   364  C  CB  . ALA A 1 62  ? 4.503   5.036   0.718   1.00 17.86 ? 78  ALA A CB  1 
ATOM   365  N  N   . VAL A 1 63  ? 3.871   7.585   3.200   1.00 20.98 ? 79  VAL A N   1 
ATOM   366  C  CA  . VAL A 1 63  ? 4.217   8.017   4.547   1.00 19.99 ? 79  VAL A CA  1 
ATOM   367  C  C   . VAL A 1 63  ? 3.877   6.950   5.580   1.00 21.78 ? 79  VAL A C   1 
ATOM   368  O  O   . VAL A 1 63  ? 2.706   6.675   5.840   1.00 21.45 ? 79  VAL A O   1 
ATOM   369  C  CB  . VAL A 1 63  ? 3.486   9.318   4.910   1.00 22.36 ? 79  VAL A CB  1 
ATOM   370  C  CG1 . VAL A 1 63  ? 3.729   9.676   6.369   1.00 16.29 ? 79  VAL A CG1 1 
ATOM   371  C  CG2 . VAL A 1 63  ? 3.924   10.449  3.983   1.00 16.29 ? 79  VAL A CG2 1 
ATOM   372  N  N   . GLN A 1 64  ? 4.909   6.351   6.165   1.00 23.36 ? 80  GLN A N   1 
ATOM   373  C  CA  . GLN A 1 64  ? 4.721   5.332   7.190   1.00 27.42 ? 80  GLN A CA  1 
ATOM   374  C  C   . GLN A 1 64  ? 3.854   5.860   8.331   1.00 23.82 ? 80  GLN A C   1 
ATOM   375  O  O   . GLN A 1 64  ? 4.090   6.952   8.849   1.00 28.48 ? 80  GLN A O   1 
ATOM   376  C  CB  . GLN A 1 64  ? 6.077   4.861   7.725   1.00 25.78 ? 80  GLN A CB  1 
ATOM   377  C  CG  . GLN A 1 64  ? 6.015   3.586   8.549   1.00 28.34 ? 80  GLN A CG  1 
ATOM   378  C  CD  . GLN A 1 64  ? 7.392   3.030   8.863   1.00 33.76 ? 80  GLN A CD  1 
ATOM   379  O  OE1 . GLN A 1 64  ? 8.322   3.776   9.166   1.00 43.77 ? 80  GLN A OE1 1 
ATOM   380  N  NE2 . GLN A 1 64  ? 7.526   1.711   8.791   1.00 36.86 ? 80  GLN A NE2 1 
ATOM   381  N  N   . VAL A 1 65  ? 2.842   5.088   8.715   1.00 26.43 ? 81  VAL A N   1 
ATOM   382  C  CA  . VAL A 1 65  ? 1.955   5.481   9.806   1.00 25.44 ? 81  VAL A CA  1 
ATOM   383  C  C   . VAL A 1 65  ? 1.808   4.374   10.844  1.00 21.94 ? 81  VAL A C   1 
ATOM   384  O  O   . VAL A 1 65  ? 2.566   3.405   10.847  1.00 23.13 ? 81  VAL A O   1 
ATOM   385  C  CB  . VAL A 1 65  ? 0.555   5.894   9.299   1.00 28.57 ? 81  VAL A CB  1 
ATOM   386  C  CG1 . VAL A 1 65  ? 0.641   7.185   8.497   1.00 25.40 ? 81  VAL A CG1 1 
ATOM   387  C  CG2 . VAL A 1 65  ? -0.071  4.773   8.474   1.00 20.23 ? 81  VAL A CG2 1 
ATOM   388  N  N   . GLU A 1 66  ? 0.816   4.525   11.717  1.00 22.03 ? 82  GLU A N   1 
ATOM   389  C  CA  . GLU A 1 66  ? 0.652   3.640   12.866  1.00 25.50 ? 82  GLU A CA  1 
ATOM   390  C  C   . GLU A 1 66  ? 0.303   2.206   12.478  1.00 23.90 ? 82  GLU A C   1 
ATOM   391  O  O   . GLU A 1 66  ? -0.531  1.975   11.607  1.00 25.32 ? 82  GLU A O   1 
ATOM   392  C  CB  . GLU A 1 66  ? -0.426  4.192   13.804  1.00 24.89 ? 82  GLU A CB  1 
ATOM   393  C  CG  . GLU A 1 66  ? -0.478  3.499   15.153  1.00 32.75 ? 82  GLU A CG  1 
ATOM   394  C  CD  . GLU A 1 66  ? 0.799   3.691   15.946  1.00 31.90 ? 82  GLU A CD  1 
ATOM   395  O  OE1 . GLU A 1 66  ? 1.475   4.718   15.737  1.00 27.99 ? 82  GLU A OE1 1 
ATOM   396  O  OE2 . GLU A 1 66  ? 1.122   2.817   16.779  1.00 31.73 ? 82  GLU A OE2 1 
ATOM   397  N  N   . ASP A 1 67  ? 0.944   1.244   13.137  1.00 24.19 ? 83  ASP A N   1 
ATOM   398  C  CA  . ASP A 1 67  ? 0.584   -0.160  12.976  1.00 27.15 ? 83  ASP A CA  1 
ATOM   399  C  C   . ASP A 1 67  ? -0.892  -0.365  13.288  1.00 27.98 ? 83  ASP A C   1 
ATOM   400  O  O   . ASP A 1 67  ? -1.427  0.240   14.218  1.00 26.33 ? 83  ASP A O   1 
ATOM   401  C  CB  . ASP A 1 67  ? 1.423   -1.042  13.902  1.00 26.81 ? 83  ASP A CB  1 
ATOM   402  C  CG  . ASP A 1 67  ? 2.835   -1.246  13.394  1.00 26.87 ? 83  ASP A CG  1 
ATOM   403  O  OD1 . ASP A 1 67  ? 3.175   -0.683  12.336  1.00 28.26 ? 83  ASP A OD1 1 
ATOM   404  O  OD2 . ASP A 1 67  ? 3.604   -1.977  14.054  1.00 31.47 ? 83  ASP A OD2 1 
ATOM   405  N  N   . HIS A 1 68  ? -1.547  -1.222  12.511  1.00 29.36 ? 84  HIS A N   1 
ATOM   406  C  CA  . HIS A 1 68  ? -2.952  -1.548  12.734  1.00 24.95 ? 84  HIS A CA  1 
ATOM   407  C  C   . HIS A 1 68  ? -3.136  -3.046  12.943  1.00 21.98 ? 84  HIS A C   1 
ATOM   408  O  O   . HIS A 1 68  ? -2.371  -3.849  12.413  1.00 22.58 ? 84  HIS A O   1 
ATOM   409  C  CB  . HIS A 1 68  ? -3.811  -1.066  11.561  1.00 21.60 ? 84  HIS A CB  1 
ATOM   410  C  CG  . HIS A 1 68  ? -4.116  0.399   11.599  1.00 24.18 ? 84  HIS A CG  1 
ATOM   411  N  ND1 . HIS A 1 68  ? -3.136  1.365   11.519  1.00 22.23 ? 84  HIS A ND1 1 
ATOM   412  C  CD2 . HIS A 1 68  ? -5.291  1.062   11.702  1.00 23.82 ? 84  HIS A CD2 1 
ATOM   413  C  CE1 . HIS A 1 68  ? -3.695  2.561   11.576  1.00 22.46 ? 84  HIS A CE1 1 
ATOM   414  N  NE2 . HIS A 1 68  ? -5.002  2.405   11.685  1.00 25.98 ? 84  HIS A NE2 1 
ATOM   415  N  N   . PRO A 1 69  ? -4.154  -3.425  13.727  1.00 27.09 ? 85  PRO A N   1 
ATOM   416  C  CA  . PRO A 1 69  ? -4.442  -4.837  14.003  1.00 24.20 ? 85  PRO A CA  1 
ATOM   417  C  C   . PRO A 1 69  ? -4.920  -5.571  12.752  1.00 25.76 ? 85  PRO A C   1 
ATOM   418  O  O   . PRO A 1 69  ? -5.509  -4.955  11.862  1.00 27.56 ? 85  PRO A O   1 
ATOM   419  C  CB  . PRO A 1 69  ? -5.557  -4.770  15.052  1.00 25.31 ? 85  PRO A CB  1 
ATOM   420  C  CG  . PRO A 1 69  ? -6.197  -3.436  14.843  1.00 22.78 ? 85  PRO A CG  1 
ATOM   421  C  CD  . PRO A 1 69  ? -5.083  -2.521  14.430  1.00 22.61 ? 85  PRO A CD  1 
ATOM   422  N  N   . LEU A 1 70  ? -4.667  -6.874  12.695  1.00 21.25 ? 86  LEU A N   1 
ATOM   423  C  CA  . LEU A 1 70  ? -4.944  -7.665  11.501  1.00 23.15 ? 86  LEU A CA  1 
ATOM   424  C  C   . LEU A 1 70  ? -6.405  -7.603  11.061  1.00 22.83 ? 86  LEU A C   1 
ATOM   425  O  O   . LEU A 1 70  ? -6.700  -7.641  9.866   1.00 23.86 ? 86  LEU A O   1 
ATOM   426  C  CB  . LEU A 1 70  ? -4.518  -9.120  11.716  1.00 23.60 ? 86  LEU A CB  1 
ATOM   427  C  CG  . LEU A 1 70  ? -3.079  -9.320  12.200  1.00 31.50 ? 86  LEU A CG  1 
ATOM   428  C  CD1 . LEU A 1 70  ? -2.769  -10.798 12.411  1.00 26.81 ? 86  LEU A CD1 1 
ATOM   429  C  CD2 . LEU A 1 70  ? -2.092  -8.696  11.227  1.00 28.06 ? 86  LEU A CD2 1 
ATOM   430  N  N   . ASP A 1 71  ? -7.314  -7.502  12.025  1.00 22.94 ? 87  ASP A N   1 
ATOM   431  C  CA  . ASP A 1 71  ? -8.745  -7.476  11.727  1.00 21.18 ? 87  ASP A CA  1 
ATOM   432  C  C   . ASP A 1 71  ? -9.216  -6.159  11.120  1.00 23.69 ? 87  ASP A C   1 
ATOM   433  O  O   . ASP A 1 71  ? -10.317 -6.081  10.579  1.00 27.09 ? 87  ASP A O   1 
ATOM   434  C  CB  . ASP A 1 71  ? -9.568  -7.807  12.975  1.00 26.10 ? 87  ASP A CB  1 
ATOM   435  C  CG  . ASP A 1 71  ? -9.659  -9.298  13.227  1.00 31.75 ? 87  ASP A CG  1 
ATOM   436  O  OD1 . ASP A 1 71  ? -10.133 -10.026 12.328  1.00 35.09 ? 87  ASP A OD1 1 
ATOM   437  O  OD2 . ASP A 1 71  ? -9.252  -9.743  14.320  1.00 30.16 ? 87  ASP A OD2 1 
ATOM   438  N  N   . TYR A 1 72  ? -8.390  -5.123  11.209  1.00 23.27 ? 88  TYR A N   1 
ATOM   439  C  CA  . TYR A 1 72  ? -8.751  -3.850  10.604  1.00 25.82 ? 88  TYR A CA  1 
ATOM   440  C  C   . TYR A 1 72  ? -8.642  -3.927  9.087   1.00 21.73 ? 88  TYR A C   1 
ATOM   441  O  O   . TYR A 1 72  ? -9.206  -3.101  8.375   1.00 20.32 ? 88  TYR A O   1 
ATOM   442  C  CB  . TYR A 1 72  ? -7.887  -2.705  11.134  1.00 20.39 ? 88  TYR A CB  1 
ATOM   443  C  CG  . TYR A 1 72  ? -8.450  -1.345  10.782  1.00 19.49 ? 88  TYR A CG  1 
ATOM   444  C  CD1 . TYR A 1 72  ? -9.549  -0.835  11.462  1.00 18.98 ? 88  TYR A CD1 1 
ATOM   445  C  CD2 . TYR A 1 72  ? -7.896  -0.577  9.764   1.00 20.97 ? 88  TYR A CD2 1 
ATOM   446  C  CE1 . TYR A 1 72  ? -10.075 0.401   11.145  1.00 20.12 ? 88  TYR A CE1 1 
ATOM   447  C  CE2 . TYR A 1 72  ? -8.417  0.666   9.439   1.00 17.73 ? 88  TYR A CE2 1 
ATOM   448  C  CZ  . TYR A 1 72  ? -9.506  1.150   10.136  1.00 20.46 ? 88  TYR A CZ  1 
ATOM   449  O  OH  . TYR A 1 72  ? -10.033 2.384   9.827   1.00 20.44 ? 88  TYR A OH  1 
ATOM   450  N  N   . ALA A 1 73  ? -7.916  -4.930  8.603   1.00 22.01 ? 89  ALA A N   1 
ATOM   451  C  CA  . ALA A 1 73  ? -7.750  -5.138  7.169   1.00 27.34 ? 89  ALA A CA  1 
ATOM   452  C  C   . ALA A 1 73  ? -9.093  -5.355  6.477   1.00 28.83 ? 89  ALA A C   1 
ATOM   453  O  O   . ALA A 1 73  ? -9.237  -5.088  5.285   1.00 28.83 ? 89  ALA A O   1 
ATOM   454  C  CB  . ALA A 1 73  ? -6.827  -6.319  6.909   1.00 22.14 ? 89  ALA A CB  1 
ATOM   455  N  N   . ASP A 1 74  ? -10.072 -5.841  7.232   1.00 22.26 ? 90  ASP A N   1 
ATOM   456  C  CA  . ASP A 1 74  ? -11.385 -6.150  6.678   1.00 27.83 ? 90  ASP A CA  1 
ATOM   457  C  C   . ASP A 1 74  ? -12.397 -5.046  6.962   1.00 26.91 ? 90  ASP A C   1 
ATOM   458  O  O   . ASP A 1 74  ? -13.590 -5.215  6.713   1.00 29.40 ? 90  ASP A O   1 
ATOM   459  C  CB  . ASP A 1 74  ? -11.902 -7.476  7.242   1.00 27.93 ? 90  ASP A CB  1 
ATOM   460  C  CG  . ASP A 1 74  ? -11.005 -8.649  6.892   1.00 34.35 ? 90  ASP A CG  1 
ATOM   461  O  OD1 . ASP A 1 74  ? -10.609 -8.767  5.714   1.00 42.36 ? 90  ASP A OD1 1 
ATOM   462  O  OD2 . ASP A 1 74  ? -10.701 -9.457  7.793   1.00 40.46 ? 90  ASP A OD2 1 
ATOM   463  N  N   . PHE A 1 75  ? -11.923 -3.916  7.477   1.00 22.67 ? 91  PHE A N   1 
ATOM   464  C  CA  . PHE A 1 75  ? -12.824 -2.857  7.919   1.00 22.85 ? 91  PHE A CA  1 
ATOM   465  C  C   . PHE A 1 75  ? -13.299 -1.929  6.806   1.00 20.25 ? 91  PHE A C   1 
ATOM   466  O  O   . PHE A 1 75  ? -12.497 -1.339  6.084   1.00 18.98 ? 91  PHE A O   1 
ATOM   467  C  CB  . PHE A 1 75  ? -12.188 -2.024  9.033   1.00 18.04 ? 91  PHE A CB  1 
ATOM   468  C  CG  . PHE A 1 75  ? -13.041 -0.871  9.485   1.00 21.44 ? 91  PHE A CG  1 
ATOM   469  C  CD1 . PHE A 1 75  ? -12.932 0.371   8.879   1.00 21.34 ? 91  PHE A CD1 1 
ATOM   470  C  CD2 . PHE A 1 75  ? -13.960 -1.031  10.511  1.00 24.58 ? 91  PHE A CD2 1 
ATOM   471  C  CE1 . PHE A 1 75  ? -13.719 1.434   9.291   1.00 21.05 ? 91  PHE A CE1 1 
ATOM   472  C  CE2 . PHE A 1 75  ? -14.748 0.026   10.927  1.00 24.66 ? 91  PHE A CE2 1 
ATOM   473  C  CZ  . PHE A 1 75  ? -14.626 1.262   10.317  1.00 22.76 ? 91  PHE A CZ  1 
ATOM   474  N  N   . GLU A 1 76  ? -14.615 -1.804  6.685   1.00 16.11 ? 92  GLU A N   1 
ATOM   475  C  CA  . GLU A 1 76  ? -15.223 -0.770  5.860   1.00 20.66 ? 92  GLU A CA  1 
ATOM   476  C  C   . GLU A 1 76  ? -16.192 0.004   6.737   1.00 21.23 ? 92  GLU A C   1 
ATOM   477  O  O   . GLU A 1 76  ? -16.891 -0.583  7.558   1.00 23.34 ? 92  GLU A O   1 
ATOM   478  C  CB  . GLU A 1 76  ? -15.955 -1.378  4.662   1.00 17.90 ? 92  GLU A CB  1 
ATOM   479  C  CG  . GLU A 1 76  ? -15.060 -2.169  3.729   1.00 18.78 ? 92  GLU A CG  1 
ATOM   480  C  CD  . GLU A 1 76  ? -15.639 -2.297  2.332   1.00 25.75 ? 92  GLU A CD  1 
ATOM   481  O  OE1 . GLU A 1 76  ? -16.879 -2.251  2.188   1.00 25.54 ? 92  GLU A OE1 1 
ATOM   482  O  OE2 . GLU A 1 76  ? -14.849 -2.442  1.374   1.00 21.95 ? 92  GLU A OE2 1 
ATOM   483  N  N   . GLY A 1 77  ? -16.224 1.322   6.578   1.00 24.22 ? 93  GLY A N   1 
ATOM   484  C  CA  . GLY A 1 77  ? -17.055 2.157   7.425   1.00 26.41 ? 93  GLY A CA  1 
ATOM   485  C  C   . GLY A 1 77  ? -16.585 3.598   7.469   1.00 33.62 ? 93  GLY A C   1 
ATOM   486  O  O   . GLY A 1 77  ? -16.045 4.108   6.490   1.00 31.27 ? 93  GLY A O   1 
ATOM   487  N  N   . SER A 1 78  ? -16.780 4.253   8.610   1.00 34.35 ? 94  SER A N   1 
ATOM   488  C  CA  . SER A 1 78  ? -16.470 5.676   8.725   1.00 36.71 ? 94  SER A CA  1 
ATOM   489  C  C   . SER A 1 78  ? -15.631 6.019   9.951   1.00 37.75 ? 94  SER A C   1 
ATOM   490  O  O   . SER A 1 78  ? -15.944 5.610   11.069  1.00 41.22 ? 94  SER A O   1 
ATOM   491  C  CB  . SER A 1 78  ? -17.761 6.499   8.745   1.00 39.25 ? 94  SER A CB  1 
ATOM   492  O  OG  . SER A 1 78  ? -18.511 6.301   7.559   1.00 44.48 ? 94  SER A OG  1 
ATOM   493  N  N   . ILE A 1 79  ? -14.560 6.777   9.731   1.00 41.76 ? 95  ILE A N   1 
ATOM   494  C  CA  . ILE A 1 79  ? -13.791 7.362   10.820  1.00 41.18 ? 95  ILE A CA  1 
ATOM   495  C  C   . ILE A 1 79  ? -14.499 8.643   11.246  1.00 49.03 ? 95  ILE A C   1 
ATOM   496  O  O   . ILE A 1 79  ? -14.638 9.573   10.449  1.00 54.59 ? 95  ILE A O   1 
ATOM   497  C  CB  . ILE A 1 79  ? -12.350 7.679   10.388  1.00 45.64 ? 95  ILE A CB  1 
ATOM   498  C  CG1 . ILE A 1 79  ? -11.713 6.459   9.715   1.00 40.30 ? 95  ILE A CG1 1 
ATOM   499  C  CG2 . ILE A 1 79  ? -11.521 8.134   11.582  1.00 42.90 ? 95  ILE A CG2 1 
ATOM   500  C  CD1 . ILE A 1 79  ? -11.602 5.247   10.614  1.00 37.09 ? 95  ILE A CD1 1 
ATOM   501  N  N   . PRO A 1 80  ? -14.945 8.697   12.511  1.00 45.81 ? 96  PRO A N   1 
ATOM   502  C  CA  . PRO A 1 80  ? -15.887 9.709   13.006  1.00 47.16 ? 96  PRO A CA  1 
ATOM   503  C  C   . PRO A 1 80  ? -15.475 11.151  12.725  1.00 55.56 ? 96  PRO A C   1 
ATOM   504  O  O   . PRO A 1 80  ? -14.288 11.489  12.751  1.00 52.68 ? 96  PRO A O   1 
ATOM   505  C  CB  . PRO A 1 80  ? -15.921 9.452   14.518  1.00 45.38 ? 96  PRO A CB  1 
ATOM   506  C  CG  . PRO A 1 80  ? -14.671 8.696   14.811  1.00 44.20 ? 96  PRO A CG  1 
ATOM   507  C  CD  . PRO A 1 80  ? -14.422 7.859   13.600  1.00 43.54 ? 96  PRO A CD  1 
ATOM   508  N  N   . GLN A 1 81  ? -16.470 11.993  12.461  1.00 52.43 ? 97  GLN A N   1 
ATOM   509  C  CA  . GLN A 1 81  ? -16.248 13.414  12.231  1.00 57.30 ? 97  GLN A CA  1 
ATOM   510  C  C   . GLN A 1 81  ? -15.590 14.063  13.446  1.00 52.09 ? 97  GLN A C   1 
ATOM   511  O  O   . GLN A 1 81  ? -15.833 13.658  14.584  1.00 54.11 ? 97  GLN A O   1 
ATOM   512  C  CB  . GLN A 1 81  ? -17.573 14.111  11.913  1.00 54.48 ? 97  GLN A CB  1 
ATOM   513  N  N   . GLY A 1 82  ? -14.766 15.076  13.202  1.00 54.13 ? 98  GLY A N   1 
ATOM   514  C  CA  . GLY A 1 82  ? -14.033 15.728  14.271  1.00 49.98 ? 98  GLY A CA  1 
ATOM   515  C  C   . GLY A 1 82  ? -12.900 14.837  14.737  1.00 55.51 ? 98  GLY A C   1 
ATOM   516  O  O   . GLY A 1 82  ? -12.352 15.016  15.826  1.00 51.46 ? 98  GLY A O   1 
ATOM   517  N  N   . HIS A 1 83  ? -12.549 13.868  13.897  1.00 60.06 ? 99  HIS A N   1 
ATOM   518  C  CA  . HIS A 1 83  ? -11.515 12.900  14.233  1.00 53.10 ? 99  HIS A CA  1 
ATOM   519  C  C   . HIS A 1 83  ? -10.957 12.230  12.976  1.00 55.21 ? 99  HIS A C   1 
ATOM   520  O  O   . HIS A 1 83  ? -10.274 12.867  12.168  1.00 55.00 ? 99  HIS A O   1 
ATOM   521  C  CB  . HIS A 1 83  ? -12.077 11.846  15.188  1.00 48.48 ? 99  HIS A CB  1 
ATOM   522  C  CG  . HIS A 1 83  ? -11.103 11.398  16.231  1.00 45.62 ? 99  HIS A CG  1 
ATOM   523  N  ND1 . HIS A 1 83  ? -10.657 12.229  17.235  1.00 41.56 ? 99  HIS A ND1 1 
ATOM   524  C  CD2 . HIS A 1 83  ? -10.488 10.207  16.426  1.00 41.83 ? 99  HIS A CD2 1 
ATOM   525  C  CE1 . HIS A 1 83  ? -9.808  11.572  18.004  1.00 40.88 ? 99  HIS A CE1 1 
ATOM   526  N  NE2 . HIS A 1 83  ? -9.690  10.341  17.538  1.00 45.83 ? 99  HIS A NE2 1 
ATOM   527  N  N   . ALA A 1 86  ? -10.932 10.441  8.511   1.00 47.77 ? 102 ALA A N   1 
ATOM   528  C  CA  . ALA A 1 86  ? -12.029 11.139  9.167   1.00 52.46 ? 102 ALA A CA  1 
ATOM   529  C  C   . ALA A 1 86  ? -13.280 11.118  8.300   1.00 56.95 ? 102 ALA A C   1 
ATOM   530  O  O   . ALA A 1 86  ? -14.334 11.594  8.712   1.00 67.22 ? 102 ALA A O   1 
ATOM   531  C  CB  . ALA A 1 86  ? -11.629 12.567  9.499   1.00 58.81 ? 102 ALA A CB  1 
ATOM   532  N  N   . GLY A 1 87  ? -13.157 10.564  7.099   1.00 49.84 ? 103 GLY A N   1 
ATOM   533  C  CA  . GLY A 1 87  ? -14.301 10.367  6.227   1.00 48.21 ? 103 GLY A CA  1 
ATOM   534  C  C   . GLY A 1 87  ? -14.757 8.929   6.332   1.00 43.42 ? 103 GLY A C   1 
ATOM   535  O  O   . GLY A 1 87  ? -14.933 8.426   7.440   1.00 44.51 ? 103 GLY A O   1 
ATOM   536  N  N   . ASP A 1 88  ? -14.960 8.270   5.196   1.00 34.33 ? 104 ASP A N   1 
ATOM   537  C  CA  . ASP A 1 88  ? -15.246 6.841   5.213   1.00 39.04 ? 104 ASP A CA  1 
ATOM   538  C  C   . ASP A 1 88  ? -14.230 6.005   4.427   1.00 31.33 ? 104 ASP A C   1 
ATOM   539  O  O   . ASP A 1 88  ? -13.438 6.531   3.646   1.00 33.64 ? 104 ASP A O   1 
ATOM   540  C  CB  . ASP A 1 88  ? -16.675 6.561   4.751   1.00 48.52 ? 104 ASP A CB  1 
ATOM   541  C  CG  . ASP A 1 88  ? -17.018 7.274   3.471   1.00 50.46 ? 104 ASP A CG  1 
ATOM   542  O  OD1 . ASP A 1 88  ? -16.246 7.137   2.505   1.00 58.21 ? 104 ASP A OD1 1 
ATOM   543  O  OD2 . ASP A 1 88  ? -18.059 7.964   3.433   1.00 50.77 ? 104 ASP A OD2 1 
ATOM   544  N  N   . VAL A 1 89  ? -14.257 4.699   4.668   1.00 24.96 ? 105 VAL A N   1 
ATOM   545  C  CA  . VAL A 1 89  ? -13.196 3.796   4.245   1.00 19.28 ? 105 VAL A CA  1 
ATOM   546  C  C   . VAL A 1 89  ? -13.747 2.536   3.581   1.00 23.44 ? 105 VAL A C   1 
ATOM   547  O  O   . VAL A 1 89  ? -14.718 1.947   4.056   1.00 22.70 ? 105 VAL A O   1 
ATOM   548  C  CB  . VAL A 1 89  ? -12.361 3.342   5.462   1.00 25.14 ? 105 VAL A CB  1 
ATOM   549  C  CG1 . VAL A 1 89  ? -11.395 2.230   5.074   1.00 22.26 ? 105 VAL A CG1 1 
ATOM   550  C  CG2 . VAL A 1 89  ? -11.633 4.512   6.096   1.00 28.75 ? 105 VAL A CG2 1 
ATOM   551  N  N   . ILE A 1 90  ? -13.115 2.113   2.492   1.00 21.18 ? 106 ILE A N   1 
ATOM   552  C  CA  . ILE A 1 90  ? -13.435 0.831   1.878   1.00 21.06 ? 106 ILE A CA  1 
ATOM   553  C  C   . ILE A 1 90  ? -12.143 0.055   1.662   1.00 20.99 ? 106 ILE A C   1 
ATOM   554  O  O   . ILE A 1 90  ? -11.063 0.643   1.630   1.00 25.64 ? 106 ILE A O   1 
ATOM   555  C  CB  . ILE A 1 90  ? -14.127 1.013   0.520   1.00 18.74 ? 106 ILE A CB  1 
ATOM   556  C  CG1 . ILE A 1 90  ? -13.151 1.619   -0.488  1.00 20.84 ? 106 ILE A CG1 1 
ATOM   557  C  CG2 . ILE A 1 90  ? -15.365 1.888   0.664   1.00 22.66 ? 106 ILE A CG2 1 
ATOM   558  C  CD1 . ILE A 1 90  ? -13.735 1.813   -1.867  1.00 26.98 ? 106 ILE A CD1 1 
ATOM   559  N  N   . VAL A 1 91  ? -12.247 -1.262  1.524   1.00 19.00 ? 107 VAL A N   1 
ATOM   560  C  CA  . VAL A 1 91  ? -11.085 -2.070  1.184   1.00 18.96 ? 107 VAL A CA  1 
ATOM   561  C  C   . VAL A 1 91  ? -10.935 -2.108  -0.331  1.00 25.61 ? 107 VAL A C   1 
ATOM   562  O  O   . VAL A 1 91  ? -11.661 -2.828  -1.016  1.00 23.51 ? 107 VAL A O   1 
ATOM   563  C  CB  . VAL A 1 91  ? -11.206 -3.506  1.721   1.00 24.98 ? 107 VAL A CB  1 
ATOM   564  C  CG1 . VAL A 1 91  ? -10.010 -4.337  1.275   1.00 22.50 ? 107 VAL A CG1 1 
ATOM   565  C  CG2 . VAL A 1 91  ? -11.323 -3.497  3.241   1.00 22.19 ? 107 VAL A CG2 1 
ATOM   566  N  N   . TRP A 1 92  ? -9.987  -1.328  -0.841  1.00 23.72 ? 108 TRP A N   1 
ATOM   567  C  CA  . TRP A 1 92  ? -9.796  -1.161  -2.279  1.00 20.74 ? 108 TRP A CA  1 
ATOM   568  C  C   . TRP A 1 92  ? -9.161  -2.384  -2.938  1.00 23.86 ? 108 TRP A C   1 
ATOM   569  O  O   . TRP A 1 92  ? -9.460  -2.701  -4.086  1.00 23.02 ? 108 TRP A O   1 
ATOM   570  C  CB  . TRP A 1 92  ? -8.944  0.078   -2.542  1.00 22.36 ? 108 TRP A CB  1 
ATOM   571  C  CG  . TRP A 1 92  ? -8.743  0.398   -3.987  1.00 25.42 ? 108 TRP A CG  1 
ATOM   572  C  CD1 . TRP A 1 92  ? -9.591  1.100   -4.798  1.00 23.02 ? 108 TRP A CD1 1 
ATOM   573  C  CD2 . TRP A 1 92  ? -7.613  0.049   -4.793  1.00 24.25 ? 108 TRP A CD2 1 
ATOM   574  N  NE1 . TRP A 1 92  ? -9.059  1.202   -6.060  1.00 21.67 ? 108 TRP A NE1 1 
ATOM   575  C  CE2 . TRP A 1 92  ? -7.845  0.565   -6.084  1.00 23.62 ? 108 TRP A CE2 1 
ATOM   576  C  CE3 . TRP A 1 92  ? -6.428  -0.655  -4.551  1.00 20.88 ? 108 TRP A CE3 1 
ATOM   577  C  CZ2 . TRP A 1 92  ? -6.936  0.404   -7.129  1.00 23.07 ? 108 TRP A CZ2 1 
ATOM   578  C  CZ3 . TRP A 1 92  ? -5.527  -0.815  -5.591  1.00 21.14 ? 108 TRP A CZ3 1 
ATOM   579  C  CH2 . TRP A 1 92  ? -5.786  -0.287  -6.862  1.00 19.71 ? 108 TRP A CH2 1 
ATOM   580  N  N   . ASP A 1 93  ? -8.276  -3.057  -2.211  1.00 21.88 ? 109 ASP A N   1 
ATOM   581  C  CA  . ASP A 1 93  ? -7.665  -4.292  -2.692  1.00 19.20 ? 109 ASP A CA  1 
ATOM   582  C  C   . ASP A 1 93  ? -7.259  -5.155  -1.506  1.00 22.23 ? 109 ASP A C   1 
ATOM   583  O  O   . ASP A 1 93  ? -7.110  -4.657  -0.390  1.00 22.24 ? 109 ASP A O   1 
ATOM   584  C  CB  . ASP A 1 93  ? -6.443  -3.997  -3.565  1.00 23.65 ? 109 ASP A CB  1 
ATOM   585  C  CG  . ASP A 1 93  ? -5.952  -5.225  -4.316  1.00 25.39 ? 109 ASP A CG  1 
ATOM   586  O  OD1 . ASP A 1 93  ? -6.752  -6.164  -4.514  1.00 26.71 ? 109 ASP A OD1 1 
ATOM   587  O  OD2 . ASP A 1 93  ? -4.771  -5.248  -4.718  1.00 23.41 ? 109 ASP A OD2 1 
ATOM   588  N  N   . ARG A 1 94  ? -7.078  -6.446  -1.749  1.00 22.12 ? 110 ARG A N   1 
ATOM   589  C  CA  . ARG A 1 94  ? -6.671  -7.365  -0.694  1.00 27.91 ? 110 ARG A CA  1 
ATOM   590  C  C   . ARG A 1 94  ? -6.034  -8.614  -1.289  1.00 29.68 ? 110 ARG A C   1 
ATOM   591  O  O   . ARG A 1 94  ? -6.170  -8.883  -2.480  1.00 28.64 ? 110 ARG A O   1 
ATOM   592  C  CB  . ARG A 1 94  ? -7.873  -7.748  0.172   1.00 22.11 ? 110 ARG A CB  1 
ATOM   593  C  CG  . ARG A 1 94  ? -8.831  -8.719  -0.497  1.00 32.23 ? 110 ARG A CG  1 
ATOM   594  C  CD  . ARG A 1 94  ? -10.157 -8.793  0.249   1.00 39.62 ? 110 ARG A CD  1 
ATOM   595  N  NE  . ARG A 1 94  ? -9.984  -9.094  1.667   1.00 41.69 ? 110 ARG A NE  1 
ATOM   596  C  CZ  . ARG A 1 94  ? -10.103 -10.309 2.194   1.00 45.59 ? 110 ARG A CZ  1 
ATOM   597  N  NH1 . ARG A 1 94  ? -10.399 -11.342 1.417   1.00 40.07 ? 110 ARG A NH1 1 
ATOM   598  N  NH2 . ARG A 1 94  ? -9.928  -10.490 3.496   1.00 36.95 ? 110 ARG A NH2 1 
ATOM   599  N  N   . GLY A 1 95  ? -5.338  -9.374  -0.450  1.00 31.38 ? 111 GLY A N   1 
ATOM   600  C  CA  . GLY A 1 95  ? -4.709  -10.609 -0.876  1.00 27.45 ? 111 GLY A CA  1 
ATOM   601  C  C   . GLY A 1 95  ? -3.555  -10.979 0.032   1.00 30.71 ? 111 GLY A C   1 
ATOM   602  O  O   . GLY A 1 95  ? -3.554  -10.637 1.214   1.00 36.27 ? 111 GLY A O   1 
ATOM   603  N  N   . ALA A 1 96  ? -2.564  -11.667 -0.521  1.00 28.97 ? 112 ALA A N   1 
ATOM   604  C  CA  . ALA A 1 96  ? -1.385  -12.056 0.244   1.00 35.45 ? 112 ALA A CA  1 
ATOM   605  C  C   . ALA A 1 96  ? -0.126  -11.396 -0.311  1.00 29.88 ? 112 ALA A C   1 
ATOM   606  O  O   . ALA A 1 96  ? -0.048  -11.102 -1.503  1.00 35.15 ? 112 ALA A O   1 
ATOM   607  C  CB  . ALA A 1 96  ? -1.236  -13.569 0.248   1.00 32.27 ? 112 ALA A CB  1 
ATOM   608  N  N   . TRP A 1 97  ? 0.856   -11.160 0.555   1.00 29.19 ? 113 TRP A N   1 
ATOM   609  C  CA  . TRP A 1 97  ? 2.144   -10.624 0.116   1.00 29.58 ? 113 TRP A CA  1 
ATOM   610  C  C   . TRP A 1 97  ? 3.305   -11.516 0.546   1.00 26.47 ? 113 TRP A C   1 
ATOM   611  O  O   . TRP A 1 97  ? 3.237   -12.200 1.569   1.00 25.91 ? 113 TRP A O   1 
ATOM   612  C  CB  . TRP A 1 97  ? 2.353   -9.185  0.606   1.00 25.95 ? 113 TRP A CB  1 
ATOM   613  C  CG  . TRP A 1 97  ? 2.777   -9.059  2.045   1.00 31.20 ? 113 TRP A CG  1 
ATOM   614  C  CD1 . TRP A 1 97  ? 1.991   -9.222  3.149   1.00 32.46 ? 113 TRP A CD1 1 
ATOM   615  C  CD2 . TRP A 1 97  ? 4.084   -8.720  2.532   1.00 25.60 ? 113 TRP A CD2 1 
ATOM   616  N  NE1 . TRP A 1 97  ? 2.728   -9.015  4.291   1.00 30.90 ? 113 TRP A NE1 1 
ATOM   617  C  CE2 . TRP A 1 97  ? 4.015   -8.706  3.939   1.00 28.27 ? 113 TRP A CE2 1 
ATOM   618  C  CE3 . TRP A 1 97  ? 5.306   -8.432  1.914   1.00 27.79 ? 113 TRP A CE3 1 
ATOM   619  C  CZ2 . TRP A 1 97  ? 5.122   -8.415  4.742   1.00 26.74 ? 113 TRP A CZ2 1 
ATOM   620  C  CZ3 . TRP A 1 97  ? 6.404   -8.142  2.712   1.00 31.55 ? 113 TRP A CZ3 1 
ATOM   621  C  CH2 . TRP A 1 97  ? 6.303   -8.135  4.109   1.00 25.16 ? 113 TRP A CH2 1 
ATOM   622  N  N   . THR A 1 98  ? 4.366   -11.508 -0.251  1.00 31.21 ? 114 THR A N   1 
ATOM   623  C  CA  . THR A 1 98  ? 5.536   -12.332 0.017   1.00 32.49 ? 114 THR A CA  1 
ATOM   624  C  C   . THR A 1 98  ? 6.807   -11.508 -0.122  1.00 32.11 ? 114 THR A C   1 
ATOM   625  O  O   . THR A 1 98  ? 7.083   -10.967 -1.191  1.00 30.32 ? 114 THR A O   1 
ATOM   626  C  CB  . THR A 1 98  ? 5.616   -13.519 -0.959  1.00 37.96 ? 114 THR A CB  1 
ATOM   627  O  OG1 . THR A 1 98  ? 4.404   -14.283 -0.888  1.00 42.05 ? 114 THR A OG1 1 
ATOM   628  C  CG2 . THR A 1 98  ? 6.801   -14.411 -0.620  1.00 35.92 ? 114 THR A CG2 1 
ATOM   629  N  N   . PRO A 1 99  ? 7.582   -11.400 0.966   1.00 32.92 ? 115 PRO A N   1 
ATOM   630  C  CA  . PRO A 1 99  ? 8.862   -10.684 0.919   1.00 32.07 ? 115 PRO A CA  1 
ATOM   631  C  C   . PRO A 1 99  ? 9.938   -11.512 0.227   1.00 32.17 ? 115 PRO A C   1 
ATOM   632  O  O   . PRO A 1 99  ? 10.097  -12.694 0.526   1.00 32.52 ? 115 PRO A O   1 
ATOM   633  C  CB  . PRO A 1 99  ? 9.207   -10.492 2.398   1.00 31.61 ? 115 PRO A CB  1 
ATOM   634  C  CG  . PRO A 1 99  ? 8.528   -11.621 3.092   1.00 33.18 ? 115 PRO A CG  1 
ATOM   635  C  CD  . PRO A 1 99  ? 7.258   -11.875 2.322   1.00 31.21 ? 115 PRO A CD  1 
ATOM   636  N  N   . LEU A 1 100 ? 10.663  -10.893 -0.698  1.00 35.53 ? 116 LEU A N   1 
ATOM   637  C  CA  . LEU A 1 100 ? 11.743  -11.575 -1.398  1.00 33.96 ? 116 LEU A CA  1 
ATOM   638  C  C   . LEU A 1 100 ? 13.031  -11.515 -0.578  1.00 43.08 ? 116 LEU A C   1 
ATOM   639  O  O   . LEU A 1 100 ? 13.942  -12.321 -0.767  1.00 44.16 ? 116 LEU A O   1 
ATOM   640  C  CB  . LEU A 1 100 ? 11.945  -10.963 -2.783  1.00 31.45 ? 116 LEU A CB  1 
ATOM   641  C  CG  . LEU A 1 100 ? 10.683  -10.933 -3.653  1.00 40.48 ? 116 LEU A CG  1 
ATOM   642  C  CD1 . LEU A 1 100 ? 10.886  -10.067 -4.888  1.00 41.67 ? 116 LEU A CD1 1 
ATOM   643  C  CD2 . LEU A 1 100 ? 10.248  -12.339 -4.043  1.00 27.92 ? 116 LEU A CD2 1 
ATOM   644  N  N   . ASP A 1 101 ? 13.093  -10.555 0.340   1.00 38.88 ? 117 ASP A N   1 
ATOM   645  C  CA  . ASP A 1 101 ? 14.224  -10.425 1.250   1.00 44.39 ? 117 ASP A CA  1 
ATOM   646  C  C   . ASP A 1 101 ? 13.727  -10.288 2.687   1.00 41.24 ? 117 ASP A C   1 
ATOM   647  O  O   . ASP A 1 101 ? 12.590  -9.875  2.915   1.00 39.70 ? 117 ASP A O   1 
ATOM   648  C  CB  . ASP A 1 101 ? 15.084  -9.216  0.867   1.00 46.58 ? 117 ASP A CB  1 
ATOM   649  C  CG  . ASP A 1 101 ? 15.711  -9.358  -0.509  1.00 51.51 ? 117 ASP A CG  1 
ATOM   650  O  OD1 . ASP A 1 101 ? 16.318  -10.415 -0.780  1.00 56.31 ? 117 ASP A OD1 1 
ATOM   651  O  OD2 . ASP A 1 101 ? 15.598  -8.410  -1.318  1.00 48.95 ? 117 ASP A OD2 1 
ATOM   652  N  N   . ASP A 1 102 ? 14.579  -10.639 3.648   1.00 38.72 ? 118 ASP A N   1 
ATOM   653  C  CA  . ASP A 1 102 ? 14.229  -10.560 5.067   1.00 36.91 ? 118 ASP A CA  1 
ATOM   654  C  C   . ASP A 1 102 ? 13.486  -9.264  5.374   1.00 34.23 ? 118 ASP A C   1 
ATOM   655  O  O   . ASP A 1 102 ? 14.069  -8.181  5.318   1.00 36.03 ? 118 ASP A O   1 
ATOM   656  C  CB  . ASP A 1 102 ? 15.487  -10.674 5.934   1.00 41.75 ? 118 ASP A CB  1 
ATOM   657  C  CG  . ASP A 1 102 ? 15.176  -10.730 7.423   1.00 42.22 ? 118 ASP A CG  1 
ATOM   658  O  OD1 . ASP A 1 102 ? 14.245  -10.033 7.877   1.00 36.22 ? 118 ASP A OD1 1 
ATOM   659  O  OD2 . ASP A 1 102 ? 15.879  -11.465 8.147   1.00 52.33 ? 118 ASP A OD2 1 
ATOM   660  N  N   . PRO A 1 103 ? 12.188  -9.377  5.703   1.00 32.75 ? 119 PRO A N   1 
ATOM   661  C  CA  . PRO A 1 103 ? 11.300  -8.231  5.930   1.00 31.14 ? 119 PRO A CA  1 
ATOM   662  C  C   . PRO A 1 103 ? 11.688  -7.393  7.147   1.00 30.66 ? 119 PRO A C   1 
ATOM   663  O  O   . PRO A 1 103 ? 11.664  -6.166  7.067   1.00 31.33 ? 119 PRO A O   1 
ATOM   664  C  CB  . PRO A 1 103 ? 9.932   -8.884  6.151   1.00 29.58 ? 119 PRO A CB  1 
ATOM   665  C  CG  . PRO A 1 103 ? 10.239  -10.267 6.610   1.00 29.45 ? 119 PRO A CG  1 
ATOM   666  C  CD  . PRO A 1 103 ? 11.484  -10.660 5.875   1.00 29.80 ? 119 PRO A CD  1 
ATOM   667  N  N   . ARG A 1 104 ? 12.029  -8.045  8.253   1.00 34.63 ? 120 ARG A N   1 
ATOM   668  C  CA  . ARG A 1 104 ? 12.404  -7.336  9.472   1.00 32.45 ? 120 ARG A CA  1 
ATOM   669  C  C   . ARG A 1 104 ? 13.634  -6.463  9.260   1.00 32.11 ? 120 ARG A C   1 
ATOM   670  O  O   . ARG A 1 104 ? 13.650  -5.294  9.647   1.00 30.67 ? 120 ARG A O   1 
ATOM   671  C  CB  . ARG A 1 104 ? 12.634  -8.320  10.620  1.00 34.87 ? 120 ARG A CB  1 
ATOM   672  C  CG  . ARG A 1 104 ? 11.356  -8.981  11.101  1.00 48.75 ? 120 ARG A CG  1 
ATOM   673  C  CD  . ARG A 1 104 ? 11.619  -10.150 12.032  1.00 47.83 ? 120 ARG A CD  1 
ATOM   674  N  NE  . ARG A 1 104 ? 10.409  -10.946 12.215  1.00 49.73 ? 120 ARG A NE  1 
ATOM   675  C  CZ  . ARG A 1 104 ? 9.933   -11.790 11.304  1.00 45.80 ? 120 ARG A CZ  1 
ATOM   676  N  NH1 . ARG A 1 104 ? 10.567  -11.948 10.150  1.00 47.93 ? 120 ARG A NH1 1 
ATOM   677  N  NH2 . ARG A 1 104 ? 8.825   -12.477 11.543  1.00 43.46 ? 120 ARG A NH2 1 
ATOM   678  N  N   . GLU A 1 105 ? 14.663  -7.033  8.642   1.00 30.57 ? 121 GLU A N   1 
ATOM   679  C  CA  . GLU A 1 105 ? 15.866  -6.275  8.338   1.00 36.87 ? 121 GLU A CA  1 
ATOM   680  C  C   . GLU A 1 105 ? 15.568  -5.294  7.212   1.00 34.10 ? 121 GLU A C   1 
ATOM   681  O  O   . GLU A 1 105 ? 16.248  -4.281  7.062   1.00 41.67 ? 121 GLU A O   1 
ATOM   682  C  CB  . GLU A 1 105 ? 17.010  -7.209  7.940   1.00 40.61 ? 121 GLU A CB  1 
ATOM   683  C  CG  . GLU A 1 105 ? 18.391  -6.626  8.193   1.00 45.24 ? 121 GLU A CG  1 
ATOM   684  C  CD  . GLU A 1 105 ? 18.692  -6.475  9.672   1.00 50.42 ? 121 GLU A CD  1 
ATOM   685  O  OE1 . GLU A 1 105 ? 19.469  -5.566  10.038  1.00 55.98 ? 121 GLU A OE1 1 
ATOM   686  O  OE2 . GLU A 1 105 ? 18.146  -7.264  10.471  1.00 52.46 ? 121 GLU A OE2 1 
ATOM   687  N  N   . GLY A 1 106 ? 14.541  -5.602  6.426   1.00 33.36 ? 122 GLY A N   1 
ATOM   688  C  CA  . GLY A 1 106 ? 14.130  -4.746  5.329   1.00 29.51 ? 122 GLY A CA  1 
ATOM   689  C  C   . GLY A 1 106 ? 13.573  -3.418  5.803   1.00 29.29 ? 122 GLY A C   1 
ATOM   690  O  O   . GLY A 1 106 ? 14.011  -2.359  5.357   1.00 25.94 ? 122 GLY A O   1 
ATOM   691  N  N   . LEU A 1 107 ? 12.600  -3.477  6.707   1.00 26.87 ? 123 LEU A N   1 
ATOM   692  C  CA  . LEU A 1 107 ? 12.003  -2.273  7.277   1.00 31.98 ? 123 LEU A CA  1 
ATOM   693  C  C   . LEU A 1 107 ? 13.065  -1.467  7.997   1.00 30.91 ? 123 LEU A C   1 
ATOM   694  O  O   . LEU A 1 107 ? 13.058  -0.236  7.980   1.00 33.66 ? 123 LEU A O   1 
ATOM   695  C  CB  . LEU A 1 107 ? 10.905  -2.646  8.273   1.00 35.89 ? 123 LEU A CB  1 
ATOM   696  C  CG  . LEU A 1 107 ? 9.685   -3.394  7.736   1.00 36.28 ? 123 LEU A CG  1 
ATOM   697  C  CD1 . LEU A 1 107 ? 8.813   -3.872  8.882   1.00 34.17 ? 123 LEU A CD1 1 
ATOM   698  C  CD2 . LEU A 1 107 ? 8.899   -2.503  6.788   1.00 39.67 ? 123 LEU A CD2 1 
ATOM   699  N  N   . GLU A 1 108 ? 13.978  -2.185  8.636   1.00 30.06 ? 124 GLU A N   1 
ATOM   700  C  CA  . GLU A 1 108 ? 15.028  -1.584  9.438   1.00 31.84 ? 124 GLU A CA  1 
ATOM   701  C  C   . GLU A 1 108 ? 16.024  -0.814  8.579   1.00 29.57 ? 124 GLU A C   1 
ATOM   702  O  O   . GLU A 1 108 ? 16.362  0.329   8.882   1.00 29.27 ? 124 GLU A O   1 
ATOM   703  C  CB  . GLU A 1 108 ? 15.743  -2.673  10.229  1.00 33.50 ? 124 GLU A CB  1 
ATOM   704  C  CG  . GLU A 1 108 ? 16.925  -2.200  11.036  1.00 40.93 ? 124 GLU A CG  1 
ATOM   705  C  CD  . GLU A 1 108 ? 17.601  -3.347  11.746  1.00 47.47 ? 124 GLU A CD  1 
ATOM   706  O  OE1 . GLU A 1 108 ? 16.965  -4.417  11.860  1.00 43.00 ? 124 GLU A OE1 1 
ATOM   707  O  OE2 . GLU A 1 108 ? 18.759  -3.185  12.185  1.00 45.97 ? 124 GLU A OE2 1 
ATOM   708  N  N   . LYS A 1 109 ? 16.495  -1.446  7.510   1.00 30.66 ? 125 LYS A N   1 
ATOM   709  C  CA  . LYS A 1 109 ? 17.457  -0.805  6.621   1.00 34.25 ? 125 LYS A CA  1 
ATOM   710  C  C   . LYS A 1 109 ? 16.773  0.194   5.691   1.00 29.80 ? 125 LYS A C   1 
ATOM   711  O  O   . LYS A 1 109 ? 17.425  1.058   5.109   1.00 31.93 ? 125 LYS A O   1 
ATOM   712  C  CB  . LYS A 1 109 ? 18.234  -1.849  5.815   1.00 35.61 ? 125 LYS A CB  1 
ATOM   713  C  CG  . LYS A 1 109 ? 17.380  -2.674  4.868   1.00 38.71 ? 125 LYS A CG  1 
ATOM   714  C  CD  . LYS A 1 109 ? 18.225  -3.683  4.106   1.00 40.67 ? 125 LYS A CD  1 
ATOM   715  C  CE  . LYS A 1 109 ? 17.374  -4.501  3.147   1.00 45.91 ? 125 LYS A CE  1 
ATOM   716  N  NZ  . LYS A 1 109 ? 18.188  -5.488  2.379   1.00 49.89 ? 125 LYS A NZ  1 
ATOM   717  N  N   . GLY A 1 110 ? 15.456  0.071   5.555   1.00 31.30 ? 126 GLY A N   1 
ATOM   718  C  CA  . GLY A 1 110 ? 14.681  1.014   4.770   1.00 30.39 ? 126 GLY A CA  1 
ATOM   719  C  C   . GLY A 1 110 ? 14.409  0.577   3.341   1.00 29.26 ? 126 GLY A C   1 
ATOM   720  O  O   . GLY A 1 110 ? 14.305  1.410   2.441   1.00 28.05 ? 126 GLY A O   1 
ATOM   721  N  N   . HIS A 1 111 ? 14.295  -0.729  3.128   1.00 28.61 ? 127 HIS A N   1 
ATOM   722  C  CA  . HIS A 1 111 ? 13.950  -1.246  1.808   1.00 27.40 ? 127 HIS A CA  1 
ATOM   723  C  C   . HIS A 1 111 ? 13.266  -2.607  1.860   1.00 26.19 ? 127 HIS A C   1 
ATOM   724  O  O   . HIS A 1 111 ? 13.838  -3.585  2.340   1.00 26.23 ? 127 HIS A O   1 
ATOM   725  C  CB  . HIS A 1 111 ? 15.185  -1.323  0.912   1.00 29.65 ? 127 HIS A CB  1 
ATOM   726  C  CG  . HIS A 1 111 ? 14.937  -2.016  -0.392  1.00 29.69 ? 127 HIS A CG  1 
ATOM   727  N  ND1 . HIS A 1 111 ? 15.689  -3.088  -0.821  1.00 34.62 ? 127 HIS A ND1 1 
ATOM   728  C  CD2 . HIS A 1 111 ? 14.008  -1.800  -1.353  1.00 28.82 ? 127 HIS A CD2 1 
ATOM   729  C  CE1 . HIS A 1 111 ? 15.241  -3.496  -1.995  1.00 32.26 ? 127 HIS A CE1 1 
ATOM   730  N  NE2 . HIS A 1 111 ? 14.219  -2.732  -2.338  1.00 32.37 ? 127 HIS A NE2 1 
ATOM   731  N  N   . LEU A 1 112 ? 12.039  -2.658  1.351   1.00 34.84 ? 128 LEU A N   1 
ATOM   732  C  CA  . LEU A 1 112 ? 11.303  -3.910  1.227   1.00 27.02 ? 128 LEU A CA  1 
ATOM   733  C  C   . LEU A 1 112 ? 11.128  -4.305  -0.232  1.00 25.03 ? 128 LEU A C   1 
ATOM   734  O  O   . LEU A 1 112 ? 10.531  -3.568  -1.014  1.00 25.53 ? 128 LEU A O   1 
ATOM   735  C  CB  . LEU A 1 112 ? 9.925   -3.799  1.878   1.00 29.25 ? 128 LEU A CB  1 
ATOM   736  C  CG  . LEU A 1 112 ? 9.794   -3.930  3.395   1.00 35.36 ? 128 LEU A CG  1 
ATOM   737  C  CD1 . LEU A 1 112 ? 8.327   -3.862  3.777   1.00 32.75 ? 128 LEU A CD1 1 
ATOM   738  C  CD2 . LEU A 1 112 ? 10.413  -5.231  3.885   1.00 32.32 ? 128 LEU A CD2 1 
ATOM   739  N  N   . SER A 1 113 ? 11.650  -5.473  -0.588  1.00 27.88 ? 129 SER A N   1 
ATOM   740  C  CA  . SER A 1 113 ? 11.389  -6.076  -1.887  1.00 27.34 ? 129 SER A CA  1 
ATOM   741  C  C   . SER A 1 113 ? 10.396  -7.213  -1.687  1.00 27.94 ? 129 SER A C   1 
ATOM   742  O  O   . SER A 1 113 ? 10.667  -8.161  -0.950  1.00 29.81 ? 129 SER A O   1 
ATOM   743  C  CB  . SER A 1 113 ? 12.681  -6.607  -2.504  1.00 30.25 ? 129 SER A CB  1 
ATOM   744  O  OG  . SER A 1 113 ? 12.417  -7.357  -3.676  1.00 35.88 ? 129 SER A OG  1 
ATOM   745  N  N   . PHE A 1 114 ? 9.243   -7.116  -2.336  1.00 27.18 ? 130 PHE A N   1 
ATOM   746  C  CA  . PHE A 1 114 ? 8.164   -8.057  -2.074  1.00 26.40 ? 130 PHE A CA  1 
ATOM   747  C  C   . PHE A 1 114 ? 7.256   -8.270  -3.276  1.00 26.63 ? 130 PHE A C   1 
ATOM   748  O  O   . PHE A 1 114 ? 7.229   -7.463  -4.206  1.00 27.00 ? 130 PHE A O   1 
ATOM   749  C  CB  . PHE A 1 114 ? 7.333   -7.580  -0.880  1.00 23.82 ? 130 PHE A CB  1 
ATOM   750  C  CG  . PHE A 1 114 ? 6.694   -6.234  -1.085  1.00 25.39 ? 130 PHE A CG  1 
ATOM   751  C  CD1 . PHE A 1 114 ? 7.425   -5.070  -0.906  1.00 24.92 ? 130 PHE A CD1 1 
ATOM   752  C  CD2 . PHE A 1 114 ? 5.363   -6.131  -1.453  1.00 26.58 ? 130 PHE A CD2 1 
ATOM   753  C  CE1 . PHE A 1 114 ? 6.842   -3.830  -1.093  1.00 22.76 ? 130 PHE A CE1 1 
ATOM   754  C  CE2 . PHE A 1 114 ? 4.772   -4.892  -1.640  1.00 22.96 ? 130 PHE A CE2 1 
ATOM   755  C  CZ  . PHE A 1 114 ? 5.513   -3.741  -1.459  1.00 21.49 ? 130 PHE A CZ  1 
ATOM   756  N  N   . ALA A 1 115 ? 6.514   -9.369  -3.244  1.00 24.16 ? 131 ALA A N   1 
ATOM   757  C  CA  . ALA A 1 115 ? 5.515   -9.661  -4.259  1.00 28.24 ? 131 ALA A CA  1 
ATOM   758  C  C   . ALA A 1 115 ? 4.127   -9.527  -3.651  1.00 29.69 ? 131 ALA A C   1 
ATOM   759  O  O   . ALA A 1 115 ? 3.935   -9.770  -2.460  1.00 30.03 ? 131 ALA A O   1 
ATOM   760  C  CB  . ALA A 1 115 ? 5.717   -11.060 -4.818  1.00 24.93 ? 131 ALA A CB  1 
ATOM   761  N  N   . LEU A 1 116 ? 3.164   -9.128  -4.472  1.00 29.33 ? 132 LEU A N   1 
ATOM   762  C  CA  . LEU A 1 116 ? 1.778   -9.049  -4.040  1.00 24.72 ? 132 LEU A CA  1 
ATOM   763  C  C   . LEU A 1 116 ? 0.945   -10.061 -4.810  1.00 30.60 ? 132 LEU A C   1 
ATOM   764  O  O   . LEU A 1 116 ? 1.187   -10.308 -5.990  1.00 27.66 ? 132 LEU A O   1 
ATOM   765  C  CB  . LEU A 1 116 ? 1.222   -7.643  -4.262  1.00 27.92 ? 132 LEU A CB  1 
ATOM   766  C  CG  . LEU A 1 116 ? 1.859   -6.494  -3.479  1.00 26.69 ? 132 LEU A CG  1 
ATOM   767  C  CD1 . LEU A 1 116 ? 1.165   -5.183  -3.815  1.00 20.86 ? 132 LEU A CD1 1 
ATOM   768  C  CD2 . LEU A 1 116 ? 1.798   -6.768  -1.982  1.00 31.71 ? 132 LEU A CD2 1 
ATOM   769  N  N   . ASP A 1 117 ? -0.032  -10.654 -4.136  1.00 31.61 ? 133 ASP A N   1 
ATOM   770  C  CA  . ASP A 1 117 ? -0.945  -11.578 -4.788  1.00 33.91 ? 133 ASP A CA  1 
ATOM   771  C  C   . ASP A 1 117 ? -2.369  -11.254 -4.372  1.00 31.05 ? 133 ASP A C   1 
ATOM   772  O  O   . ASP A 1 117 ? -2.898  -11.835 -3.428  1.00 34.39 ? 133 ASP A O   1 
ATOM   773  C  CB  . ASP A 1 117 ? -0.605  -13.025 -4.429  1.00 35.26 ? 133 ASP A CB  1 
ATOM   774  C  CG  . ASP A 1 117 ? -1.346  -14.025 -5.295  1.00 41.77 ? 133 ASP A CG  1 
ATOM   775  O  OD1 . ASP A 1 117 ? -1.214  -15.243 -5.047  1.00 47.52 ? 133 ASP A OD1 1 
ATOM   776  O  OD2 . ASP A 1 117 ? -2.056  -13.595 -6.229  1.00 35.69 ? 133 ASP A OD2 1 
ATOM   777  N  N   . GLY A 1 118 ? -2.983  -10.310 -5.076  1.00 31.37 ? 134 GLY A N   1 
ATOM   778  C  CA  . GLY A 1 118 ? -4.325  -9.880  -4.742  1.00 30.75 ? 134 GLY A CA  1 
ATOM   779  C  C   . GLY A 1 118 ? -5.205  -9.666  -5.955  1.00 31.15 ? 134 GLY A C   1 
ATOM   780  O  O   . GLY A 1 118 ? -4.937  -10.182 -7.040  1.00 25.67 ? 134 GLY A O   1 
ATOM   781  N  N   . GLU A 1 119 ? -6.265  -8.892  -5.760  1.00 28.31 ? 135 GLU A N   1 
ATOM   782  C  CA  . GLU A 1 119 ? -7.237  -8.636  -6.810  1.00 26.37 ? 135 GLU A CA  1 
ATOM   783  C  C   . GLU A 1 119 ? -6.705  -7.663  -7.859  1.00 29.33 ? 135 GLU A C   1 
ATOM   784  O  O   . GLU A 1 119 ? -6.710  -7.959  -9.053  1.00 29.71 ? 135 GLU A O   1 
ATOM   785  C  CB  . GLU A 1 119 ? -8.536  -8.106  -6.199  1.00 25.59 ? 135 GLU A CB  1 
ATOM   786  C  CG  . GLU A 1 119 ? -9.583  -7.703  -7.216  1.00 28.03 ? 135 GLU A CG  1 
ATOM   787  C  CD  . GLU A 1 119 ? -9.930  -8.832  -8.161  1.00 33.09 ? 135 GLU A CD  1 
ATOM   788  O  OE1 . GLU A 1 119 ? -10.445 -8.547  -9.263  1.00 30.85 ? 135 GLU A OE1 1 
ATOM   789  O  OE2 . GLU A 1 119 ? -9.679  -10.003 -7.803  1.00 32.57 ? 135 GLU A OE2 1 
ATOM   790  N  N   . LYS A 1 120 ? -6.233  -6.508  -7.408  1.00 29.03 ? 136 LYS A N   1 
ATOM   791  C  CA  . LYS A 1 120 ? -5.808  -5.453  -8.320  1.00 25.75 ? 136 LYS A CA  1 
ATOM   792  C  C   . LYS A 1 120 ? -4.294  -5.401  -8.488  1.00 29.55 ? 136 LYS A C   1 
ATOM   793  O  O   . LYS A 1 120 ? -3.781  -5.457  -9.606  1.00 31.74 ? 136 LYS A O   1 
ATOM   794  C  CB  . LYS A 1 120 ? -6.347  -4.108  -7.837  1.00 23.02 ? 136 LYS A CB  1 
ATOM   795  C  CG  . LYS A 1 120 ? -7.849  -4.131  -7.622  1.00 23.98 ? 136 LYS A CG  1 
ATOM   796  C  CD  . LYS A 1 120 ? -8.379  -2.814  -7.104  1.00 19.86 ? 136 LYS A CD  1 
ATOM   797  C  CE  . LYS A 1 120 ? -9.898  -2.866  -6.984  1.00 20.87 ? 136 LYS A CE  1 
ATOM   798  N  NZ  . LYS A 1 120 ? -10.448 -1.599  -6.434  1.00 23.82 ? 136 LYS A NZ  1 
ATOM   799  N  N   . LEU A 1 121 ? -3.583  -5.296  -7.373  1.00 31.15 ? 137 LEU A N   1 
ATOM   800  C  CA  . LEU A 1 121 ? -2.129  -5.245  -7.399  1.00 28.02 ? 137 LEU A CA  1 
ATOM   801  C  C   . LEU A 1 121 ? -1.535  -6.647  -7.404  1.00 27.87 ? 137 LEU A C   1 
ATOM   802  O  O   . LEU A 1 121 ? -1.913  -7.498  -6.601  1.00 39.11 ? 137 LEU A O   1 
ATOM   803  C  CB  . LEU A 1 121 ? -1.602  -4.460  -6.196  1.00 23.51 ? 137 LEU A CB  1 
ATOM   804  C  CG  . LEU A 1 121 ? -2.190  -3.061  -6.008  1.00 23.79 ? 137 LEU A CG  1 
ATOM   805  C  CD1 . LEU A 1 121 ? -1.629  -2.408  -4.750  1.00 22.20 ? 137 LEU A CD1 1 
ATOM   806  C  CD2 . LEU A 1 121 ? -1.931  -2.195  -7.237  1.00 16.72 ? 137 LEU A CD2 1 
ATOM   807  N  N   . SER A 1 122 ? -0.607  -6.882  -8.323  1.00 34.28 ? 138 SER A N   1 
ATOM   808  C  CA  . SER A 1 122 ? 0.115   -8.145  -8.380  1.00 35.55 ? 138 SER A CA  1 
ATOM   809  C  C   . SER A 1 122 ? 1.502   -7.895  -8.939  1.00 31.64 ? 138 SER A C   1 
ATOM   810  O  O   . SER A 1 122 ? 1.775   -6.826  -9.485  1.00 32.92 ? 138 SER A O   1 
ATOM   811  C  CB  . SER A 1 122 ? -0.628  -9.170  -9.237  1.00 39.71 ? 138 SER A CB  1 
ATOM   812  O  OG  . SER A 1 122 ? -1.750  -9.692  -8.547  1.00 40.16 ? 138 SER A OG  1 
ATOM   813  N  N   . GLY A 1 123 ? 2.380   -8.882  -8.803  1.00 30.66 ? 139 GLY A N   1 
ATOM   814  C  CA  . GLY A 1 123 ? 3.756   -8.722  -9.229  1.00 30.35 ? 139 GLY A CA  1 
ATOM   815  C  C   . GLY A 1 123 ? 4.613   -8.158  -8.115  1.00 27.86 ? 139 GLY A C   1 
ATOM   816  O  O   . GLY A 1 123 ? 4.161   -8.021  -6.978  1.00 26.07 ? 139 GLY A O   1 
ATOM   817  N  N   . ARG A 1 124 ? 5.856   -7.824  -8.444  1.00 25.16 ? 140 ARG A N   1 
ATOM   818  C  CA  . ARG A 1 124 ? 6.813   -7.391  -7.438  1.00 28.19 ? 140 ARG A CA  1 
ATOM   819  C  C   . ARG A 1 124 ? 6.804   -5.876  -7.235  1.00 26.62 ? 140 ARG A C   1 
ATOM   820  O  O   . ARG A 1 124 ? 6.467   -5.116  -8.140  1.00 27.74 ? 140 ARG A O   1 
ATOM   821  C  CB  . ARG A 1 124 ? 8.217   -7.886  -7.795  1.00 29.86 ? 140 ARG A CB  1 
ATOM   822  C  CG  . ARG A 1 124 ? 8.297   -9.392  -7.995  1.00 32.71 ? 140 ARG A CG  1 
ATOM   823  C  CD  . ARG A 1 124 ? 9.731   -9.847  -8.191  1.00 38.30 ? 140 ARG A CD  1 
ATOM   824  N  NE  . ARG A 1 124 ? 10.371  -9.155  -9.305  1.00 41.73 ? 140 ARG A NE  1 
ATOM   825  C  CZ  . ARG A 1 124 ? 11.681  -8.961  -9.410  1.00 52.26 ? 140 ARG A CZ  1 
ATOM   826  N  NH1 . ARG A 1 124 ? 12.498  -9.402  -8.460  1.00 45.21 ? 140 ARG A NH1 1 
ATOM   827  N  NH2 . ARG A 1 124 ? 12.173  -8.319  -10.460 1.00 60.28 ? 140 ARG A NH2 1 
ATOM   828  N  N   . TRP A 1 125 ? 7.176   -5.450  -6.032  1.00 29.38 ? 141 TRP A N   1 
ATOM   829  C  CA  . TRP A 1 125 ? 7.145   -4.042  -5.672  1.00 22.50 ? 141 TRP A CA  1 
ATOM   830  C  C   . TRP A 1 125 ? 8.372   -3.659  -4.859  1.00 27.78 ? 141 TRP A C   1 
ATOM   831  O  O   . TRP A 1 125 ? 9.171   -4.515  -4.477  1.00 27.46 ? 141 TRP A O   1 
ATOM   832  C  CB  . TRP A 1 125 ? 5.888   -3.735  -4.859  1.00 23.08 ? 141 TRP A CB  1 
ATOM   833  C  CG  . TRP A 1 125 ? 4.613   -3.917  -5.616  1.00 24.69 ? 141 TRP A CG  1 
ATOM   834  C  CD1 . TRP A 1 125 ? 3.976   -5.094  -5.883  1.00 24.79 ? 141 TRP A CD1 1 
ATOM   835  C  CD2 . TRP A 1 125 ? 3.808   -2.885  -6.197  1.00 20.82 ? 141 TRP A CD2 1 
ATOM   836  N  NE1 . TRP A 1 125 ? 2.829   -4.860  -6.599  1.00 25.41 ? 141 TRP A NE1 1 
ATOM   837  C  CE2 . TRP A 1 125 ? 2.702   -3.511  -6.804  1.00 21.66 ? 141 TRP A CE2 1 
ATOM   838  C  CE3 . TRP A 1 125 ? 3.918   -1.493  -6.268  1.00 23.71 ? 141 TRP A CE3 1 
ATOM   839  C  CZ2 . TRP A 1 125 ? 1.712   -2.794  -7.470  1.00 20.45 ? 141 TRP A CZ2 1 
ATOM   840  C  CZ3 . TRP A 1 125 ? 2.932   -0.782  -6.931  1.00 19.35 ? 141 TRP A CZ3 1 
ATOM   841  C  CH2 . TRP A 1 125 ? 1.845   -1.433  -7.522  1.00 19.52 ? 141 TRP A CH2 1 
ATOM   842  N  N   . HIS A 1 126 ? 8.514   -2.364  -4.597  1.00 28.57 ? 142 HIS A N   1 
ATOM   843  C  CA  . HIS A 1 126 ? 9.579   -1.863  -3.737  1.00 28.20 ? 142 HIS A CA  1 
ATOM   844  C  C   . HIS A 1 126 ? 9.059   -0.766  -2.815  1.00 23.87 ? 142 HIS A C   1 
ATOM   845  O  O   . HIS A 1 126 ? 8.428   0.188   -3.263  1.00 22.86 ? 142 HIS A O   1 
ATOM   846  C  CB  . HIS A 1 126 ? 10.746  -1.316  -4.566  1.00 28.88 ? 142 HIS A CB  1 
ATOM   847  C  CG  . HIS A 1 126 ? 11.539  -2.371  -5.275  1.00 33.62 ? 142 HIS A CG  1 
ATOM   848  N  ND1 . HIS A 1 126 ? 12.427  -3.200  -4.623  1.00 34.35 ? 142 HIS A ND1 1 
ATOM   849  C  CD2 . HIS A 1 126 ? 11.593  -2.717  -6.583  1.00 30.36 ? 142 HIS A CD2 1 
ATOM   850  C  CE1 . HIS A 1 126 ? 12.986  -4.018  -5.497  1.00 29.74 ? 142 HIS A CE1 1 
ATOM   851  N  NE2 . HIS A 1 126 ? 12.498  -3.745  -6.694  1.00 32.44 ? 142 HIS A NE2 1 
ATOM   852  N  N   . LEU A 1 127 ? 9.313   -0.916  -1.521  1.00 24.64 ? 143 LEU A N   1 
ATOM   853  C  CA  . LEU A 1 127 ? 9.123   0.184   -0.585  1.00 22.61 ? 143 LEU A CA  1 
ATOM   854  C  C   . LEU A 1 127 ? 10.495  0.730   -0.218  1.00 22.96 ? 143 LEU A C   1 
ATOM   855  O  O   . LEU A 1 127 ? 11.333  0.012   0.330   1.00 26.20 ? 143 LEU A O   1 
ATOM   856  C  CB  . LEU A 1 127 ? 8.365   -0.270  0.658   1.00 21.57 ? 143 LEU A CB  1 
ATOM   857  C  CG  . LEU A 1 127 ? 6.841   -0.202  0.564   1.00 23.03 ? 143 LEU A CG  1 
ATOM   858  C  CD1 . LEU A 1 127 ? 6.191   -0.922  1.741   1.00 19.90 ? 143 LEU A CD1 1 
ATOM   859  C  CD2 . LEU A 1 127 ? 6.374   1.243   0.482   1.00 16.91 ? 143 LEU A CD2 1 
ATOM   860  N  N   . ILE A 1 128 ? 10.726  1.997   -0.539  1.00 25.55 ? 144 ILE A N   1 
ATOM   861  C  CA  . ILE A 1 128 ? 12.045  2.594   -0.393  1.00 20.22 ? 144 ILE A CA  1 
ATOM   862  C  C   . ILE A 1 128 ? 12.007  3.789   0.547   1.00 21.26 ? 144 ILE A C   1 
ATOM   863  O  O   . ILE A 1 128 ? 11.318  4.772   0.284   1.00 22.25 ? 144 ILE A O   1 
ATOM   864  C  CB  . ILE A 1 128 ? 12.598  3.038   -1.756  1.00 23.42 ? 144 ILE A CB  1 
ATOM   865  C  CG1 . ILE A 1 128 ? 12.669  1.845   -2.711  1.00 26.97 ? 144 ILE A CG1 1 
ATOM   866  C  CG2 . ILE A 1 128 ? 13.969  3.673   -1.600  1.00 30.31 ? 144 ILE A CG2 1 
ATOM   867  C  CD1 . ILE A 1 128 ? 12.773  2.239   -4.169  1.00 34.10 ? 144 ILE A CD1 1 
ATOM   868  N  N   . ARG A 1 129 ? 12.755  3.702   1.642   1.00 22.01 ? 145 ARG A N   1 
ATOM   869  C  CA  . ARG A 1 129 ? 12.781  4.778   2.626   1.00 23.55 ? 145 ARG A CA  1 
ATOM   870  C  C   . ARG A 1 129 ? 13.935  5.735   2.372   1.00 19.55 ? 145 ARG A C   1 
ATOM   871  O  O   . ARG A 1 129 ? 15.022  5.320   1.976   1.00 21.71 ? 145 ARG A O   1 
ATOM   872  C  CB  . ARG A 1 129 ? 12.889  4.211   4.040   1.00 23.30 ? 145 ARG A CB  1 
ATOM   873  C  CG  . ARG A 1 129 ? 12.750  5.256   5.135   1.00 24.71 ? 145 ARG A CG  1 
ATOM   874  C  CD  . ARG A 1 129 ? 13.032  4.655   6.496   1.00 26.60 ? 145 ARG A CD  1 
ATOM   875  N  NE  . ARG A 1 129 ? 14.440  4.302   6.651   1.00 24.80 ? 145 ARG A NE  1 
ATOM   876  C  CZ  . ARG A 1 129 ? 14.889  3.398   7.516   1.00 28.12 ? 145 ARG A CZ  1 
ATOM   877  N  NH1 . ARG A 1 129 ? 14.040  2.742   8.296   1.00 29.09 ? 145 ARG A NH1 1 
ATOM   878  N  NH2 . ARG A 1 129 ? 16.187  3.140   7.593   1.00 35.83 ? 145 ARG A NH2 1 
ATOM   879  N  N   . THR A 1 130 ? 13.694  7.018   2.606   1.00 20.26 ? 146 THR A N   1 
ATOM   880  C  CA  . THR A 1 130 ? 14.747  8.014   2.493   1.00 22.85 ? 146 THR A CA  1 
ATOM   881  C  C   . THR A 1 130 ? 15.794  7.804   3.586   1.00 26.54 ? 146 THR A C   1 
ATOM   882  O  O   . THR A 1 130 ? 15.479  7.314   4.672   1.00 27.98 ? 146 THR A O   1 
ATOM   883  C  CB  . THR A 1 130 ? 14.181  9.440   2.592   1.00 22.49 ? 146 THR A CB  1 
ATOM   884  O  OG1 . THR A 1 130 ? 15.220  10.390  2.327   1.00 28.43 ? 146 THR A OG1 1 
ATOM   885  C  CG2 . THR A 1 130 ? 13.614  9.690   3.973   1.00 27.99 ? 146 THR A CG2 1 
ATOM   886  N  N   . ASN A 1 131 ? 17.039  8.161   3.282   1.00 22.58 ? 147 ASN A N   1 
ATOM   887  C  CA  . ASN A 1 131 ? 18.135  8.090   4.245   1.00 26.47 ? 147 ASN A CA  1 
ATOM   888  C  C   . ASN A 1 131 ? 18.217  9.355   5.080   1.00 32.00 ? 147 ASN A C   1 
ATOM   889  O  O   . ASN A 1 131 ? 18.973  9.426   6.049   1.00 35.03 ? 147 ASN A O   1 
ATOM   890  C  CB  . ASN A 1 131 ? 19.469  7.900   3.522   1.00 38.17 ? 147 ASN A CB  1 
ATOM   891  C  CG  . ASN A 1 131 ? 19.770  6.453   3.221   1.00 45.19 ? 147 ASN A CG  1 
ATOM   892  O  OD1 . ASN A 1 131 ? 19.098  5.550   3.721   1.00 45.52 ? 147 ASN A OD1 1 
ATOM   893  N  ND2 . ASN A 1 131 ? 20.794  6.217   2.405   1.00 43.55 ? 147 ASN A ND2 1 
ATOM   894  N  N   . LEU A 1 132 ? 17.444  10.359  4.688   1.00 28.52 ? 148 LEU A N   1 
ATOM   895  C  CA  . LEU A 1 132 ? 17.514  11.668  5.318   1.00 28.49 ? 148 LEU A CA  1 
ATOM   896  C  C   . LEU A 1 132 ? 17.101  11.600  6.782   1.00 39.16 ? 148 LEU A C   1 
ATOM   897  O  O   . LEU A 1 132 ? 15.998  11.156  7.110   1.00 42.20 ? 148 LEU A O   1 
ATOM   898  C  CB  . LEU A 1 132 ? 16.635  12.665  4.561   1.00 33.06 ? 148 LEU A CB  1 
ATOM   899  C  CG  . LEU A 1 132 ? 17.095  14.121  4.574   1.00 34.88 ? 148 LEU A CG  1 
ATOM   900  C  CD1 . LEU A 1 132 ? 18.495  14.234  3.987   1.00 34.59 ? 148 LEU A CD1 1 
ATOM   901  C  CD2 . LEU A 1 132 ? 16.115  14.993  3.810   1.00 36.56 ? 148 LEU A CD2 1 
ATOM   902  N  N   . ARG A 1 133 ? 17.995  12.036  7.662   1.00 46.19 ? 149 ARG A N   1 
ATOM   903  C  CA  . ARG A 1 133 ? 17.709  12.056  9.090   1.00 46.10 ? 149 ARG A CA  1 
ATOM   904  C  C   . ARG A 1 133 ? 16.623  13.085  9.386   1.00 47.88 ? 149 ARG A C   1 
ATOM   905  O  O   . ARG A 1 133 ? 16.693  14.225  8.927   1.00 51.26 ? 149 ARG A O   1 
ATOM   906  C  CB  . ARG A 1 133 ? 18.981  12.354  9.885   1.00 53.03 ? 149 ARG A CB  1 
ATOM   907  C  CG  . ARG A 1 133 ? 18.833  12.225  11.393  1.00 58.37 ? 149 ARG A CG  1 
ATOM   908  C  CD  . ARG A 1 133 ? 20.164  11.878  12.044  1.00 61.67 ? 149 ARG A CD  1 
ATOM   909  N  NE  . ARG A 1 133 ? 21.256  12.702  11.534  1.00 65.48 ? 149 ARG A NE  1 
ATOM   910  C  CZ  . ARG A 1 133 ? 21.600  13.885  12.034  1.00 69.55 ? 149 ARG A CZ  1 
ATOM   911  N  NH1 . ARG A 1 133 ? 20.931  14.390  13.062  1.00 72.15 ? 149 ARG A NH1 1 
ATOM   912  N  NH2 . ARG A 1 133 ? 22.609  14.565  11.506  1.00 53.70 ? 149 ARG A NH2 1 
ATOM   913  N  N   . GLY A 1 134 ? 15.611  12.673  10.142  1.00 48.79 ? 150 GLY A N   1 
ATOM   914  C  CA  . GLY A 1 134 ? 14.480  13.533  10.436  1.00 46.26 ? 150 GLY A CA  1 
ATOM   915  C  C   . GLY A 1 134 ? 13.377  13.396  9.403   1.00 48.25 ? 150 GLY A C   1 
ATOM   916  O  O   . GLY A 1 134 ? 12.480  14.235  9.326   1.00 48.69 ? 150 GLY A O   1 
ATOM   917  N  N   . LYS A 1 135 ? 13.448  12.336  8.605   1.00 40.95 ? 151 LYS A N   1 
ATOM   918  C  CA  . LYS A 1 135 ? 12.451  12.081  7.571   1.00 37.36 ? 151 LYS A CA  1 
ATOM   919  C  C   . LYS A 1 135 ? 12.237  10.580  7.391   1.00 36.51 ? 151 LYS A C   1 
ATOM   920  O  O   . LYS A 1 135 ? 11.921  10.116  6.298   1.00 36.64 ? 151 LYS A O   1 
ATOM   921  C  CB  . LYS A 1 135 ? 12.887  12.709  6.245   1.00 43.64 ? 151 LYS A CB  1 
ATOM   922  C  CG  . LYS A 1 135 ? 13.127  14.211  6.309   1.00 47.65 ? 151 LYS A CG  1 
ATOM   923  C  CD  . LYS A 1 135 ? 11.821  14.986  6.376   1.00 42.72 ? 151 LYS A CD  1 
ATOM   924  C  CE  . LYS A 1 135 ? 11.110  14.977  5.032   1.00 48.13 ? 151 LYS A CE  1 
ATOM   925  N  NZ  . LYS A 1 135 ? 11.910  15.667  3.980   1.00 45.82 ? 151 LYS A NZ  1 
ATOM   926  N  N   . GLN A 1 136 ? 12.399  9.831   8.476   1.00 34.99 ? 152 GLN A N   1 
ATOM   927  C  CA  . GLN A 1 136 ? 12.365  8.371   8.428   1.00 32.42 ? 152 GLN A CA  1 
ATOM   928  C  C   . GLN A 1 136 ? 10.988  7.783   8.110   1.00 30.73 ? 152 GLN A C   1 
ATOM   929  O  O   . GLN A 1 136 ? 10.877  6.608   7.761   1.00 31.01 ? 152 GLN A O   1 
ATOM   930  C  CB  . GLN A 1 136 ? 12.892  7.790   9.741   1.00 37.75 ? 152 GLN A CB  1 
ATOM   931  C  CG  . GLN A 1 136 ? 14.313  8.211   10.070  1.00 36.75 ? 152 GLN A CG  1 
ATOM   932  C  CD  . GLN A 1 136 ? 15.314  7.736   9.036   1.00 45.38 ? 152 GLN A CD  1 
ATOM   933  O  OE1 . GLN A 1 136 ? 15.537  8.397   8.018   1.00 44.83 ? 152 GLN A OE1 1 
ATOM   934  N  NE2 . GLN A 1 136 ? 15.925  6.585   9.293   1.00 45.86 ? 152 GLN A NE2 1 
ATOM   935  N  N   . SER A 1 137 ? 9.940   8.591   8.235   1.00 25.01 ? 153 SER A N   1 
ATOM   936  C  CA  . SER A 1 137 ? 8.594   8.128   7.907   1.00 30.28 ? 153 SER A CA  1 
ATOM   937  C  C   . SER A 1 137 ? 8.324   8.263   6.411   1.00 29.15 ? 153 SER A C   1 
ATOM   938  O  O   . SER A 1 137 ? 7.278   7.842   5.916   1.00 24.43 ? 153 SER A O   1 
ATOM   939  C  CB  . SER A 1 137 ? 7.543   8.906   8.700   1.00 27.66 ? 153 SER A CB  1 
ATOM   940  O  OG  . SER A 1 137 ? 7.455   10.246  8.249   1.00 38.07 ? 153 SER A OG  1 
ATOM   941  N  N   . GLN A 1 138 ? 9.275   8.851   5.695   1.00 27.79 ? 154 GLN A N   1 
ATOM   942  C  CA  . GLN A 1 138 ? 9.132   9.060   4.260   1.00 27.82 ? 154 GLN A CA  1 
ATOM   943  C  C   . GLN A 1 138 ? 9.636   7.871   3.453   1.00 28.27 ? 154 GLN A C   1 
ATOM   944  O  O   . GLN A 1 138 ? 10.836  7.581   3.425   1.00 24.08 ? 154 GLN A O   1 
ATOM   945  C  CB  . GLN A 1 138 ? 9.850   10.339  3.823   1.00 35.60 ? 154 GLN A CB  1 
ATOM   946  C  CG  . GLN A 1 138 ? 9.168   11.612  4.292   1.00 39.19 ? 154 GLN A CG  1 
ATOM   947  C  CD  . GLN A 1 138 ? 8.685   12.466  3.137   1.00 41.15 ? 154 GLN A CD  1 
ATOM   948  O  OE1 . GLN A 1 138 ? 9.331   12.538  2.090   1.00 37.12 ? 154 GLN A OE1 1 
ATOM   949  N  NE2 . GLN A 1 138 ? 7.545   13.123  3.322   1.00 36.69 ? 154 GLN A NE2 1 
ATOM   950  N  N   . TRP A 1 139 ? 8.701   7.188   2.800   1.00 21.02 ? 155 TRP A N   1 
ATOM   951  C  CA  . TRP A 1 139 ? 9.018   6.075   1.919   1.00 20.69 ? 155 TRP A CA  1 
ATOM   952  C  C   . TRP A 1 139 ? 8.474   6.360   0.526   1.00 24.48 ? 155 TRP A C   1 
ATOM   953  O  O   . TRP A 1 139 ? 7.799   7.365   0.303   1.00 24.43 ? 155 TRP A O   1 
ATOM   954  C  CB  . TRP A 1 139 ? 8.390   4.784   2.438   1.00 19.16 ? 155 TRP A CB  1 
ATOM   955  C  CG  . TRP A 1 139 ? 8.875   4.343   3.778   1.00 23.98 ? 155 TRP A CG  1 
ATOM   956  C  CD1 . TRP A 1 139 ? 8.673   4.972   4.972   1.00 24.97 ? 155 TRP A CD1 1 
ATOM   957  C  CD2 . TRP A 1 139 ? 9.619   3.156   4.071   1.00 23.46 ? 155 TRP A CD2 1 
ATOM   958  N  NE1 . TRP A 1 139 ? 9.257   4.257   5.988   1.00 24.65 ? 155 TRP A NE1 1 
ATOM   959  C  CE2 . TRP A 1 139 ? 9.844   3.137   5.462   1.00 29.22 ? 155 TRP A CE2 1 
ATOM   960  C  CE3 . TRP A 1 139 ? 10.122  2.110   3.291   1.00 23.37 ? 155 TRP A CE3 1 
ATOM   961  C  CZ2 . TRP A 1 139 ? 10.551  2.111   6.090   1.00 27.19 ? 155 TRP A CZ2 1 
ATOM   962  C  CZ3 . TRP A 1 139 ? 10.822  1.093   3.916   1.00 25.11 ? 155 TRP A CZ3 1 
ATOM   963  C  CH2 . TRP A 1 139 ? 11.030  1.101   5.302   1.00 27.97 ? 155 TRP A CH2 1 
ATOM   964  N  N   . PHE A 1 140 ? 8.765   5.461   -0.407  1.00 22.17 ? 156 PHE A N   1 
ATOM   965  C  CA  . PHE A 1 140 ? 8.188   5.536   -1.741  1.00 21.30 ? 156 PHE A CA  1 
ATOM   966  C  C   . PHE A 1 140 ? 7.845   4.146   -2.253  1.00 22.78 ? 156 PHE A C   1 
ATOM   967  O  O   . PHE A 1 140 ? 8.659   3.223   -2.181  1.00 23.24 ? 156 PHE A O   1 
ATOM   968  C  CB  . PHE A 1 140 ? 9.121   6.273   -2.708  1.00 19.51 ? 156 PHE A CB  1 
ATOM   969  C  CG  . PHE A 1 140 ? 9.261   7.737   -2.402  1.00 23.46 ? 156 PHE A CG  1 
ATOM   970  C  CD1 . PHE A 1 140 ? 8.355   8.653   -2.911  1.00 22.13 ? 156 PHE A CD1 1 
ATOM   971  C  CD2 . PHE A 1 140 ? 10.283  8.193   -1.584  1.00 18.94 ? 156 PHE A CD2 1 
ATOM   972  C  CE1 . PHE A 1 140 ? 8.472   10.002  -2.621  1.00 19.46 ? 156 PHE A CE1 1 
ATOM   973  C  CE2 . PHE A 1 140 ? 10.405  9.536   -1.291  1.00 21.02 ? 156 PHE A CE2 1 
ATOM   974  C  CZ  . PHE A 1 140 ? 9.498   10.442  -1.810  1.00 24.38 ? 156 PHE A CZ  1 
ATOM   975  N  N   . LEU A 1 141 ? 6.619   4.005   -2.745  1.00 20.97 ? 157 LEU A N   1 
ATOM   976  C  CA  . LEU A 1 141 ? 6.145   2.746   -3.296  1.00 20.55 ? 157 LEU A CA  1 
ATOM   977  C  C   . LEU A 1 141 ? 6.372   2.738   -4.800  1.00 24.72 ? 157 LEU A C   1 
ATOM   978  O  O   . LEU A 1 141 ? 5.812   3.561   -5.526  1.00 23.07 ? 157 LEU A O   1 
ATOM   979  C  CB  . LEU A 1 141 ? 4.657   2.562   -2.996  1.00 21.96 ? 157 LEU A CB  1 
ATOM   980  C  CG  . LEU A 1 141 ? 4.040   1.247   -3.472  1.00 20.81 ? 157 LEU A CG  1 
ATOM   981  C  CD1 . LEU A 1 141 ? 4.617   0.076   -2.692  1.00 18.99 ? 157 LEU A CD1 1 
ATOM   982  C  CD2 . LEU A 1 141 ? 2.527   1.290   -3.339  1.00 22.67 ? 157 LEU A CD2 1 
ATOM   983  N  N   . VAL A 1 142 ? 7.197   1.806   -5.260  1.00 24.14 ? 158 VAL A N   1 
ATOM   984  C  CA  . VAL A 1 142 ? 7.528   1.714   -6.675  1.00 24.71 ? 158 VAL A CA  1 
ATOM   985  C  C   . VAL A 1 142 ? 7.261   0.310   -7.204  1.00 23.01 ? 158 VAL A C   1 
ATOM   986  O  O   . VAL A 1 142 ? 7.663   -0.681  -6.597  1.00 30.01 ? 158 VAL A O   1 
ATOM   987  C  CB  . VAL A 1 142 ? 9.002   2.089   -6.935  1.00 28.05 ? 158 VAL A CB  1 
ATOM   988  C  CG1 . VAL A 1 142 ? 9.312   2.031   -8.425  1.00 26.27 ? 158 VAL A CG1 1 
ATOM   989  C  CG2 . VAL A 1 142 ? 9.302   3.471   -6.377  1.00 20.53 ? 158 VAL A CG2 1 
ATOM   990  N  N   . LYS A 1 143 ? 6.570   0.234   -8.335  1.00 23.69 ? 159 LYS A N   1 
ATOM   991  C  CA  . LYS A 1 143 ? 6.288   -1.043  -8.972  1.00 26.94 ? 159 LYS A CA  1 
ATOM   992  C  C   . LYS A 1 143 ? 7.554   -1.586  -9.620  1.00 27.12 ? 159 LYS A C   1 
ATOM   993  O  O   . LYS A 1 143 ? 8.304   -0.839  -10.246 1.00 27.03 ? 159 LYS A O   1 
ATOM   994  C  CB  . LYS A 1 143 ? 5.194   -0.877  -10.027 1.00 23.12 ? 159 LYS A CB  1 
ATOM   995  C  CG  . LYS A 1 143 ? 4.860   -2.157  -10.774 1.00 24.48 ? 159 LYS A CG  1 
ATOM   996  C  CD  . LYS A 1 143 ? 4.086   -3.125  -9.893  1.00 24.07 ? 159 LYS A CD  1 
ATOM   997  C  CE  . LYS A 1 143 ? 3.905   -4.469  -10.577 1.00 24.83 ? 159 LYS A CE  1 
ATOM   998  N  NZ  . LYS A 1 143 ? 5.195   -5.203  -10.678 1.00 28.54 ? 159 LYS A NZ  1 
ATOM   999  N  N   . ALA A 1 144 ? 7.793   -2.884  -9.465  1.00 25.69 ? 160 ALA A N   1 
ATOM   1000 C  CA  . ALA A 1 144 ? 8.947   -3.519  -10.086 1.00 30.38 ? 160 ALA A CA  1 
ATOM   1001 C  C   . ALA A 1 144 ? 8.634   -3.861  -11.535 1.00 31.17 ? 160 ALA A C   1 
ATOM   1002 O  O   . ALA A 1 144 ? 7.490   -4.162  -11.874 1.00 31.01 ? 160 ALA A O   1 
ATOM   1003 C  CB  . ALA A 1 144 ? 9.349   -4.768  -9.323  1.00 32.88 ? 160 ALA A CB  1 
ATOM   1004 N  N   . LYS A 1 145 ? 9.650   -3.807  -12.390 1.00 32.73 ? 161 LYS A N   1 
ATOM   1005 C  CA  . LYS A 1 145 ? 9.469   -4.131  -13.797 1.00 32.34 ? 161 LYS A CA  1 
ATOM   1006 C  C   . LYS A 1 145 ? 9.281   -5.631  -13.985 1.00 34.26 ? 161 LYS A C   1 
ATOM   1007 O  O   . LYS A 1 145 ? 10.225  -6.409  -13.843 1.00 38.15 ? 161 LYS A O   1 
ATOM   1008 C  CB  . LYS A 1 145 ? 10.655  -3.639  -14.632 1.00 34.40 ? 161 LYS A CB  1 
ATOM   1009 C  CG  . LYS A 1 145 ? 10.911  -2.141  -14.540 1.00 37.80 ? 161 LYS A CG  1 
ATOM   1010 C  CD  . LYS A 1 145 ? 11.798  -1.667  -15.682 1.00 45.76 ? 161 LYS A CD  1 
ATOM   1011 C  CE  . LYS A 1 145 ? 12.422  -0.311  -15.382 1.00 47.83 ? 161 LYS A CE  1 
ATOM   1012 N  NZ  . LYS A 1 145 ? 11.406  0.712   -15.004 1.00 42.59 ? 161 LYS A NZ  1 
ATOM   1013 N  N   . ASP A 1 146 ? 8.053   -6.032  -14.291 1.00 30.74 ? 162 ASP A N   1 
ATOM   1014 C  CA  . ASP A 1 146 ? 7.752   -7.431  -14.565 1.00 32.87 ? 162 ASP A CA  1 
ATOM   1015 C  C   . ASP A 1 146 ? 6.497   -7.553  -15.420 1.00 28.53 ? 162 ASP A C   1 
ATOM   1016 O  O   . ASP A 1 146 ? 6.041   -6.571  -16.003 1.00 34.08 ? 162 ASP A O   1 
ATOM   1017 C  CB  . ASP A 1 146 ? 7.611   -8.229  -13.263 1.00 34.68 ? 162 ASP A CB  1 
ATOM   1018 C  CG  . ASP A 1 146 ? 6.474   -7.733  -12.386 1.00 34.20 ? 162 ASP A CG  1 
ATOM   1019 O  OD1 . ASP A 1 146 ? 5.640   -6.934  -12.868 1.00 27.77 ? 162 ASP A OD1 1 
ATOM   1020 O  OD2 . ASP A 1 146 ? 6.412   -8.151  -11.209 1.00 28.54 ? 162 ASP A OD2 1 
ATOM   1021 N  N   . GLY A 1 147 ? 5.942   -8.757  -15.489 1.00 32.64 ? 163 GLY A N   1 
ATOM   1022 C  CA  . GLY A 1 147 ? 4.770   -9.011  -16.306 1.00 32.92 ? 163 GLY A CA  1 
ATOM   1023 C  C   . GLY A 1 147 ? 3.545   -8.214  -15.895 1.00 33.35 ? 163 GLY A C   1 
ATOM   1024 O  O   . GLY A 1 147 ? 2.643   -7.990  -16.704 1.00 28.82 ? 163 GLY A O   1 
ATOM   1025 N  N   . GLU A 1 148 ? 3.509   -7.783  -14.639 1.00 29.77 ? 164 GLU A N   1 
ATOM   1026 C  CA  . GLU A 1 148 ? 2.353   -7.062  -14.117 1.00 29.51 ? 164 GLU A CA  1 
ATOM   1027 C  C   . GLU A 1 148 ? 2.503   -5.555  -14.286 1.00 28.65 ? 164 GLU A C   1 
ATOM   1028 O  O   . GLU A 1 148 ? 1.575   -4.796  -14.012 1.00 32.05 ? 164 GLU A O   1 
ATOM   1029 C  CB  . GLU A 1 148 ? 2.121   -7.404  -12.644 1.00 30.44 ? 164 GLU A CB  1 
ATOM   1030 C  CG  . GLU A 1 148 ? 2.206   -8.889  -12.327 1.00 33.38 ? 164 GLU A CG  1 
ATOM   1031 C  CD  . GLU A 1 148 ? 1.180   -9.717  -13.079 1.00 42.21 ? 164 GLU A CD  1 
ATOM   1032 O  OE1 . GLU A 1 148 ? 0.235   -9.133  -13.653 1.00 32.11 ? 164 GLU A OE1 1 
ATOM   1033 O  OE2 . GLU A 1 148 ? 1.320   -10.959 -13.091 1.00 46.10 ? 164 GLU A OE2 1 
ATOM   1034 N  N   . ALA A 1 149 ? 3.676   -5.128  -14.741 1.00 27.28 ? 165 ALA A N   1 
ATOM   1035 C  CA  . ALA A 1 149 ? 3.943   -3.713  -14.952 1.00 26.50 ? 165 ALA A CA  1 
ATOM   1036 C  C   . ALA A 1 149 ? 3.085   -3.164  -16.086 1.00 27.59 ? 165 ALA A C   1 
ATOM   1037 O  O   . ALA A 1 149 ? 3.000   -3.765  -17.155 1.00 31.77 ? 165 ALA A O   1 
ATOM   1038 C  CB  . ALA A 1 149 ? 5.415   -3.491  -15.249 1.00 25.45 ? 165 ALA A CB  1 
ATOM   1039 N  N   . ARG A 1 150 ? 2.452   -2.021  -15.846 1.00 26.64 ? 166 ARG A N   1 
ATOM   1040 C  CA  . ARG A 1 150 ? 1.621   -1.381  -16.857 1.00 27.85 ? 166 ARG A CA  1 
ATOM   1041 C  C   . ARG A 1 150 ? 1.892   0.118   -16.906 1.00 31.13 ? 166 ARG A C   1 
ATOM   1042 O  O   . ARG A 1 150 ? 1.822   0.803   -15.885 1.00 31.07 ? 166 ARG A O   1 
ATOM   1043 C  CB  . ARG A 1 150 ? 0.139   -1.630  -16.570 1.00 32.02 ? 166 ARG A CB  1 
ATOM   1044 C  CG  . ARG A 1 150 ? -0.213  -3.083  -16.285 1.00 31.11 ? 166 ARG A CG  1 
ATOM   1045 C  CD  . ARG A 1 150 ? -1.091  -3.681  -17.375 1.00 33.07 ? 166 ARG A CD  1 
ATOM   1046 N  NE  . ARG A 1 150 ? -1.516  -5.035  -17.032 1.00 46.28 ? 166 ARG A NE  1 
ATOM   1047 C  CZ  . ARG A 1 150 ? -0.841  -6.136  -17.350 1.00 47.62 ? 166 ARG A CZ  1 
ATOM   1048 N  NH1 . ARG A 1 150 ? 0.295   -6.048  -18.031 1.00 35.61 ? 166 ARG A NH1 1 
ATOM   1049 N  NH2 . ARG A 1 150 ? -1.303  -7.326  -16.988 1.00 42.82 ? 166 ARG A NH2 1 
ATOM   1050 N  N   . SER A 1 151 ? 2.210   0.620   -18.095 1.00 29.08 ? 167 SER A N   1 
ATOM   1051 C  CA  . SER A 1 151 ? 2.415   2.048   -18.296 1.00 28.89 ? 167 SER A CA  1 
ATOM   1052 C  C   . SER A 1 151 ? 1.204   2.830   -17.802 1.00 27.81 ? 167 SER A C   1 
ATOM   1053 O  O   . SER A 1 151 ? 0.063   2.420   -18.011 1.00 32.53 ? 167 SER A O   1 
ATOM   1054 C  CB  . SER A 1 151 ? 2.674   2.346   -19.774 1.00 29.51 ? 167 SER A CB  1 
ATOM   1055 O  OG  . SER A 1 151 ? 2.731   3.739   -20.012 1.00 37.41 ? 167 SER A OG  1 
ATOM   1056 N  N   . LEU A 1 152 ? 1.458   3.958   -17.148 1.00 25.48 ? 168 LEU A N   1 
ATOM   1057 C  CA  . LEU A 1 152 ? 0.402   4.741   -16.512 1.00 27.02 ? 168 LEU A CA  1 
ATOM   1058 C  C   . LEU A 1 152 ? -0.600  5.330   -17.500 1.00 29.99 ? 168 LEU A C   1 
ATOM   1059 O  O   . LEU A 1 152 ? -1.790  5.425   -17.201 1.00 32.05 ? 168 LEU A O   1 
ATOM   1060 C  CB  . LEU A 1 152 ? 1.008   5.853   -15.651 1.00 30.30 ? 168 LEU A CB  1 
ATOM   1061 C  CG  . LEU A 1 152 ? 0.040   6.853   -15.012 1.00 29.49 ? 168 LEU A CG  1 
ATOM   1062 C  CD1 . LEU A 1 152 ? -0.998  6.150   -14.148 1.00 23.71 ? 168 LEU A CD1 1 
ATOM   1063 C  CD2 . LEU A 1 152 ? 0.809   7.881   -14.196 1.00 24.02 ? 168 LEU A CD2 1 
ATOM   1064 N  N   . ASP A 1 153 ? -0.125  5.728   -18.675 1.00 35.02 ? 169 ASP A N   1 
ATOM   1065 C  CA  . ASP A 1 153 ? -1.006  6.359   -19.652 1.00 39.77 ? 169 ASP A CA  1 
ATOM   1066 C  C   . ASP A 1 153 ? -1.824  5.343   -20.451 1.00 37.02 ? 169 ASP A C   1 
ATOM   1067 O  O   . ASP A 1 153 ? -2.673  5.718   -21.256 1.00 38.43 ? 169 ASP A O   1 
ATOM   1068 C  CB  . ASP A 1 153 ? -0.229  7.311   -20.575 1.00 40.54 ? 169 ASP A CB  1 
ATOM   1069 C  CG  . ASP A 1 153 ? 0.896   6.622   -21.324 1.00 44.90 ? 169 ASP A CG  1 
ATOM   1070 O  OD1 . ASP A 1 153 ? 0.934   5.374   -21.341 1.00 43.45 ? 169 ASP A OD1 1 
ATOM   1071 O  OD2 . ASP A 1 153 ? 1.743   7.337   -21.901 1.00 48.10 ? 169 ASP A OD2 1 
ATOM   1072 N  N   . ARG A 1 154 ? -1.568  4.058   -20.225 1.00 34.67 ? 170 ARG A N   1 
ATOM   1073 C  CA  A ARG A 1 154 ? -2.356  3.022   -20.880 0.45 34.90 ? 170 ARG A CA  1 
ATOM   1074 C  CA  B ARG A 1 154 ? -2.324  2.990   -20.875 0.55 35.12 ? 170 ARG A CA  1 
ATOM   1075 C  C   . ARG A 1 154 ? -3.265  2.299   -19.892 1.00 32.74 ? 170 ARG A C   1 
ATOM   1076 O  O   . ARG A 1 154 ? -4.370  1.887   -20.249 1.00 31.92 ? 170 ARG A O   1 
ATOM   1077 C  CB  A ARG A 1 154 ? -1.464  2.032   -21.640 0.45 36.74 ? 170 ARG A CB  1 
ATOM   1078 C  CB  B ARG A 1 154 ? -1.376  1.956   -21.488 0.55 36.71 ? 170 ARG A CB  1 
ATOM   1079 C  CG  A ARG A 1 154 ? -0.483  1.253   -20.781 0.45 35.51 ? 170 ARG A CG  1 
ATOM   1080 C  CG  B ARG A 1 154 ? -0.817  2.341   -22.847 0.55 37.39 ? 170 ARG A CG  1 
ATOM   1081 C  CD  A ARG A 1 154 ? 0.342   0.306   -21.641 0.45 33.79 ? 170 ARG A CD  1 
ATOM   1082 C  CD  B ARG A 1 154 ? 0.040   1.226   -23.422 0.55 35.62 ? 170 ARG A CD  1 
ATOM   1083 N  NE  A ARG A 1 154 ? 1.319   -0.445  -20.857 0.45 31.39 ? 170 ARG A NE  1 
ATOM   1084 N  NE  B ARG A 1 154 ? -0.033  1.179   -24.881 0.55 32.35 ? 170 ARG A NE  1 
ATOM   1085 C  CZ  A ARG A 1 154 ? 2.095   -1.402  -21.355 0.45 29.23 ? 170 ARG A CZ  1 
ATOM   1086 C  CZ  B ARG A 1 154 ? -0.768  0.307   -25.563 0.55 37.12 ? 170 ARG A CZ  1 
ATOM   1087 N  NH1 A ARG A 1 154 ? 2.008   -1.729  -22.637 0.45 31.60 ? 170 ARG A NH1 1 
ATOM   1088 N  NH1 B ARG A 1 154 ? -1.492  -0.600  -24.921 0.55 35.07 ? 170 ARG A NH1 1 
ATOM   1089 N  NH2 A ARG A 1 154 ? 2.957   -2.034  -20.572 0.45 28.89 ? 170 ARG A NH2 1 
ATOM   1090 N  NH2 B ARG A 1 154 ? -0.776  0.335   -26.890 0.55 40.62 ? 170 ARG A NH2 1 
ATOM   1091 N  N   . PHE A 1 155 ? -2.813  2.164   -18.650 1.00 32.07 ? 171 PHE A N   1 
ATOM   1092 C  CA  . PHE A 1 155 ? -3.611  1.509   -17.620 1.00 27.04 ? 171 PHE A CA  1 
ATOM   1093 C  C   . PHE A 1 155 ? -3.363  2.128   -16.250 1.00 27.34 ? 171 PHE A C   1 
ATOM   1094 O  O   . PHE A 1 155 ? -2.330  1.886   -15.625 1.00 27.92 ? 171 PHE A O   1 
ATOM   1095 C  CB  . PHE A 1 155 ? -3.314  0.007   -17.584 1.00 27.03 ? 171 PHE A CB  1 
ATOM   1096 C  CG  . PHE A 1 155 ? -4.302  -0.787  -16.776 1.00 26.37 ? 171 PHE A CG  1 
ATOM   1097 C  CD1 . PHE A 1 155 ? -4.127  -0.958  -15.413 1.00 27.20 ? 171 PHE A CD1 1 
ATOM   1098 C  CD2 . PHE A 1 155 ? -5.406  -1.364  -17.382 1.00 27.68 ? 171 PHE A CD2 1 
ATOM   1099 C  CE1 . PHE A 1 155 ? -5.036  -1.688  -14.667 1.00 24.52 ? 171 PHE A CE1 1 
ATOM   1100 C  CE2 . PHE A 1 155 ? -6.320  -2.097  -16.641 1.00 28.38 ? 171 PHE A CE2 1 
ATOM   1101 C  CZ  . PHE A 1 155 ? -6.133  -2.258  -15.283 1.00 29.36 ? 171 PHE A CZ  1 
ATOM   1102 N  N   . ASP A 1 156 ? -4.309  2.940   -15.791 1.00 23.58 ? 172 ASP A N   1 
ATOM   1103 C  CA  . ASP A 1 156 ? -4.233  3.522   -14.459 1.00 28.96 ? 172 ASP A CA  1 
ATOM   1104 C  C   . ASP A 1 156 ? -5.116  2.721   -13.509 1.00 26.15 ? 172 ASP A C   1 
ATOM   1105 O  O   . ASP A 1 156 ? -6.334  2.886   -13.496 1.00 22.53 ? 172 ASP A O   1 
ATOM   1106 C  CB  . ASP A 1 156 ? -4.670  4.988   -14.485 1.00 24.02 ? 172 ASP A CB  1 
ATOM   1107 C  CG  . ASP A 1 156 ? -4.523  5.665   -13.135 1.00 28.09 ? 172 ASP A CG  1 
ATOM   1108 O  OD1 . ASP A 1 156 ? -4.180  4.976   -12.152 1.00 27.35 ? 172 ASP A OD1 1 
ATOM   1109 O  OD2 . ASP A 1 156 ? -4.753  6.890   -13.055 1.00 33.24 ? 172 ASP A OD2 1 
ATOM   1110 N  N   . VAL A 1 157 ? -4.492  1.856   -12.713 1.00 21.66 ? 173 VAL A N   1 
ATOM   1111 C  CA  . VAL A 1 157 ? -5.229  0.934   -11.852 1.00 21.57 ? 173 VAL A CA  1 
ATOM   1112 C  C   . VAL A 1 157 ? -6.264  1.633   -10.972 1.00 23.50 ? 173 VAL A C   1 
ATOM   1113 O  O   . VAL A 1 157 ? -7.278  1.039   -10.612 1.00 25.80 ? 173 VAL A O   1 
ATOM   1114 C  CB  . VAL A 1 157 ? -4.286  0.106   -10.959 1.00 24.81 ? 173 VAL A CB  1 
ATOM   1115 C  CG1 . VAL A 1 157 ? -3.630  0.993   -9.908  1.00 18.51 ? 173 VAL A CG1 1 
ATOM   1116 C  CG2 . VAL A 1 157 ? -5.053  -1.035  -10.298 1.00 23.17 ? 173 VAL A CG2 1 
ATOM   1117 N  N   . LEU A 1 158 ? -6.008  2.889   -10.621 1.00 23.95 ? 174 LEU A N   1 
ATOM   1118 C  CA  . LEU A 1 158 ? -6.937  3.636   -9.782  1.00 23.10 ? 174 LEU A CA  1 
ATOM   1119 C  C   . LEU A 1 158 ? -8.222  3.932   -10.547 1.00 26.18 ? 174 LEU A C   1 
ATOM   1120 O  O   . LEU A 1 158 ? -9.313  3.886   -9.982  1.00 25.90 ? 174 LEU A O   1 
ATOM   1121 C  CB  . LEU A 1 158 ? -6.300  4.936   -9.285  1.00 23.34 ? 174 LEU A CB  1 
ATOM   1122 C  CG  . LEU A 1 158 ? -4.943  4.809   -8.588  1.00 29.37 ? 174 LEU A CG  1 
ATOM   1123 C  CD1 . LEU A 1 158 ? -4.476  6.163   -8.080  1.00 30.47 ? 174 LEU A CD1 1 
ATOM   1124 C  CD2 . LEU A 1 158 ? -4.999  3.802   -7.450  1.00 21.31 ? 174 LEU A CD2 1 
ATOM   1125 N  N   . LYS A 1 159 ? -8.082  4.222   -11.838 1.00 28.82 ? 175 LYS A N   1 
ATOM   1126 C  CA  . LYS A 1 159 ? -9.223  4.531   -12.696 1.00 25.59 ? 175 LYS A CA  1 
ATOM   1127 C  C   . LYS A 1 159 ? -9.928  3.266   -13.173 1.00 27.31 ? 175 LYS A C   1 
ATOM   1128 O  O   . LYS A 1 159 ? -11.154 3.234   -13.297 1.00 24.89 ? 175 LYS A O   1 
ATOM   1129 C  CB  . LYS A 1 159 ? -8.771  5.340   -13.913 1.00 24.44 ? 175 LYS A CB  1 
ATOM   1130 C  CG  . LYS A 1 159 ? -8.084  6.654   -13.580 1.00 34.30 ? 175 LYS A CG  1 
ATOM   1131 C  CD  . LYS A 1 159 ? -9.030  7.618   -12.891 1.00 35.12 ? 175 LYS A CD  1 
ATOM   1132 C  CE  . LYS A 1 159 ? -8.425  9.010   -12.808 1.00 46.64 ? 175 LYS A CE  1 
ATOM   1133 N  NZ  . LYS A 1 159 ? -8.158  9.582   -14.160 1.00 45.17 ? 175 LYS A NZ  1 
ATOM   1134 N  N   . GLU A 1 160 ? -9.144  2.225   -13.440 1.00 23.17 ? 176 GLU A N   1 
ATOM   1135 C  CA  . GLU A 1 160 ? -9.672  0.990   -14.010 1.00 27.31 ? 176 GLU A CA  1 
ATOM   1136 C  C   . GLU A 1 160 ? -10.390 0.107   -12.987 1.00 25.67 ? 176 GLU A C   1 
ATOM   1137 O  O   . GLU A 1 160 ? -11.402 -0.515  -13.303 1.00 25.12 ? 176 GLU A O   1 
ATOM   1138 C  CB  . GLU A 1 160 ? -8.555  0.205   -14.707 1.00 24.04 ? 176 GLU A CB  1 
ATOM   1139 C  CG  . GLU A 1 160 ? -7.903  0.946   -15.877 1.00 24.90 ? 176 GLU A CG  1 
ATOM   1140 C  CD  . GLU A 1 160 ? -8.842  1.143   -17.062 1.00 28.99 ? 176 GLU A CD  1 
ATOM   1141 O  OE1 . GLU A 1 160 ? -9.961  0.585   -17.051 1.00 30.46 ? 176 GLU A OE1 1 
ATOM   1142 O  OE2 . GLU A 1 160 ? -8.458  1.860   -18.009 1.00 29.54 ? 176 GLU A OE2 1 
ATOM   1143 N  N   . ARG A 1 161 ? -9.864  0.052   -11.767 1.00 22.95 ? 177 ARG A N   1 
ATOM   1144 C  CA  . ARG A 1 161 ? -10.458 -0.759  -10.708 1.00 22.26 ? 177 ARG A CA  1 
ATOM   1145 C  C   . ARG A 1 161 ? -10.683 0.090   -9.458  1.00 23.20 ? 177 ARG A C   1 
ATOM   1146 O  O   . ARG A 1 161 ? -9.921  -0.006  -8.498  1.00 24.01 ? 177 ARG A O   1 
ATOM   1147 C  CB  . ARG A 1 161 ? -9.540  -1.935  -10.366 1.00 24.73 ? 177 ARG A CB  1 
ATOM   1148 C  CG  . ARG A 1 161 ? -8.974  -2.689  -11.567 1.00 22.70 ? 177 ARG A CG  1 
ATOM   1149 C  CD  . ARG A 1 161 ? -10.050 -3.470  -12.315 1.00 22.56 ? 177 ARG A CD  1 
ATOM   1150 N  NE  . ARG A 1 161 ? -10.932 -4.206  -11.411 1.00 24.44 ? 177 ARG A NE  1 
ATOM   1151 C  CZ  . ARG A 1 161 ? -10.682 -5.421  -10.930 1.00 24.59 ? 177 ARG A CZ  1 
ATOM   1152 N  NH1 . ARG A 1 161 ? -9.562  -6.053  -11.256 1.00 24.02 ? 177 ARG A NH1 1 
ATOM   1153 N  NH2 . ARG A 1 161 ? -11.553 -6.004  -10.115 1.00 25.52 ? 177 ARG A NH2 1 
ATOM   1154 N  N   . PRO A 1 162 ? -11.738 0.921   -9.463  1.00 20.16 ? 178 PRO A N   1 
ATOM   1155 C  CA  . PRO A 1 162 ? -11.921 1.950   -8.431  1.00 21.58 ? 178 PRO A CA  1 
ATOM   1156 C  C   . PRO A 1 162 ? -12.689 1.511   -7.183  1.00 25.76 ? 178 PRO A C   1 
ATOM   1157 O  O   . PRO A 1 162 ? -12.714 2.263   -6.207  1.00 26.79 ? 178 PRO A O   1 
ATOM   1158 C  CB  . PRO A 1 162 ? -12.735 3.015   -9.163  1.00 20.39 ? 178 PRO A CB  1 
ATOM   1159 C  CG  . PRO A 1 162 ? -13.572 2.228   -10.123 1.00 24.40 ? 178 PRO A CG  1 
ATOM   1160 C  CD  . PRO A 1 162 ? -12.763 1.011   -10.517 1.00 23.38 ? 178 PRO A CD  1 
ATOM   1161 N  N   . ASP A 1 163 ? -13.294 0.329   -7.200  1.00 20.92 ? 179 ASP A N   1 
ATOM   1162 C  CA  . ASP A 1 163 ? -14.268 -0.013  -6.165  1.00 20.27 ? 179 ASP A CA  1 
ATOM   1163 C  C   . ASP A 1 163 ? -13.823 -1.071  -5.149  1.00 20.75 ? 179 ASP A C   1 
ATOM   1164 O  O   . ASP A 1 163 ? -12.797 -1.727  -5.314  1.00 20.20 ? 179 ASP A O   1 
ATOM   1165 C  CB  . ASP A 1 163 ? -15.593 -0.410  -6.819  1.00 23.38 ? 179 ASP A CB  1 
ATOM   1166 C  CG  . ASP A 1 163 ? -16.181 0.710   -7.660  1.00 23.13 ? 179 ASP A CG  1 
ATOM   1167 O  OD1 . ASP A 1 163 ? -15.908 1.892   -7.358  1.00 21.07 ? 179 ASP A OD1 1 
ATOM   1168 O  OD2 . ASP A 1 163 ? -16.914 0.416   -8.622  1.00 25.22 ? 179 ASP A OD2 1 
ATOM   1169 N  N   . SER A 1 164 ? -14.617 -1.222  -4.095  1.00 21.10 ? 180 SER A N   1 
ATOM   1170 C  CA  . SER A 1 164 ? -14.332 -2.175  -3.028  1.00 22.40 ? 180 SER A CA  1 
ATOM   1171 C  C   . SER A 1 164 ? -14.292 -3.621  -3.517  1.00 26.03 ? 180 SER A C   1 
ATOM   1172 O  O   . SER A 1 164 ? -14.999 -3.992  -4.455  1.00 25.21 ? 180 SER A O   1 
ATOM   1173 C  CB  . SER A 1 164 ? -15.372 -2.033  -1.914  1.00 23.80 ? 180 SER A CB  1 
ATOM   1174 O  OG  . SER A 1 164 ? -15.406 -3.188  -1.097  1.00 26.75 ? 180 SER A OG  1 
ATOM   1175 N  N   . VAL A 1 165 ? -13.466 -4.438  -2.870  1.00 26.43 ? 181 VAL A N   1 
ATOM   1176 C  CA  . VAL A 1 165 ? -13.393 -5.859  -3.191  1.00 23.83 ? 181 VAL A CA  1 
ATOM   1177 C  C   . VAL A 1 165 ? -14.165 -6.687  -2.165  1.00 29.94 ? 181 VAL A C   1 
ATOM   1178 O  O   . VAL A 1 165 ? -14.113 -7.917  -2.181  1.00 31.16 ? 181 VAL A O   1 
ATOM   1179 C  CB  . VAL A 1 165 ? -11.939 -6.353  -3.245  1.00 26.14 ? 181 VAL A CB  1 
ATOM   1180 C  CG1 . VAL A 1 165 ? -11.212 -5.732  -4.428  1.00 25.38 ? 181 VAL A CG1 1 
ATOM   1181 C  CG2 . VAL A 1 165 ? -11.225 -6.034  -1.938  1.00 27.77 ? 181 VAL A CG2 1 
ATOM   1182 N  N   . LEU A 1 166 ? -14.879 -6.007  -1.277  1.00 27.72 ? 182 LEU A N   1 
ATOM   1183 C  CA  . LEU A 1 166 ? -15.645 -6.680  -0.235  1.00 34.28 ? 182 LEU A CA  1 
ATOM   1184 C  C   . LEU A 1 166 ? -17.136 -6.340  -0.303  1.00 36.21 ? 182 LEU A C   1 
ATOM   1185 O  O   . LEU A 1 166 ? -17.974 -7.083  0.210   1.00 40.98 ? 182 LEU A O   1 
ATOM   1186 C  CB  . LEU A 1 166 ? -15.084 -6.335  1.146   1.00 26.97 ? 182 LEU A CB  1 
ATOM   1187 C  CG  . LEU A 1 166 ? -13.694 -6.894  1.452   1.00 27.22 ? 182 LEU A CG  1 
ATOM   1188 C  CD1 . LEU A 1 166 ? -13.203 -6.417  2.809   1.00 25.98 ? 182 LEU A CD1 1 
ATOM   1189 C  CD2 . LEU A 1 166 ? -13.708 -8.414  1.395   1.00 31.67 ? 182 LEU A CD2 1 
ATOM   1190 N  N   . SER A 1 167 ? -17.460 -5.220  -0.938  1.00 31.31 ? 183 SER A N   1 
ATOM   1191 C  CA  . SER A 1 167 ? -18.846 -4.783  -1.053  1.00 31.78 ? 183 SER A CA  1 
ATOM   1192 C  C   . SER A 1 167 ? -19.092 -4.076  -2.380  1.00 39.61 ? 183 SER A C   1 
ATOM   1193 O  O   . SER A 1 167 ? -20.153 -3.485  -2.590  1.00 34.35 ? 183 SER A O   1 
ATOM   1194 C  CB  . SER A 1 167 ? -19.210 -3.852  0.103   1.00 27.78 ? 183 SER A CB  1 
ATOM   1195 O  OG  . SER A 1 167 ? -18.478 -2.642  0.027   1.00 27.89 ? 183 SER A OG  1 
HETATM 1196 MN MN  . MN  B 2 .   ? -5.987  6.999   6.548   1.00 30.76 ? 1   MN  A MN  1 
HETATM 1197 S  S   . SO4 C 3 .   ? -6.189  6.244   9.847   1.00 33.04 ? 188 SO4 A S   1 
HETATM 1198 O  O1  . SO4 C 3 .   ? -6.081  7.696   9.947   1.00 22.49 ? 188 SO4 A O1  1 
HETATM 1199 O  O2  . SO4 C 3 .   ? -7.445  5.827   10.466  1.00 34.99 ? 188 SO4 A O2  1 
HETATM 1200 O  O3  . SO4 C 3 .   ? -6.190  5.810   8.452   1.00 24.81 ? 188 SO4 A O3  1 
HETATM 1201 O  O4  . SO4 C 3 .   ? -5.057  5.625   10.530  1.00 26.26 ? 188 SO4 A O4  1 
HETATM 1202 S  S   . SO4 D 3 .   ? -12.728 -9.001  -12.258 1.00 23.98 ? 2   SO4 A S   1 
HETATM 1203 O  O1  . SO4 D 3 .   ? -13.427 -8.800  -10.995 1.00 26.68 ? 2   SO4 A O1  1 
HETATM 1204 O  O2  . SO4 D 3 .   ? -13.694 -9.201  -13.336 1.00 21.87 ? 2   SO4 A O2  1 
HETATM 1205 O  O3  . SO4 D 3 .   ? -11.894 -7.838  -12.541 1.00 27.25 ? 2   SO4 A O3  1 
HETATM 1206 O  O4  . SO4 D 3 .   ? -11.872 -10.179 -12.177 1.00 26.00 ? 2   SO4 A O4  1 
HETATM 1207 Y  Y   . YT3 E 4 .   ? 18.916  -5.898  12.896  0.50 69.91 ? 189 YT3 A Y   1 
HETATM 1208 Y  Y   . YT3 F 4 .   ? -10.850 -11.077 -9.983  1.00 31.88 ? 190 YT3 A Y   1 
HETATM 1209 O  O   . HOH G 5 .   ? 0.052   2.158   -14.625 1.00 23.31 ? 3   HOH A O   1 
HETATM 1210 O  O   . HOH G 5 .   ? 5.208   2.439   -9.120  1.00 21.63 ? 4   HOH A O   1 
HETATM 1211 O  O   . HOH G 5 .   ? 3.096   0.877   10.352  1.00 20.49 ? 5   HOH A O   1 
HETATM 1212 O  O   . HOH G 5 .   ? -7.021  -8.080  15.037  1.00 22.83 ? 6   HOH A O   1 
HETATM 1213 O  O   . HOH G 5 .   ? -1.616  2.063   -12.460 1.00 20.91 ? 7   HOH A O   1 
HETATM 1214 O  O   . HOH G 5 .   ? 1.493   8.635   -3.340  1.00 25.06 ? 8   HOH A O   1 
HETATM 1215 O  O   . HOH G 5 .   ? -1.896  4.407   -10.741 1.00 28.58 ? 9   HOH A O   1 
HETATM 1216 O  O   . HOH G 5 .   ? -13.599 5.915   0.448   1.00 35.58 ? 10  HOH A O   1 
HETATM 1217 O  O   . HOH G 5 .   ? -4.963  -4.247  -12.093 1.00 23.69 ? 11  HOH A O   1 
HETATM 1218 O  O   . HOH G 5 .   ? -3.079  -7.639  14.940  1.00 30.17 ? 12  HOH A O   1 
HETATM 1219 O  O   . HOH G 5 .   ? 1.965   -12.176 11.299  1.00 28.88 ? 13  HOH A O   1 
HETATM 1220 O  O   . HOH G 5 .   ? -9.626  4.198   -7.092  1.00 22.90 ? 14  HOH A O   1 
HETATM 1221 O  O   . HOH G 5 .   ? 10.405  -6.791  -5.479  1.00 30.53 ? 15  HOH A O   1 
HETATM 1222 O  O   . HOH G 5 .   ? 9.903   11.212  9.198   1.00 34.88 ? 16  HOH A O   1 
HETATM 1223 O  O   . HOH G 5 .   ? -6.315  3.825   -17.365 1.00 24.17 ? 191 HOH A O   1 
HETATM 1224 O  O   . HOH G 5 .   ? -16.993 0.063   -3.539  1.00 24.28 ? 192 HOH A O   1 
HETATM 1225 O  O   . HOH G 5 .   ? -10.742 0.505   -19.619 1.00 30.14 ? 193 HOH A O   1 
HETATM 1226 O  O   . HOH G 5 .   ? 3.041   1.972   15.171  1.00 29.36 ? 194 HOH A O   1 
HETATM 1227 O  O   . HOH G 5 .   ? 2.940   10.516  -4.528  1.00 20.68 ? 195 HOH A O   1 
HETATM 1228 O  O   . HOH G 5 .   ? -6.623  14.691  -2.050  1.00 47.81 ? 196 HOH A O   1 
HETATM 1229 O  O   . HOH G 5 .   ? 2.528   12.972  -3.431  1.00 23.83 ? 197 HOH A O   1 
HETATM 1230 O  O   . HOH G 5 .   ? 11.170  4.456   -10.511 1.00 26.46 ? 198 HOH A O   1 
HETATM 1231 O  O   . HOH G 5 .   ? -2.635  7.949   -10.797 1.00 29.66 ? 199 HOH A O   1 
HETATM 1232 O  O   . HOH G 5 .   ? 11.304  -11.155 15.153  1.00 46.35 ? 200 HOH A O   1 
HETATM 1233 O  O   . HOH G 5 .   ? -11.948 -9.039  10.397  1.00 34.03 ? 201 HOH A O   1 
HETATM 1234 O  O   . HOH G 5 .   ? -6.498  -8.285  3.632   1.00 29.24 ? 202 HOH A O   1 
HETATM 1235 O  O   . HOH G 5 .   ? -7.930  3.713   6.021   1.00 23.10 ? 203 HOH A O   1 
HETATM 1236 O  O   . HOH G 5 .   ? -8.687  4.212   8.578   1.00 24.52 ? 204 HOH A O   1 
HETATM 1237 O  O   . HOH G 5 .   ? 13.134  -11.748 9.338   1.00 47.37 ? 205 HOH A O   1 
HETATM 1238 O  O   . HOH G 5 .   ? -9.059  -7.374  3.530   1.00 33.93 ? 206 HOH A O   1 
HETATM 1239 O  O   . HOH G 5 .   ? -8.497  0.993   -20.907 1.00 31.41 ? 207 HOH A O   1 
HETATM 1240 O  O   . HOH G 5 .   ? -3.434  9.087   -8.342  1.00 38.13 ? 208 HOH A O   1 
HETATM 1241 O  O   . HOH G 5 .   ? 3.535   2.780   -6.984  1.00 20.33 ? 209 HOH A O   1 
HETATM 1242 O  O   . HOH G 5 .   ? -1.674  -4.480  16.240  1.00 26.90 ? 210 HOH A O   1 
HETATM 1243 O  O   . HOH G 5 .   ? 6.947   -11.629 -15.322 1.00 43.17 ? 211 HOH A O   1 
HETATM 1244 O  O   . HOH G 5 .   ? -7.802  -11.049 -3.389  1.00 32.82 ? 212 HOH A O   1 
HETATM 1245 O  O   . HOH G 5 .   ? -7.929  8.068   -6.315  1.00 34.67 ? 213 HOH A O   1 
HETATM 1246 O  O   . HOH G 5 .   ? 3.306   9.255   10.050  1.00 30.39 ? 214 HOH A O   1 
HETATM 1247 O  O   . HOH G 5 .   ? 14.959  -6.001  2.043   1.00 37.48 ? 215 HOH A O   1 
HETATM 1248 O  O   . HOH G 5 .   ? 15.213  -8.009  -4.192  1.00 49.27 ? 216 HOH A O   1 
HETATM 1249 O  O   . HOH G 5 .   ? 6.678   -13.264 9.395   1.00 49.26 ? 217 HOH A O   1 
HETATM 1250 O  O   . HOH G 5 .   ? 9.106   -12.295 -13.976 1.00 40.44 ? 218 HOH A O   1 
HETATM 1251 O  O   . HOH G 5 .   ? 2.581   -12.974 -2.630  1.00 31.97 ? 219 HOH A O   1 
HETATM 1252 O  O   . HOH G 5 .   ? -2.455  11.101  -11.844 1.00 43.49 ? 220 HOH A O   1 
HETATM 1253 O  O   . HOH G 5 .   ? -13.345 -5.457  10.947  1.00 33.35 ? 221 HOH A O   1 
HETATM 1254 O  O   . HOH G 5 .   ? -6.207  -12.152 1.674   1.00 39.80 ? 222 HOH A O   1 
HETATM 1255 O  O   . HOH G 5 .   ? -13.443 1.685   -14.000 1.00 27.17 ? 223 HOH A O   1 
HETATM 1256 O  O   . HOH G 5 .   ? 20.270  -0.844  11.739  1.00 44.43 ? 224 HOH A O   1 
HETATM 1257 O  O   . HOH G 5 .   ? 3.597   10.276  -7.741  1.00 30.62 ? 225 HOH A O   1 
HETATM 1258 O  O   . HOH G 5 .   ? 7.932   9.142   -10.775 1.00 28.25 ? 226 HOH A O   1 
HETATM 1259 O  O   . HOH G 5 .   ? -0.759  -5.960  -13.644 1.00 29.88 ? 227 HOH A O   1 
HETATM 1260 O  O   . HOH G 5 .   ? -1.405  -6.170  -10.887 1.00 25.32 ? 228 HOH A O   1 
HETATM 1261 O  O   . HOH G 5 .   ? -3.050  13.339  1.976   1.00 40.20 ? 229 HOH A O   1 
HETATM 1262 O  O   . HOH G 5 .   ? 13.708  12.531  2.243   1.00 26.93 ? 230 HOH A O   1 
HETATM 1263 O  O   . HOH G 5 .   ? -1.008  6.887   12.100  1.00 33.43 ? 231 HOH A O   1 
HETATM 1264 O  O   . HOH G 5 .   ? -7.297  -5.672  -12.721 1.00 20.95 ? 232 HOH A O   1 
HETATM 1265 O  O   . HOH G 5 .   ? -2.707  -12.320 -8.467  1.00 46.30 ? 233 HOH A O   1 
HETATM 1266 O  O   . HOH G 5 .   ? 5.801   -14.304 12.867  1.00 41.17 ? 234 HOH A O   1 
HETATM 1267 O  O   . HOH G 5 .   ? -11.463 -1.281  -15.996 1.00 27.76 ? 235 HOH A O   1 
HETATM 1268 O  O   . HOH G 5 .   ? 5.297   3.167   12.529  1.00 37.78 ? 236 HOH A O   1 
HETATM 1269 O  O   . HOH G 5 .   ? -16.237 -9.483  -11.708 1.00 26.64 ? 237 HOH A O   1 
HETATM 1270 O  O   . HOH G 5 .   ? -17.133 3.297   -9.418  1.00 28.47 ? 238 HOH A O   1 
HETATM 1271 O  O   . HOH G 5 .   ? -17.988 2.345   10.433  1.00 33.41 ? 239 HOH A O   1 
HETATM 1272 O  O   . HOH G 5 .   ? -16.203 10.130  3.137   1.00 46.19 ? 240 HOH A O   1 
HETATM 1273 O  O   . HOH G 5 .   ? -2.069  10.912  2.950   1.00 29.19 ? 241 HOH A O   1 
HETATM 1274 O  O   . HOH G 5 .   ? -16.886 11.501  9.447   1.00 50.41 ? 242 HOH A O   1 
HETATM 1275 O  O   . HOH G 5 .   ? -8.879  10.137  12.124  1.00 33.23 ? 243 HOH A O   1 
HETATM 1276 O  O   . HOH G 5 .   ? -6.538  12.848  5.748   1.00 42.18 ? 244 HOH A O   1 
HETATM 1277 O  O   . HOH G 5 .   ? 16.578  1.665   0.815   1.00 32.97 ? 245 HOH A O   1 
HETATM 1278 O  O   . HOH G 5 .   ? 12.364  -4.033  11.754  1.00 33.99 ? 246 HOH A O   1 
HETATM 1279 O  O   . HOH G 5 .   ? 12.464  -7.043  2.050   1.00 38.41 ? 247 HOH A O   1 
HETATM 1280 O  O   . HOH G 5 .   ? -18.001 -3.586  -5.931  1.00 37.89 ? 248 HOH A O   1 
HETATM 1281 O  O   . HOH G 5 .   ? -9.208  -8.881  -12.331 1.00 31.83 ? 249 HOH A O   1 
HETATM 1282 O  O   . HOH G 5 .   ? 10.030  -10.217 -11.741 1.00 45.06 ? 250 HOH A O   1 
HETATM 1283 O  O   . HOH G 5 .   ? -8.799  -11.255 10.140  1.00 47.11 ? 251 HOH A O   1 
HETATM 1284 O  O   . HOH G 5 .   ? 0.928   10.547  -11.408 1.00 26.35 ? 252 HOH A O   1 
HETATM 1285 O  O   . HOH G 5 .   ? 2.280   -8.476  17.456  1.00 38.04 ? 253 HOH A O   1 
HETATM 1286 O  O   . HOH G 5 .   ? -13.160 -10.365 -8.642  1.00 32.08 ? 254 HOH A O   1 
HETATM 1287 O  O   . HOH G 5 .   ? -7.871  -12.460 3.622   1.00 45.97 ? 255 HOH A O   1 
HETATM 1288 O  O   . HOH G 5 .   ? -19.276 1.515   -10.014 1.00 37.27 ? 256 HOH A O   1 
HETATM 1289 O  O   . HOH G 5 .   ? 0.563   -12.751 -11.065 1.00 49.92 ? 257 HOH A O   1 
HETATM 1290 O  O   . HOH G 5 .   ? 12.611  11.002  11.814  1.00 44.99 ? 258 HOH A O   1 
HETATM 1291 O  O   . HOH G 5 .   ? -8.622  11.369  9.677   1.00 48.65 ? 259 HOH A O   1 
HETATM 1292 O  O   . HOH G 5 .   ? -11.103 -9.765  -4.866  1.00 36.37 ? 260 HOH A O   1 
HETATM 1293 O  O   . HOH G 5 .   ? -1.137  -9.595  17.268  1.00 46.13 ? 261 HOH A O   1 
# 
loop_
_pdbx_poly_seq_scheme.asym_id 
_pdbx_poly_seq_scheme.entity_id 
_pdbx_poly_seq_scheme.seq_id 
_pdbx_poly_seq_scheme.mon_id 
_pdbx_poly_seq_scheme.ndb_seq_num 
_pdbx_poly_seq_scheme.pdb_seq_num 
_pdbx_poly_seq_scheme.auth_seq_num 
_pdbx_poly_seq_scheme.pdb_mon_id 
_pdbx_poly_seq_scheme.auth_mon_id 
_pdbx_poly_seq_scheme.pdb_strand_id 
_pdbx_poly_seq_scheme.pdb_ins_code 
_pdbx_poly_seq_scheme.hetero 
A 1 1   ARG 1   17  ?   ?   ?   A . n 
A 1 2   GLN 2   18  ?   ?   ?   A . n 
A 1 3   THR 3   19  ?   ?   ?   A . n 
A 1 4   PRO 4   20  ?   ?   ?   A . n 
A 1 5   GLU 5   21  ?   ?   ?   A . n 
A 1 6   PRO 6   22  ?   ?   ?   A . n 
A 1 7   SER 7   23  ?   ?   ?   A . n 
A 1 8   GLY 8   24  ?   ?   ?   A . n 
A 1 9   ARG 9   25  ?   ?   ?   A . n 
A 1 10  LYS 10  26  ?   ?   ?   A . n 
A 1 11  PRO 11  27  ?   ?   ?   A . n 
A 1 12  ARG 12  28  ?   ?   ?   A . n 
A 1 13  LYS 13  29  ?   ?   ?   A . n 
A 1 14  ASP 14  30  ?   ?   ?   A . n 
A 1 15  SER 15  31  ?   ?   ?   A . n 
A 1 16  THR 16  32  ?   ?   ?   A . n 
A 1 17  GLY 17  33  ?   ?   ?   A . n 
A 1 18  LEU 18  34  34  LEU LEU A . n 
A 1 19  LEU 19  35  35  LEU LEU A . n 
A 1 20  ARG 20  36  36  ARG ARG A . n 
A 1 21  TYR 21  37  37  TYR TYR A . n 
A 1 22  CYS 22  38  38  CYS CYS A . n 
A 1 23  VAL 23  39  39  VAL VAL A . n 
A 1 24  GLN 24  40  40  GLN GLN A . n 
A 1 25  LYS 25  41  41  LYS LYS A . n 
A 1 26  HIS 26  42  42  HIS HIS A . n 
A 1 27  ASP 27  43  43  ASP ASP A . n 
A 1 28  ALA 28  44  44  ALA ALA A . n 
A 1 29  SER 29  45  45  SER SER A . n 
A 1 30  ARG 30  46  46  ARG ARG A . n 
A 1 31  LEU 31  47  47  LEU LEU A . n 
A 1 32  HIS 32  48  48  HIS HIS A . n 
A 1 33  TYR 33  49  49  TYR TYR A . n 
A 1 34  ASP 34  50  50  ASP ASP A . n 
A 1 35  PHE 35  51  51  PHE PHE A . n 
A 1 36  ARG 36  52  52  ARG ARG A . n 
A 1 37  LEU 37  53  53  LEU LEU A . n 
A 1 38  GLU 38  54  54  GLU GLU A . n 
A 1 39  LEU 39  55  55  LEU LEU A . n 
A 1 40  ASP 40  56  56  ASP ASP A . n 
A 1 41  GLY 41  57  57  GLY GLY A . n 
A 1 42  THR 42  58  58  THR THR A . n 
A 1 43  LEU 43  59  59  LEU LEU A . n 
A 1 44  LYS 44  60  60  LYS LYS A . n 
A 1 45  SER 45  61  61  SER SER A . n 
A 1 46  TRP 46  62  62  TRP TRP A . n 
A 1 47  ALA 47  63  63  ALA ALA A . n 
A 1 48  VAL 48  64  64  VAL VAL A . n 
A 1 49  PRO 49  65  65  PRO PRO A . n 
A 1 50  LYS 50  66  66  LYS LYS A . n 
A 1 51  GLY 51  67  67  GLY GLY A . n 
A 1 52  PRO 52  68  68  PRO PRO A . n 
A 1 53  CYS 53  69  69  CYS CYS A . n 
A 1 54  LEU 54  70  70  LEU LEU A . n 
A 1 55  ASP 55  71  71  ASP ASP A . n 
A 1 56  PRO 56  72  72  PRO PRO A . n 
A 1 57  ALA 57  73  73  ALA ALA A . n 
A 1 58  VAL 58  74  74  VAL VAL A . n 
A 1 59  LYS 59  75  75  LYS LYS A . n 
A 1 60  ARG 60  76  76  ARG ARG A . n 
A 1 61  LEU 61  77  77  LEU LEU A . n 
A 1 62  ALA 62  78  78  ALA ALA A . n 
A 1 63  VAL 63  79  79  VAL VAL A . n 
A 1 64  GLN 64  80  80  GLN GLN A . n 
A 1 65  VAL 65  81  81  VAL VAL A . n 
A 1 66  GLU 66  82  82  GLU GLU A . n 
A 1 67  ASP 67  83  83  ASP ASP A . n 
A 1 68  HIS 68  84  84  HIS HIS A . n 
A 1 69  PRO 69  85  85  PRO PRO A . n 
A 1 70  LEU 70  86  86  LEU LEU A . n 
A 1 71  ASP 71  87  87  ASP ASP A . n 
A 1 72  TYR 72  88  88  TYR TYR A . n 
A 1 73  ALA 73  89  89  ALA ALA A . n 
A 1 74  ASP 74  90  90  ASP ASP A . n 
A 1 75  PHE 75  91  91  PHE PHE A . n 
A 1 76  GLU 76  92  92  GLU GLU A . n 
A 1 77  GLY 77  93  93  GLY GLY A . n 
A 1 78  SER 78  94  94  SER SER A . n 
A 1 79  ILE 79  95  95  ILE ILE A . n 
A 1 80  PRO 80  96  96  PRO PRO A . n 
A 1 81  GLN 81  97  97  GLN GLN A . n 
A 1 82  GLY 82  98  98  GLY GLY A . n 
A 1 83  HIS 83  99  99  HIS HIS A . n 
A 1 84  TYR 84  100 ?   ?   ?   A . n 
A 1 85  GLY 85  101 ?   ?   ?   A . n 
A 1 86  ALA 86  102 102 ALA ALA A . n 
A 1 87  GLY 87  103 103 GLY GLY A . n 
A 1 88  ASP 88  104 104 ASP ASP A . n 
A 1 89  VAL 89  105 105 VAL VAL A . n 
A 1 90  ILE 90  106 106 ILE ILE A . n 
A 1 91  VAL 91  107 107 VAL VAL A . n 
A 1 92  TRP 92  108 108 TRP TRP A . n 
A 1 93  ASP 93  109 109 ASP ASP A . n 
A 1 94  ARG 94  110 110 ARG ARG A . n 
A 1 95  GLY 95  111 111 GLY GLY A . n 
A 1 96  ALA 96  112 112 ALA ALA A . n 
A 1 97  TRP 97  113 113 TRP TRP A . n 
A 1 98  THR 98  114 114 THR THR A . n 
A 1 99  PRO 99  115 115 PRO PRO A . n 
A 1 100 LEU 100 116 116 LEU LEU A . n 
A 1 101 ASP 101 117 117 ASP ASP A . n 
A 1 102 ASP 102 118 118 ASP ASP A . n 
A 1 103 PRO 103 119 119 PRO PRO A . n 
A 1 104 ARG 104 120 120 ARG ARG A . n 
A 1 105 GLU 105 121 121 GLU GLU A . n 
A 1 106 GLY 106 122 122 GLY GLY A . n 
A 1 107 LEU 107 123 123 LEU LEU A . n 
A 1 108 GLU 108 124 124 GLU GLU A . n 
A 1 109 LYS 109 125 125 LYS LYS A . n 
A 1 110 GLY 110 126 126 GLY GLY A . n 
A 1 111 HIS 111 127 127 HIS HIS A . n 
A 1 112 LEU 112 128 128 LEU LEU A . n 
A 1 113 SER 113 129 129 SER SER A . n 
A 1 114 PHE 114 130 130 PHE PHE A . n 
A 1 115 ALA 115 131 131 ALA ALA A . n 
A 1 116 LEU 116 132 132 LEU LEU A . n 
A 1 117 ASP 117 133 133 ASP ASP A . n 
A 1 118 GLY 118 134 134 GLY GLY A . n 
A 1 119 GLU 119 135 135 GLU GLU A . n 
A 1 120 LYS 120 136 136 LYS LYS A . n 
A 1 121 LEU 121 137 137 LEU LEU A . n 
A 1 122 SER 122 138 138 SER SER A . n 
A 1 123 GLY 123 139 139 GLY GLY A . n 
A 1 124 ARG 124 140 140 ARG ARG A . n 
A 1 125 TRP 125 141 141 TRP TRP A . n 
A 1 126 HIS 126 142 142 HIS HIS A . n 
A 1 127 LEU 127 143 143 LEU LEU A . n 
A 1 128 ILE 128 144 144 ILE ILE A . n 
A 1 129 ARG 129 145 145 ARG ARG A . n 
A 1 130 THR 130 146 146 THR THR A . n 
A 1 131 ASN 131 147 147 ASN ASN A . n 
A 1 132 LEU 132 148 148 LEU LEU A . n 
A 1 133 ARG 133 149 149 ARG ARG A . n 
A 1 134 GLY 134 150 150 GLY GLY A . n 
A 1 135 LYS 135 151 151 LYS LYS A . n 
A 1 136 GLN 136 152 152 GLN GLN A . n 
A 1 137 SER 137 153 153 SER SER A . n 
A 1 138 GLN 138 154 154 GLN GLN A . n 
A 1 139 TRP 139 155 155 TRP TRP A . n 
A 1 140 PHE 140 156 156 PHE PHE A . n 
A 1 141 LEU 141 157 157 LEU LEU A . n 
A 1 142 VAL 142 158 158 VAL VAL A . n 
A 1 143 LYS 143 159 159 LYS LYS A . n 
A 1 144 ALA 144 160 160 ALA ALA A . n 
A 1 145 LYS 145 161 161 LYS LYS A . n 
A 1 146 ASP 146 162 162 ASP ASP A . n 
A 1 147 GLY 147 163 163 GLY GLY A . n 
A 1 148 GLU 148 164 164 GLU GLU A . n 
A 1 149 ALA 149 165 165 ALA ALA A . n 
A 1 150 ARG 150 166 166 ARG ARG A . n 
A 1 151 SER 151 167 167 SER SER A . n 
A 1 152 LEU 152 168 168 LEU LEU A . n 
A 1 153 ASP 153 169 169 ASP ASP A . n 
A 1 154 ARG 154 170 170 ARG ARG A . n 
A 1 155 PHE 155 171 171 PHE PHE A . n 
A 1 156 ASP 156 172 172 ASP ASP A . n 
A 1 157 VAL 157 173 173 VAL VAL A . n 
A 1 158 LEU 158 174 174 LEU LEU A . n 
A 1 159 LYS 159 175 175 LYS LYS A . n 
A 1 160 GLU 160 176 176 GLU GLU A . n 
A 1 161 ARG 161 177 177 ARG ARG A . n 
A 1 162 PRO 162 178 178 PRO PRO A . n 
A 1 163 ASP 163 179 179 ASP ASP A . n 
A 1 164 SER 164 180 180 SER SER A . n 
A 1 165 VAL 165 181 181 VAL VAL A . n 
A 1 166 LEU 166 182 182 LEU LEU A . n 
A 1 167 SER 167 183 183 SER SER A . n 
A 1 168 GLU 168 184 ?   ?   ?   A . n 
A 1 169 ARG 169 185 ?   ?   ?   A . n 
A 1 170 THR 170 186 ?   ?   ?   A . n 
A 1 171 LEU 171 187 ?   ?   ?   A . n 
# 
loop_
_pdbx_nonpoly_scheme.asym_id 
_pdbx_nonpoly_scheme.entity_id 
_pdbx_nonpoly_scheme.mon_id 
_pdbx_nonpoly_scheme.ndb_seq_num 
_pdbx_nonpoly_scheme.pdb_seq_num 
_pdbx_nonpoly_scheme.auth_seq_num 
_pdbx_nonpoly_scheme.pdb_mon_id 
_pdbx_nonpoly_scheme.auth_mon_id 
_pdbx_nonpoly_scheme.pdb_strand_id 
_pdbx_nonpoly_scheme.pdb_ins_code 
B 2 MN  1  1   1  MN  MN  A . 
C 3 SO4 1  188 1  SO4 SO4 A . 
D 3 SO4 1  2   2  SO4 SO4 A . 
E 4 YT3 1  189 1  YT3 YT3 A . 
F 4 YT3 1  190 2  YT3 YT3 A . 
G 5 HOH 1  3   3  HOH HOH A . 
G 5 HOH 2  4   4  HOH HOH A . 
G 5 HOH 3  5   5  HOH HOH A . 
G 5 HOH 4  6   6  HOH HOH A . 
G 5 HOH 5  7   7  HOH HOH A . 
G 5 HOH 6  8   8  HOH HOH A . 
G 5 HOH 7  9   9  HOH HOH A . 
G 5 HOH 8  10  10 HOH HOH A . 
G 5 HOH 9  11  11 HOH HOH A . 
G 5 HOH 10 12  12 HOH HOH A . 
G 5 HOH 11 13  13 HOH HOH A . 
G 5 HOH 12 14  14 HOH HOH A . 
G 5 HOH 13 15  15 HOH HOH A . 
G 5 HOH 14 16  16 HOH HOH A . 
G 5 HOH 15 191 1  HOH HOH A . 
G 5 HOH 16 192 2  HOH HOH A . 
G 5 HOH 17 193 17 HOH HOH A . 
G 5 HOH 18 194 18 HOH HOH A . 
G 5 HOH 19 195 19 HOH HOH A . 
G 5 HOH 20 196 20 HOH HOH A . 
G 5 HOH 21 197 21 HOH HOH A . 
G 5 HOH 22 198 22 HOH HOH A . 
G 5 HOH 23 199 23 HOH HOH A . 
G 5 HOH 24 200 24 HOH HOH A . 
G 5 HOH 25 201 25 HOH HOH A . 
G 5 HOH 26 202 26 HOH HOH A . 
G 5 HOH 27 203 27 HOH HOH A . 
G 5 HOH 28 204 28 HOH HOH A . 
G 5 HOH 29 205 29 HOH HOH A . 
G 5 HOH 30 206 30 HOH HOH A . 
G 5 HOH 31 207 31 HOH HOH A . 
G 5 HOH 32 208 32 HOH HOH A . 
G 5 HOH 33 209 33 HOH HOH A . 
G 5 HOH 34 210 34 HOH HOH A . 
G 5 HOH 35 211 35 HOH HOH A . 
G 5 HOH 36 212 36 HOH HOH A . 
G 5 HOH 37 213 37 HOH HOH A . 
G 5 HOH 38 214 38 HOH HOH A . 
G 5 HOH 39 215 39 HOH HOH A . 
G 5 HOH 40 216 40 HOH HOH A . 
G 5 HOH 41 217 41 HOH HOH A . 
G 5 HOH 42 218 42 HOH HOH A . 
G 5 HOH 43 219 43 HOH HOH A . 
G 5 HOH 44 220 44 HOH HOH A . 
G 5 HOH 45 221 45 HOH HOH A . 
G 5 HOH 46 222 46 HOH HOH A . 
G 5 HOH 47 223 47 HOH HOH A . 
G 5 HOH 48 224 48 HOH HOH A . 
G 5 HOH 49 225 49 HOH HOH A . 
G 5 HOH 50 226 50 HOH HOH A . 
G 5 HOH 51 227 51 HOH HOH A . 
G 5 HOH 52 228 52 HOH HOH A . 
G 5 HOH 53 229 53 HOH HOH A . 
G 5 HOH 54 230 54 HOH HOH A . 
G 5 HOH 55 231 55 HOH HOH A . 
G 5 HOH 56 232 56 HOH HOH A . 
G 5 HOH 57 233 57 HOH HOH A . 
G 5 HOH 58 234 58 HOH HOH A . 
G 5 HOH 59 235 59 HOH HOH A . 
G 5 HOH 60 236 60 HOH HOH A . 
G 5 HOH 61 237 61 HOH HOH A . 
G 5 HOH 62 238 62 HOH HOH A . 
G 5 HOH 63 239 63 HOH HOH A . 
G 5 HOH 64 240 64 HOH HOH A . 
G 5 HOH 65 241 65 HOH HOH A . 
G 5 HOH 66 242 66 HOH HOH A . 
G 5 HOH 67 243 67 HOH HOH A . 
G 5 HOH 68 244 68 HOH HOH A . 
G 5 HOH 69 245 69 HOH HOH A . 
G 5 HOH 70 246 70 HOH HOH A . 
G 5 HOH 71 247 71 HOH HOH A . 
G 5 HOH 72 248 72 HOH HOH A . 
G 5 HOH 73 249 73 HOH HOH A . 
G 5 HOH 74 250 74 HOH HOH A . 
G 5 HOH 75 251 75 HOH HOH A . 
G 5 HOH 76 252 76 HOH HOH A . 
G 5 HOH 77 253 77 HOH HOH A . 
G 5 HOH 78 254 78 HOH HOH A . 
G 5 HOH 79 255 79 HOH HOH A . 
G 5 HOH 80 256 80 HOH HOH A . 
G 5 HOH 81 257 81 HOH HOH A . 
G 5 HOH 82 258 82 HOH HOH A . 
G 5 HOH 83 259 83 HOH HOH A . 
G 5 HOH 84 260 84 HOH HOH A . 
G 5 HOH 85 261 85 HOH HOH A . 
# 
_pdbx_struct_assembly.id                   1 
_pdbx_struct_assembly.details              author_defined_assembly 
_pdbx_struct_assembly.method_details       ? 
_pdbx_struct_assembly.oligomeric_details   monomeric 
_pdbx_struct_assembly.oligomeric_count     1 
# 
_pdbx_struct_assembly_gen.assembly_id       1 
_pdbx_struct_assembly_gen.oper_expression   1 
_pdbx_struct_assembly_gen.asym_id_list      A,B,C,D,E,F,G 
# 
_pdbx_struct_oper_list.id                   1 
_pdbx_struct_oper_list.type                 'identity operation' 
_pdbx_struct_oper_list.name                 1_555 
_pdbx_struct_oper_list.symmetry_operation   x,y,z 
_pdbx_struct_oper_list.matrix[1][1]         1.0000000000 
_pdbx_struct_oper_list.matrix[1][2]         0.0000000000 
_pdbx_struct_oper_list.matrix[1][3]         0.0000000000 
_pdbx_struct_oper_list.vector[1]            0.0000000000 
_pdbx_struct_oper_list.matrix[2][1]         0.0000000000 
_pdbx_struct_oper_list.matrix[2][2]         1.0000000000 
_pdbx_struct_oper_list.matrix[2][3]         0.0000000000 
_pdbx_struct_oper_list.vector[2]            0.0000000000 
_pdbx_struct_oper_list.matrix[3][1]         0.0000000000 
_pdbx_struct_oper_list.matrix[3][2]         0.0000000000 
_pdbx_struct_oper_list.matrix[3][3]         1.0000000000 
_pdbx_struct_oper_list.vector[3]            0.0000000000 
# 
_pdbx_struct_special_symmetry.id              1 
_pdbx_struct_special_symmetry.PDB_model_num   1 
_pdbx_struct_special_symmetry.auth_asym_id    A 
_pdbx_struct_special_symmetry.auth_comp_id    YT3 
_pdbx_struct_special_symmetry.auth_seq_id     189 
_pdbx_struct_special_symmetry.PDB_ins_code    ? 
_pdbx_struct_special_symmetry.label_asym_id   E 
_pdbx_struct_special_symmetry.label_comp_id   YT3 
_pdbx_struct_special_symmetry.label_seq_id    . 
# 
loop_
_pdbx_struct_conn_angle.id 
_pdbx_struct_conn_angle.ptnr1_label_atom_id 
_pdbx_struct_conn_angle.ptnr1_label_alt_id 
_pdbx_struct_conn_angle.ptnr1_label_asym_id 
_pdbx_struct_conn_angle.ptnr1_label_comp_id 
_pdbx_struct_conn_angle.ptnr1_label_seq_id 
_pdbx_struct_conn_angle.ptnr1_auth_atom_id 
_pdbx_struct_conn_angle.ptnr1_auth_asym_id 
_pdbx_struct_conn_angle.ptnr1_auth_comp_id 
_pdbx_struct_conn_angle.ptnr1_auth_seq_id 
_pdbx_struct_conn_angle.ptnr1_PDB_ins_code 
_pdbx_struct_conn_angle.ptnr1_symmetry 
_pdbx_struct_conn_angle.ptnr2_label_atom_id 
_pdbx_struct_conn_angle.ptnr2_label_alt_id 
_pdbx_struct_conn_angle.ptnr2_label_asym_id 
_pdbx_struct_conn_angle.ptnr2_label_comp_id 
_pdbx_struct_conn_angle.ptnr2_label_seq_id 
_pdbx_struct_conn_angle.ptnr2_auth_atom_id 
_pdbx_struct_conn_angle.ptnr2_auth_asym_id 
_pdbx_struct_conn_angle.ptnr2_auth_comp_id 
_pdbx_struct_conn_angle.ptnr2_auth_seq_id 
_pdbx_struct_conn_angle.ptnr2_PDB_ins_code 
_pdbx_struct_conn_angle.ptnr2_symmetry 
_pdbx_struct_conn_angle.ptnr3_label_atom_id 
_pdbx_struct_conn_angle.ptnr3_label_alt_id 
_pdbx_struct_conn_angle.ptnr3_label_asym_id 
_pdbx_struct_conn_angle.ptnr3_label_comp_id 
_pdbx_struct_conn_angle.ptnr3_label_seq_id 
_pdbx_struct_conn_angle.ptnr3_auth_atom_id 
_pdbx_struct_conn_angle.ptnr3_auth_asym_id 
_pdbx_struct_conn_angle.ptnr3_auth_comp_id 
_pdbx_struct_conn_angle.ptnr3_auth_seq_id 
_pdbx_struct_conn_angle.ptnr3_PDB_ins_code 
_pdbx_struct_conn_angle.ptnr3_symmetry 
_pdbx_struct_conn_angle.value 
_pdbx_struct_conn_angle.value_esd 
1  ND1 ? A HIS 26  ? A HIS 42  ? 1_555 MN ? B MN  . ? A MN  1   ? 1_555 NE2 ? A HIS 32  ? A HIS 48  ? 1_555 98.9  ? 
2  ND1 ? A HIS 26  ? A HIS 42  ? 1_555 MN ? B MN  . ? A MN  1   ? 1_555 OD2 ? A ASP 34  ? A ASP 50  ? 1_555 97.7  ? 
3  NE2 ? A HIS 32  ? A HIS 48  ? 1_555 MN ? B MN  . ? A MN  1   ? 1_555 OD2 ? A ASP 34  ? A ASP 50  ? 1_555 93.2  ? 
4  ND1 ? A HIS 26  ? A HIS 42  ? 1_555 MN ? B MN  . ? A MN  1   ? 1_555 O3  ? C SO4 .   ? A SO4 188 ? 1_555 86.9  ? 
5  NE2 ? A HIS 32  ? A HIS 48  ? 1_555 MN ? B MN  . ? A MN  1   ? 1_555 O3  ? C SO4 .   ? A SO4 188 ? 1_555 173.9 ? 
6  OD2 ? A ASP 34  ? A ASP 50  ? 1_555 MN ? B MN  . ? A MN  1   ? 1_555 O3  ? C SO4 .   ? A SO4 188 ? 1_555 84.0  ? 
7  O4  ? D SO4 .   ? A SO4 2   ? 1_555 Y  ? F YT3 . ? A YT3 190 ? 1_555 OE1 ? A GLU 119 ? A GLU 135 ? 1_555 87.7  ? 
8  O4  ? D SO4 .   ? A SO4 2   ? 1_555 Y  ? F YT3 . ? A YT3 190 ? 1_555 OE2 ? A GLU 119 ? A GLU 135 ? 1_555 136.1 ? 
9  OE1 ? A GLU 119 ? A GLU 135 ? 1_555 Y  ? F YT3 . ? A YT3 190 ? 1_555 OE2 ? A GLU 119 ? A GLU 135 ? 1_555 48.5  ? 
10 O4  ? D SO4 .   ? A SO4 2   ? 1_555 Y  ? F YT3 . ? A YT3 190 ? 1_555 O   ? G HOH .   ? A HOH 254 ? 1_555 89.5  ? 
11 OE1 ? A GLU 119 ? A GLU 135 ? 1_555 Y  ? F YT3 . ? A YT3 190 ? 1_555 O   ? G HOH .   ? A HOH 254 ? 1_555 75.6  ? 
12 OE2 ? A GLU 119 ? A GLU 135 ? 1_555 Y  ? F YT3 . ? A YT3 190 ? 1_555 O   ? G HOH .   ? A HOH 254 ? 1_555 82.4  ? 
13 OE2 ? A GLU 105 ? A GLU 121 ? 1_555 Y  ? E YT3 . ? A YT3 189 ? 1_555 OE1 ? A GLU 105 ? A GLU 121 ? 1_555 44.3  ? 
14 OE2 ? A GLU 105 ? A GLU 121 ? 1_555 Y  ? E YT3 . ? A YT3 189 ? 1_555 OE1 ? A GLU 108 ? A GLU 124 ? 1_555 75.0  ? 
15 OE1 ? A GLU 105 ? A GLU 121 ? 1_555 Y  ? E YT3 . ? A YT3 189 ? 1_555 OE1 ? A GLU 108 ? A GLU 124 ? 1_555 72.3  ? 
16 OE2 ? A GLU 105 ? A GLU 121 ? 1_555 Y  ? E YT3 . ? A YT3 189 ? 1_555 OE2 ? A GLU 108 ? A GLU 124 ? 1_555 103.3 ? 
17 OE1 ? A GLU 105 ? A GLU 121 ? 1_555 Y  ? E YT3 . ? A YT3 189 ? 1_555 OE2 ? A GLU 108 ? A GLU 124 ? 1_555 69.8  ? 
18 OE1 ? A GLU 108 ? A GLU 124 ? 1_555 Y  ? E YT3 . ? A YT3 189 ? 1_555 OE2 ? A GLU 108 ? A GLU 124 ? 1_555 47.4  ? 
# 
loop_
_pdbx_audit_revision_history.ordinal 
_pdbx_audit_revision_history.data_content_type 
_pdbx_audit_revision_history.major_revision 
_pdbx_audit_revision_history.minor_revision 
_pdbx_audit_revision_history.revision_date 
1 'Structure model' 1 0 2010-08-11 
2 'Structure model' 1 1 2011-07-13 
3 'Structure model' 1 2 2023-09-06 
# 
_pdbx_audit_revision_details.ordinal             1 
_pdbx_audit_revision_details.revision_ordinal    1 
_pdbx_audit_revision_details.data_content_type   'Structure model' 
_pdbx_audit_revision_details.provider            repository 
_pdbx_audit_revision_details.type                'Initial release' 
_pdbx_audit_revision_details.description         ? 
_pdbx_audit_revision_details.details             ? 
# 
loop_
_pdbx_audit_revision_group.ordinal 
_pdbx_audit_revision_group.revision_ordinal 
_pdbx_audit_revision_group.data_content_type 
_pdbx_audit_revision_group.group 
1 2 'Structure model' 'Version format compliance' 
2 3 'Structure model' 'Data collection'           
3 3 'Structure model' 'Database references'       
4 3 'Structure model' 'Derived calculations'      
5 3 'Structure model' 'Refinement description'    
# 
loop_
_pdbx_audit_revision_category.ordinal 
_pdbx_audit_revision_category.revision_ordinal 
_pdbx_audit_revision_category.data_content_type 
_pdbx_audit_revision_category.category 
1 3 'Structure model' chem_comp_atom                
2 3 'Structure model' chem_comp_bond                
3 3 'Structure model' database_2                    
4 3 'Structure model' pdbx_initial_refinement_model 
5 3 'Structure model' pdbx_struct_conn_angle        
6 3 'Structure model' struct_conn                   
7 3 'Structure model' struct_site                   
# 
loop_
_pdbx_audit_revision_item.ordinal 
_pdbx_audit_revision_item.revision_ordinal 
_pdbx_audit_revision_item.data_content_type 
_pdbx_audit_revision_item.item 
1  3 'Structure model' '_database_2.pdbx_DOI'                        
2  3 'Structure model' '_database_2.pdbx_database_accession'         
3  3 'Structure model' '_pdbx_struct_conn_angle.ptnr1_auth_comp_id'  
4  3 'Structure model' '_pdbx_struct_conn_angle.ptnr1_auth_seq_id'   
5  3 'Structure model' '_pdbx_struct_conn_angle.ptnr1_label_asym_id' 
6  3 'Structure model' '_pdbx_struct_conn_angle.ptnr1_label_atom_id' 
7  3 'Structure model' '_pdbx_struct_conn_angle.ptnr1_label_comp_id' 
8  3 'Structure model' '_pdbx_struct_conn_angle.ptnr1_label_seq_id'  
9  3 'Structure model' '_pdbx_struct_conn_angle.ptnr3_auth_comp_id'  
10 3 'Structure model' '_pdbx_struct_conn_angle.ptnr3_auth_seq_id'   
11 3 'Structure model' '_pdbx_struct_conn_angle.ptnr3_label_asym_id' 
12 3 'Structure model' '_pdbx_struct_conn_angle.ptnr3_label_atom_id' 
13 3 'Structure model' '_pdbx_struct_conn_angle.ptnr3_label_comp_id' 
14 3 'Structure model' '_pdbx_struct_conn_angle.ptnr3_label_seq_id'  
15 3 'Structure model' '_pdbx_struct_conn_angle.value'               
16 3 'Structure model' '_struct_conn.pdbx_dist_value'                
17 3 'Structure model' '_struct_conn.ptnr1_auth_comp_id'             
18 3 'Structure model' '_struct_conn.ptnr1_auth_seq_id'              
19 3 'Structure model' '_struct_conn.ptnr1_label_asym_id'            
20 3 'Structure model' '_struct_conn.ptnr1_label_atom_id'            
21 3 'Structure model' '_struct_conn.ptnr1_label_comp_id'            
22 3 'Structure model' '_struct_conn.ptnr1_label_seq_id'             
23 3 'Structure model' '_struct_conn.ptnr2_auth_comp_id'             
24 3 'Structure model' '_struct_conn.ptnr2_auth_seq_id'              
25 3 'Structure model' '_struct_conn.ptnr2_label_asym_id'            
26 3 'Structure model' '_struct_conn.ptnr2_label_atom_id'            
27 3 'Structure model' '_struct_conn.ptnr2_label_comp_id'            
28 3 'Structure model' '_struct_conn.ptnr2_label_seq_id'             
29 3 'Structure model' '_struct_site.pdbx_auth_asym_id'              
30 3 'Structure model' '_struct_site.pdbx_auth_comp_id'              
31 3 'Structure model' '_struct_site.pdbx_auth_seq_id'               
# 
loop_
_software.name 
_software.classification 
_software.version 
_software.citation_id 
_software.pdbx_ordinal 
HKL-2000  'data collection' .                          ? 1 
PHASER    phasing           .                          ? 2 
PHENIX    refinement        '(phenix.refine: 1.6_289)' ? 3 
HKL-2000  'data reduction'  .                          ? 4 
SCALEPACK 'data scaling'    .                          ? 5 
# 
loop_
_pdbx_validate_torsion.id 
_pdbx_validate_torsion.PDB_model_num 
_pdbx_validate_torsion.auth_comp_id 
_pdbx_validate_torsion.auth_asym_id 
_pdbx_validate_torsion.auth_seq_id 
_pdbx_validate_torsion.PDB_ins_code 
_pdbx_validate_torsion.label_alt_id 
_pdbx_validate_torsion.phi 
_pdbx_validate_torsion.psi 
1 1 VAL A 81  ? ? -128.92 -166.42 
2 1 LYS A 151 ? ? -146.41 31.22   
# 
loop_
_pdbx_unobs_or_zero_occ_atoms.id 
_pdbx_unobs_or_zero_occ_atoms.PDB_model_num 
_pdbx_unobs_or_zero_occ_atoms.polymer_flag 
_pdbx_unobs_or_zero_occ_atoms.occupancy_flag 
_pdbx_unobs_or_zero_occ_atoms.auth_asym_id 
_pdbx_unobs_or_zero_occ_atoms.auth_comp_id 
_pdbx_unobs_or_zero_occ_atoms.auth_seq_id 
_pdbx_unobs_or_zero_occ_atoms.PDB_ins_code 
_pdbx_unobs_or_zero_occ_atoms.auth_atom_id 
_pdbx_unobs_or_zero_occ_atoms.label_alt_id 
_pdbx_unobs_or_zero_occ_atoms.label_asym_id 
_pdbx_unobs_or_zero_occ_atoms.label_comp_id 
_pdbx_unobs_or_zero_occ_atoms.label_seq_id 
_pdbx_unobs_or_zero_occ_atoms.label_atom_id 
1 1 Y 1 A GLN 97 ? CG  ? A GLN 81 CG  
2 1 Y 1 A GLN 97 ? CD  ? A GLN 81 CD  
3 1 Y 1 A GLN 97 ? OE1 ? A GLN 81 OE1 
4 1 Y 1 A GLN 97 ? NE2 ? A GLN 81 NE2 
# 
loop_
_pdbx_unobs_or_zero_occ_residues.id 
_pdbx_unobs_or_zero_occ_residues.PDB_model_num 
_pdbx_unobs_or_zero_occ_residues.polymer_flag 
_pdbx_unobs_or_zero_occ_residues.occupancy_flag 
_pdbx_unobs_or_zero_occ_residues.auth_asym_id 
_pdbx_unobs_or_zero_occ_residues.auth_comp_id 
_pdbx_unobs_or_zero_occ_residues.auth_seq_id 
_pdbx_unobs_or_zero_occ_residues.PDB_ins_code 
_pdbx_unobs_or_zero_occ_residues.label_asym_id 
_pdbx_unobs_or_zero_occ_residues.label_comp_id 
_pdbx_unobs_or_zero_occ_residues.label_seq_id 
1  1 Y 1 A ARG 17  ? A ARG 1   
2  1 Y 1 A GLN 18  ? A GLN 2   
3  1 Y 1 A THR 19  ? A THR 3   
4  1 Y 1 A PRO 20  ? A PRO 4   
5  1 Y 1 A GLU 21  ? A GLU 5   
6  1 Y 1 A PRO 22  ? A PRO 6   
7  1 Y 1 A SER 23  ? A SER 7   
8  1 Y 1 A GLY 24  ? A GLY 8   
9  1 Y 1 A ARG 25  ? A ARG 9   
10 1 Y 1 A LYS 26  ? A LYS 10  
11 1 Y 1 A PRO 27  ? A PRO 11  
12 1 Y 1 A ARG 28  ? A ARG 12  
13 1 Y 1 A LYS 29  ? A LYS 13  
14 1 Y 1 A ASP 30  ? A ASP 14  
15 1 Y 1 A SER 31  ? A SER 15  
16 1 Y 1 A THR 32  ? A THR 16  
17 1 Y 1 A GLY 33  ? A GLY 17  
18 1 Y 1 A TYR 100 ? A TYR 84  
19 1 Y 1 A GLY 101 ? A GLY 85  
20 1 Y 1 A GLU 184 ? A GLU 168 
21 1 Y 1 A ARG 185 ? A ARG 169 
22 1 Y 1 A THR 186 ? A THR 170 
23 1 Y 1 A LEU 187 ? A LEU 171 
# 
loop_
_chem_comp_atom.comp_id 
_chem_comp_atom.atom_id 
_chem_comp_atom.type_symbol 
_chem_comp_atom.pdbx_aromatic_flag 
_chem_comp_atom.pdbx_stereo_config 
_chem_comp_atom.pdbx_ordinal 
ALA N    N  N N 1   
ALA CA   C  N S 2   
ALA C    C  N N 3   
ALA O    O  N N 4   
ALA CB   C  N N 5   
ALA OXT  O  N N 6   
ALA H    H  N N 7   
ALA H2   H  N N 8   
ALA HA   H  N N 9   
ALA HB1  H  N N 10  
ALA HB2  H  N N 11  
ALA HB3  H  N N 12  
ALA HXT  H  N N 13  
ARG N    N  N N 14  
ARG CA   C  N S 15  
ARG C    C  N N 16  
ARG O    O  N N 17  
ARG CB   C  N N 18  
ARG CG   C  N N 19  
ARG CD   C  N N 20  
ARG NE   N  N N 21  
ARG CZ   C  N N 22  
ARG NH1  N  N N 23  
ARG NH2  N  N N 24  
ARG OXT  O  N N 25  
ARG H    H  N N 26  
ARG H2   H  N N 27  
ARG HA   H  N N 28  
ARG HB2  H  N N 29  
ARG HB3  H  N N 30  
ARG HG2  H  N N 31  
ARG HG3  H  N N 32  
ARG HD2  H  N N 33  
ARG HD3  H  N N 34  
ARG HE   H  N N 35  
ARG HH11 H  N N 36  
ARG HH12 H  N N 37  
ARG HH21 H  N N 38  
ARG HH22 H  N N 39  
ARG HXT  H  N N 40  
ASN N    N  N N 41  
ASN CA   C  N S 42  
ASN C    C  N N 43  
ASN O    O  N N 44  
ASN CB   C  N N 45  
ASN CG   C  N N 46  
ASN OD1  O  N N 47  
ASN ND2  N  N N 48  
ASN OXT  O  N N 49  
ASN H    H  N N 50  
ASN H2   H  N N 51  
ASN HA   H  N N 52  
ASN HB2  H  N N 53  
ASN HB3  H  N N 54  
ASN HD21 H  N N 55  
ASN HD22 H  N N 56  
ASN HXT  H  N N 57  
ASP N    N  N N 58  
ASP CA   C  N S 59  
ASP C    C  N N 60  
ASP O    O  N N 61  
ASP CB   C  N N 62  
ASP CG   C  N N 63  
ASP OD1  O  N N 64  
ASP OD2  O  N N 65  
ASP OXT  O  N N 66  
ASP H    H  N N 67  
ASP H2   H  N N 68  
ASP HA   H  N N 69  
ASP HB2  H  N N 70  
ASP HB3  H  N N 71  
ASP HD2  H  N N 72  
ASP HXT  H  N N 73  
CYS N    N  N N 74  
CYS CA   C  N R 75  
CYS C    C  N N 76  
CYS O    O  N N 77  
CYS CB   C  N N 78  
CYS SG   S  N N 79  
CYS OXT  O  N N 80  
CYS H    H  N N 81  
CYS H2   H  N N 82  
CYS HA   H  N N 83  
CYS HB2  H  N N 84  
CYS HB3  H  N N 85  
CYS HG   H  N N 86  
CYS HXT  H  N N 87  
GLN N    N  N N 88  
GLN CA   C  N S 89  
GLN C    C  N N 90  
GLN O    O  N N 91  
GLN CB   C  N N 92  
GLN CG   C  N N 93  
GLN CD   C  N N 94  
GLN OE1  O  N N 95  
GLN NE2  N  N N 96  
GLN OXT  O  N N 97  
GLN H    H  N N 98  
GLN H2   H  N N 99  
GLN HA   H  N N 100 
GLN HB2  H  N N 101 
GLN HB3  H  N N 102 
GLN HG2  H  N N 103 
GLN HG3  H  N N 104 
GLN HE21 H  N N 105 
GLN HE22 H  N N 106 
GLN HXT  H  N N 107 
GLU N    N  N N 108 
GLU CA   C  N S 109 
GLU C    C  N N 110 
GLU O    O  N N 111 
GLU CB   C  N N 112 
GLU CG   C  N N 113 
GLU CD   C  N N 114 
GLU OE1  O  N N 115 
GLU OE2  O  N N 116 
GLU OXT  O  N N 117 
GLU H    H  N N 118 
GLU H2   H  N N 119 
GLU HA   H  N N 120 
GLU HB2  H  N N 121 
GLU HB3  H  N N 122 
GLU HG2  H  N N 123 
GLU HG3  H  N N 124 
GLU HE2  H  N N 125 
GLU HXT  H  N N 126 
GLY N    N  N N 127 
GLY CA   C  N N 128 
GLY C    C  N N 129 
GLY O    O  N N 130 
GLY OXT  O  N N 131 
GLY H    H  N N 132 
GLY H2   H  N N 133 
GLY HA2  H  N N 134 
GLY HA3  H  N N 135 
GLY HXT  H  N N 136 
HIS N    N  N N 137 
HIS CA   C  N S 138 
HIS C    C  N N 139 
HIS O    O  N N 140 
HIS CB   C  N N 141 
HIS CG   C  Y N 142 
HIS ND1  N  Y N 143 
HIS CD2  C  Y N 144 
HIS CE1  C  Y N 145 
HIS NE2  N  Y N 146 
HIS OXT  O  N N 147 
HIS H    H  N N 148 
HIS H2   H  N N 149 
HIS HA   H  N N 150 
HIS HB2  H  N N 151 
HIS HB3  H  N N 152 
HIS HD1  H  N N 153 
HIS HD2  H  N N 154 
HIS HE1  H  N N 155 
HIS HE2  H  N N 156 
HIS HXT  H  N N 157 
HOH O    O  N N 158 
HOH H1   H  N N 159 
HOH H2   H  N N 160 
ILE N    N  N N 161 
ILE CA   C  N S 162 
ILE C    C  N N 163 
ILE O    O  N N 164 
ILE CB   C  N S 165 
ILE CG1  C  N N 166 
ILE CG2  C  N N 167 
ILE CD1  C  N N 168 
ILE OXT  O  N N 169 
ILE H    H  N N 170 
ILE H2   H  N N 171 
ILE HA   H  N N 172 
ILE HB   H  N N 173 
ILE HG12 H  N N 174 
ILE HG13 H  N N 175 
ILE HG21 H  N N 176 
ILE HG22 H  N N 177 
ILE HG23 H  N N 178 
ILE HD11 H  N N 179 
ILE HD12 H  N N 180 
ILE HD13 H  N N 181 
ILE HXT  H  N N 182 
LEU N    N  N N 183 
LEU CA   C  N S 184 
LEU C    C  N N 185 
LEU O    O  N N 186 
LEU CB   C  N N 187 
LEU CG   C  N N 188 
LEU CD1  C  N N 189 
LEU CD2  C  N N 190 
LEU OXT  O  N N 191 
LEU H    H  N N 192 
LEU H2   H  N N 193 
LEU HA   H  N N 194 
LEU HB2  H  N N 195 
LEU HB3  H  N N 196 
LEU HG   H  N N 197 
LEU HD11 H  N N 198 
LEU HD12 H  N N 199 
LEU HD13 H  N N 200 
LEU HD21 H  N N 201 
LEU HD22 H  N N 202 
LEU HD23 H  N N 203 
LEU HXT  H  N N 204 
LYS N    N  N N 205 
LYS CA   C  N S 206 
LYS C    C  N N 207 
LYS O    O  N N 208 
LYS CB   C  N N 209 
LYS CG   C  N N 210 
LYS CD   C  N N 211 
LYS CE   C  N N 212 
LYS NZ   N  N N 213 
LYS OXT  O  N N 214 
LYS H    H  N N 215 
LYS H2   H  N N 216 
LYS HA   H  N N 217 
LYS HB2  H  N N 218 
LYS HB3  H  N N 219 
LYS HG2  H  N N 220 
LYS HG3  H  N N 221 
LYS HD2  H  N N 222 
LYS HD3  H  N N 223 
LYS HE2  H  N N 224 
LYS HE3  H  N N 225 
LYS HZ1  H  N N 226 
LYS HZ2  H  N N 227 
LYS HZ3  H  N N 228 
LYS HXT  H  N N 229 
MN  MN   MN N N 230 
PHE N    N  N N 231 
PHE CA   C  N S 232 
PHE C    C  N N 233 
PHE O    O  N N 234 
PHE CB   C  N N 235 
PHE CG   C  Y N 236 
PHE CD1  C  Y N 237 
PHE CD2  C  Y N 238 
PHE CE1  C  Y N 239 
PHE CE2  C  Y N 240 
PHE CZ   C  Y N 241 
PHE OXT  O  N N 242 
PHE H    H  N N 243 
PHE H2   H  N N 244 
PHE HA   H  N N 245 
PHE HB2  H  N N 246 
PHE HB3  H  N N 247 
PHE HD1  H  N N 248 
PHE HD2  H  N N 249 
PHE HE1  H  N N 250 
PHE HE2  H  N N 251 
PHE HZ   H  N N 252 
PHE HXT  H  N N 253 
PRO N    N  N N 254 
PRO CA   C  N S 255 
PRO C    C  N N 256 
PRO O    O  N N 257 
PRO CB   C  N N 258 
PRO CG   C  N N 259 
PRO CD   C  N N 260 
PRO OXT  O  N N 261 
PRO H    H  N N 262 
PRO HA   H  N N 263 
PRO HB2  H  N N 264 
PRO HB3  H  N N 265 
PRO HG2  H  N N 266 
PRO HG3  H  N N 267 
PRO HD2  H  N N 268 
PRO HD3  H  N N 269 
PRO HXT  H  N N 270 
SER N    N  N N 271 
SER CA   C  N S 272 
SER C    C  N N 273 
SER O    O  N N 274 
SER CB   C  N N 275 
SER OG   O  N N 276 
SER OXT  O  N N 277 
SER H    H  N N 278 
SER H2   H  N N 279 
SER HA   H  N N 280 
SER HB2  H  N N 281 
SER HB3  H  N N 282 
SER HG   H  N N 283 
SER HXT  H  N N 284 
SO4 S    S  N N 285 
SO4 O1   O  N N 286 
SO4 O2   O  N N 287 
SO4 O3   O  N N 288 
SO4 O4   O  N N 289 
THR N    N  N N 290 
THR CA   C  N S 291 
THR C    C  N N 292 
THR O    O  N N 293 
THR CB   C  N R 294 
THR OG1  O  N N 295 
THR CG2  C  N N 296 
THR OXT  O  N N 297 
THR H    H  N N 298 
THR H2   H  N N 299 
THR HA   H  N N 300 
THR HB   H  N N 301 
THR HG1  H  N N 302 
THR HG21 H  N N 303 
THR HG22 H  N N 304 
THR HG23 H  N N 305 
THR HXT  H  N N 306 
TRP N    N  N N 307 
TRP CA   C  N S 308 
TRP C    C  N N 309 
TRP O    O  N N 310 
TRP CB   C  N N 311 
TRP CG   C  Y N 312 
TRP CD1  C  Y N 313 
TRP CD2  C  Y N 314 
TRP NE1  N  Y N 315 
TRP CE2  C  Y N 316 
TRP CE3  C  Y N 317 
TRP CZ2  C  Y N 318 
TRP CZ3  C  Y N 319 
TRP CH2  C  Y N 320 
TRP OXT  O  N N 321 
TRP H    H  N N 322 
TRP H2   H  N N 323 
TRP HA   H  N N 324 
TRP HB2  H  N N 325 
TRP HB3  H  N N 326 
TRP HD1  H  N N 327 
TRP HE1  H  N N 328 
TRP HE3  H  N N 329 
TRP HZ2  H  N N 330 
TRP HZ3  H  N N 331 
TRP HH2  H  N N 332 
TRP HXT  H  N N 333 
TYR N    N  N N 334 
TYR CA   C  N S 335 
TYR C    C  N N 336 
TYR O    O  N N 337 
TYR CB   C  N N 338 
TYR CG   C  Y N 339 
TYR CD1  C  Y N 340 
TYR CD2  C  Y N 341 
TYR CE1  C  Y N 342 
TYR CE2  C  Y N 343 
TYR CZ   C  Y N 344 
TYR OH   O  N N 345 
TYR OXT  O  N N 346 
TYR H    H  N N 347 
TYR H2   H  N N 348 
TYR HA   H  N N 349 
TYR HB2  H  N N 350 
TYR HB3  H  N N 351 
TYR HD1  H  N N 352 
TYR HD2  H  N N 353 
TYR HE1  H  N N 354 
TYR HE2  H  N N 355 
TYR HH   H  N N 356 
TYR HXT  H  N N 357 
VAL N    N  N N 358 
VAL CA   C  N S 359 
VAL C    C  N N 360 
VAL O    O  N N 361 
VAL CB   C  N N 362 
VAL CG1  C  N N 363 
VAL CG2  C  N N 364 
VAL OXT  O  N N 365 
VAL H    H  N N 366 
VAL H2   H  N N 367 
VAL HA   H  N N 368 
VAL HB   H  N N 369 
VAL HG11 H  N N 370 
VAL HG12 H  N N 371 
VAL HG13 H  N N 372 
VAL HG21 H  N N 373 
VAL HG22 H  N N 374 
VAL HG23 H  N N 375 
VAL HXT  H  N N 376 
YT3 Y    Y  N N 377 
# 
loop_
_chem_comp_bond.comp_id 
_chem_comp_bond.atom_id_1 
_chem_comp_bond.atom_id_2 
_chem_comp_bond.value_order 
_chem_comp_bond.pdbx_aromatic_flag 
_chem_comp_bond.pdbx_stereo_config 
_chem_comp_bond.pdbx_ordinal 
ALA N   CA   sing N N 1   
ALA N   H    sing N N 2   
ALA N   H2   sing N N 3   
ALA CA  C    sing N N 4   
ALA CA  CB   sing N N 5   
ALA CA  HA   sing N N 6   
ALA C   O    doub N N 7   
ALA C   OXT  sing N N 8   
ALA CB  HB1  sing N N 9   
ALA CB  HB2  sing N N 10  
ALA CB  HB3  sing N N 11  
ALA OXT HXT  sing N N 12  
ARG N   CA   sing N N 13  
ARG N   H    sing N N 14  
ARG N   H2   sing N N 15  
ARG CA  C    sing N N 16  
ARG CA  CB   sing N N 17  
ARG CA  HA   sing N N 18  
ARG C   O    doub N N 19  
ARG C   OXT  sing N N 20  
ARG CB  CG   sing N N 21  
ARG CB  HB2  sing N N 22  
ARG CB  HB3  sing N N 23  
ARG CG  CD   sing N N 24  
ARG CG  HG2  sing N N 25  
ARG CG  HG3  sing N N 26  
ARG CD  NE   sing N N 27  
ARG CD  HD2  sing N N 28  
ARG CD  HD3  sing N N 29  
ARG NE  CZ   sing N N 30  
ARG NE  HE   sing N N 31  
ARG CZ  NH1  sing N N 32  
ARG CZ  NH2  doub N N 33  
ARG NH1 HH11 sing N N 34  
ARG NH1 HH12 sing N N 35  
ARG NH2 HH21 sing N N 36  
ARG NH2 HH22 sing N N 37  
ARG OXT HXT  sing N N 38  
ASN N   CA   sing N N 39  
ASN N   H    sing N N 40  
ASN N   H2   sing N N 41  
ASN CA  C    sing N N 42  
ASN CA  CB   sing N N 43  
ASN CA  HA   sing N N 44  
ASN C   O    doub N N 45  
ASN C   OXT  sing N N 46  
ASN CB  CG   sing N N 47  
ASN CB  HB2  sing N N 48  
ASN CB  HB3  sing N N 49  
ASN CG  OD1  doub N N 50  
ASN CG  ND2  sing N N 51  
ASN ND2 HD21 sing N N 52  
ASN ND2 HD22 sing N N 53  
ASN OXT HXT  sing N N 54  
ASP N   CA   sing N N 55  
ASP N   H    sing N N 56  
ASP N   H2   sing N N 57  
ASP CA  C    sing N N 58  
ASP CA  CB   sing N N 59  
ASP CA  HA   sing N N 60  
ASP C   O    doub N N 61  
ASP C   OXT  sing N N 62  
ASP CB  CG   sing N N 63  
ASP CB  HB2  sing N N 64  
ASP CB  HB3  sing N N 65  
ASP CG  OD1  doub N N 66  
ASP CG  OD2  sing N N 67  
ASP OD2 HD2  sing N N 68  
ASP OXT HXT  sing N N 69  
CYS N   CA   sing N N 70  
CYS N   H    sing N N 71  
CYS N   H2   sing N N 72  
CYS CA  C    sing N N 73  
CYS CA  CB   sing N N 74  
CYS CA  HA   sing N N 75  
CYS C   O    doub N N 76  
CYS C   OXT  sing N N 77  
CYS CB  SG   sing N N 78  
CYS CB  HB2  sing N N 79  
CYS CB  HB3  sing N N 80  
CYS SG  HG   sing N N 81  
CYS OXT HXT  sing N N 82  
GLN N   CA   sing N N 83  
GLN N   H    sing N N 84  
GLN N   H2   sing N N 85  
GLN CA  C    sing N N 86  
GLN CA  CB   sing N N 87  
GLN CA  HA   sing N N 88  
GLN C   O    doub N N 89  
GLN C   OXT  sing N N 90  
GLN CB  CG   sing N N 91  
GLN CB  HB2  sing N N 92  
GLN CB  HB3  sing N N 93  
GLN CG  CD   sing N N 94  
GLN CG  HG2  sing N N 95  
GLN CG  HG3  sing N N 96  
GLN CD  OE1  doub N N 97  
GLN CD  NE2  sing N N 98  
GLN NE2 HE21 sing N N 99  
GLN NE2 HE22 sing N N 100 
GLN OXT HXT  sing N N 101 
GLU N   CA   sing N N 102 
GLU N   H    sing N N 103 
GLU N   H2   sing N N 104 
GLU CA  C    sing N N 105 
GLU CA  CB   sing N N 106 
GLU CA  HA   sing N N 107 
GLU C   O    doub N N 108 
GLU C   OXT  sing N N 109 
GLU CB  CG   sing N N 110 
GLU CB  HB2  sing N N 111 
GLU CB  HB3  sing N N 112 
GLU CG  CD   sing N N 113 
GLU CG  HG2  sing N N 114 
GLU CG  HG3  sing N N 115 
GLU CD  OE1  doub N N 116 
GLU CD  OE2  sing N N 117 
GLU OE2 HE2  sing N N 118 
GLU OXT HXT  sing N N 119 
GLY N   CA   sing N N 120 
GLY N   H    sing N N 121 
GLY N   H2   sing N N 122 
GLY CA  C    sing N N 123 
GLY CA  HA2  sing N N 124 
GLY CA  HA3  sing N N 125 
GLY C   O    doub N N 126 
GLY C   OXT  sing N N 127 
GLY OXT HXT  sing N N 128 
HIS N   CA   sing N N 129 
HIS N   H    sing N N 130 
HIS N   H2   sing N N 131 
HIS CA  C    sing N N 132 
HIS CA  CB   sing N N 133 
HIS CA  HA   sing N N 134 
HIS C   O    doub N N 135 
HIS C   OXT  sing N N 136 
HIS CB  CG   sing N N 137 
HIS CB  HB2  sing N N 138 
HIS CB  HB3  sing N N 139 
HIS CG  ND1  sing Y N 140 
HIS CG  CD2  doub Y N 141 
HIS ND1 CE1  doub Y N 142 
HIS ND1 HD1  sing N N 143 
HIS CD2 NE2  sing Y N 144 
HIS CD2 HD2  sing N N 145 
HIS CE1 NE2  sing Y N 146 
HIS CE1 HE1  sing N N 147 
HIS NE2 HE2  sing N N 148 
HIS OXT HXT  sing N N 149 
HOH O   H1   sing N N 150 
HOH O   H2   sing N N 151 
ILE N   CA   sing N N 152 
ILE N   H    sing N N 153 
ILE N   H2   sing N N 154 
ILE CA  C    sing N N 155 
ILE CA  CB   sing N N 156 
ILE CA  HA   sing N N 157 
ILE C   O    doub N N 158 
ILE C   OXT  sing N N 159 
ILE CB  CG1  sing N N 160 
ILE CB  CG2  sing N N 161 
ILE CB  HB   sing N N 162 
ILE CG1 CD1  sing N N 163 
ILE CG1 HG12 sing N N 164 
ILE CG1 HG13 sing N N 165 
ILE CG2 HG21 sing N N 166 
ILE CG2 HG22 sing N N 167 
ILE CG2 HG23 sing N N 168 
ILE CD1 HD11 sing N N 169 
ILE CD1 HD12 sing N N 170 
ILE CD1 HD13 sing N N 171 
ILE OXT HXT  sing N N 172 
LEU N   CA   sing N N 173 
LEU N   H    sing N N 174 
LEU N   H2   sing N N 175 
LEU CA  C    sing N N 176 
LEU CA  CB   sing N N 177 
LEU CA  HA   sing N N 178 
LEU C   O    doub N N 179 
LEU C   OXT  sing N N 180 
LEU CB  CG   sing N N 181 
LEU CB  HB2  sing N N 182 
LEU CB  HB3  sing N N 183 
LEU CG  CD1  sing N N 184 
LEU CG  CD2  sing N N 185 
LEU CG  HG   sing N N 186 
LEU CD1 HD11 sing N N 187 
LEU CD1 HD12 sing N N 188 
LEU CD1 HD13 sing N N 189 
LEU CD2 HD21 sing N N 190 
LEU CD2 HD22 sing N N 191 
LEU CD2 HD23 sing N N 192 
LEU OXT HXT  sing N N 193 
LYS N   CA   sing N N 194 
LYS N   H    sing N N 195 
LYS N   H2   sing N N 196 
LYS CA  C    sing N N 197 
LYS CA  CB   sing N N 198 
LYS CA  HA   sing N N 199 
LYS C   O    doub N N 200 
LYS C   OXT  sing N N 201 
LYS CB  CG   sing N N 202 
LYS CB  HB2  sing N N 203 
LYS CB  HB3  sing N N 204 
LYS CG  CD   sing N N 205 
LYS CG  HG2  sing N N 206 
LYS CG  HG3  sing N N 207 
LYS CD  CE   sing N N 208 
LYS CD  HD2  sing N N 209 
LYS CD  HD3  sing N N 210 
LYS CE  NZ   sing N N 211 
LYS CE  HE2  sing N N 212 
LYS CE  HE3  sing N N 213 
LYS NZ  HZ1  sing N N 214 
LYS NZ  HZ2  sing N N 215 
LYS NZ  HZ3  sing N N 216 
LYS OXT HXT  sing N N 217 
PHE N   CA   sing N N 218 
PHE N   H    sing N N 219 
PHE N   H2   sing N N 220 
PHE CA  C    sing N N 221 
PHE CA  CB   sing N N 222 
PHE CA  HA   sing N N 223 
PHE C   O    doub N N 224 
PHE C   OXT  sing N N 225 
PHE CB  CG   sing N N 226 
PHE CB  HB2  sing N N 227 
PHE CB  HB3  sing N N 228 
PHE CG  CD1  doub Y N 229 
PHE CG  CD2  sing Y N 230 
PHE CD1 CE1  sing Y N 231 
PHE CD1 HD1  sing N N 232 
PHE CD2 CE2  doub Y N 233 
PHE CD2 HD2  sing N N 234 
PHE CE1 CZ   doub Y N 235 
PHE CE1 HE1  sing N N 236 
PHE CE2 CZ   sing Y N 237 
PHE CE2 HE2  sing N N 238 
PHE CZ  HZ   sing N N 239 
PHE OXT HXT  sing N N 240 
PRO N   CA   sing N N 241 
PRO N   CD   sing N N 242 
PRO N   H    sing N N 243 
PRO CA  C    sing N N 244 
PRO CA  CB   sing N N 245 
PRO CA  HA   sing N N 246 
PRO C   O    doub N N 247 
PRO C   OXT  sing N N 248 
PRO CB  CG   sing N N 249 
PRO CB  HB2  sing N N 250 
PRO CB  HB3  sing N N 251 
PRO CG  CD   sing N N 252 
PRO CG  HG2  sing N N 253 
PRO CG  HG3  sing N N 254 
PRO CD  HD2  sing N N 255 
PRO CD  HD3  sing N N 256 
PRO OXT HXT  sing N N 257 
SER N   CA   sing N N 258 
SER N   H    sing N N 259 
SER N   H2   sing N N 260 
SER CA  C    sing N N 261 
SER CA  CB   sing N N 262 
SER CA  HA   sing N N 263 
SER C   O    doub N N 264 
SER C   OXT  sing N N 265 
SER CB  OG   sing N N 266 
SER CB  HB2  sing N N 267 
SER CB  HB3  sing N N 268 
SER OG  HG   sing N N 269 
SER OXT HXT  sing N N 270 
SO4 S   O1   doub N N 271 
SO4 S   O2   doub N N 272 
SO4 S   O3   sing N N 273 
SO4 S   O4   sing N N 274 
THR N   CA   sing N N 275 
THR N   H    sing N N 276 
THR N   H2   sing N N 277 
THR CA  C    sing N N 278 
THR CA  CB   sing N N 279 
THR CA  HA   sing N N 280 
THR C   O    doub N N 281 
THR C   OXT  sing N N 282 
THR CB  OG1  sing N N 283 
THR CB  CG2  sing N N 284 
THR CB  HB   sing N N 285 
THR OG1 HG1  sing N N 286 
THR CG2 HG21 sing N N 287 
THR CG2 HG22 sing N N 288 
THR CG2 HG23 sing N N 289 
THR OXT HXT  sing N N 290 
TRP N   CA   sing N N 291 
TRP N   H    sing N N 292 
TRP N   H2   sing N N 293 
TRP CA  C    sing N N 294 
TRP CA  CB   sing N N 295 
TRP CA  HA   sing N N 296 
TRP C   O    doub N N 297 
TRP C   OXT  sing N N 298 
TRP CB  CG   sing N N 299 
TRP CB  HB2  sing N N 300 
TRP CB  HB3  sing N N 301 
TRP CG  CD1  doub Y N 302 
TRP CG  CD2  sing Y N 303 
TRP CD1 NE1  sing Y N 304 
TRP CD1 HD1  sing N N 305 
TRP CD2 CE2  doub Y N 306 
TRP CD2 CE3  sing Y N 307 
TRP NE1 CE2  sing Y N 308 
TRP NE1 HE1  sing N N 309 
TRP CE2 CZ2  sing Y N 310 
TRP CE3 CZ3  doub Y N 311 
TRP CE3 HE3  sing N N 312 
TRP CZ2 CH2  doub Y N 313 
TRP CZ2 HZ2  sing N N 314 
TRP CZ3 CH2  sing Y N 315 
TRP CZ3 HZ3  sing N N 316 
TRP CH2 HH2  sing N N 317 
TRP OXT HXT  sing N N 318 
TYR N   CA   sing N N 319 
TYR N   H    sing N N 320 
TYR N   H2   sing N N 321 
TYR CA  C    sing N N 322 
TYR CA  CB   sing N N 323 
TYR CA  HA   sing N N 324 
TYR C   O    doub N N 325 
TYR C   OXT  sing N N 326 
TYR CB  CG   sing N N 327 
TYR CB  HB2  sing N N 328 
TYR CB  HB3  sing N N 329 
TYR CG  CD1  doub Y N 330 
TYR CG  CD2  sing Y N 331 
TYR CD1 CE1  sing Y N 332 
TYR CD1 HD1  sing N N 333 
TYR CD2 CE2  doub Y N 334 
TYR CD2 HD2  sing N N 335 
TYR CE1 CZ   doub Y N 336 
TYR CE1 HE1  sing N N 337 
TYR CE2 CZ   sing Y N 338 
TYR CE2 HE2  sing N N 339 
TYR CZ  OH   sing N N 340 
TYR OH  HH   sing N N 341 
TYR OXT HXT  sing N N 342 
VAL N   CA   sing N N 343 
VAL N   H    sing N N 344 
VAL N   H2   sing N N 345 
VAL CA  C    sing N N 346 
VAL CA  CB   sing N N 347 
VAL CA  HA   sing N N 348 
VAL C   O    doub N N 349 
VAL C   OXT  sing N N 350 
VAL CB  CG1  sing N N 351 
VAL CB  CG2  sing N N 352 
VAL CB  HB   sing N N 353 
VAL CG1 HG11 sing N N 354 
VAL CG1 HG12 sing N N 355 
VAL CG1 HG13 sing N N 356 
VAL CG2 HG21 sing N N 357 
VAL CG2 HG22 sing N N 358 
VAL CG2 HG23 sing N N 359 
VAL OXT HXT  sing N N 360 
# 
loop_
_pdbx_entity_nonpoly.entity_id 
_pdbx_entity_nonpoly.name 
_pdbx_entity_nonpoly.comp_id 
2 'MANGANESE (II) ION' MN  
3 'SULFATE ION'        SO4 
4 'YTTRIUM (III) ION'  YT3 
5 water                HOH 
# 
_pdbx_initial_refinement_model.id               1 
_pdbx_initial_refinement_model.entity_id_list   ? 
_pdbx_initial_refinement_model.type             'experimental model' 
_pdbx_initial_refinement_model.source_name      PDB 
_pdbx_initial_refinement_model.accession_code   3N9B 
_pdbx_initial_refinement_model.details          'chain A of PDB entry 3N9B' 
# 
